data_6LQ3
#
_entry.id   6LQ3
#
_cell.length_a   98.009
_cell.length_b   206.376
_cell.length_c   73.953
_cell.angle_alpha   90.000
_cell.angle_beta   90.000
_cell.angle_gamma   90.000
#
_symmetry.space_group_name_H-M   'P 21 21 2'
#
loop_
_entity.id
_entity.type
_entity.pdbx_description
1 polymer 'Acyl-CoA dehydrogenase'
2 non-polymer 'FLAVIN-ADENINE DINUCLEOTIDE'
3 non-polymer 'LAURIC ACID'
4 non-polymer 'COENZYME A'
5 water water
#
_entity_poly.entity_id   1
_entity_poly.type   'polypeptide(L)'
_entity_poly.pdbx_seq_one_letter_code
;MSHYKSNVRDQVFNLFEVFGVDKVLGADKFSDLDADTAREMLTEIARLAEGPIAESFVEGDRNPPVFDPETHTVTLPEGF
KKSMRALFDGGWDKVGLAEHLGGIPMPRALQWALIEHILGANPAAYMYAMGPGMSEIFYNNGTDEQKKWATIAAERGWGA
TMVLTEPDAGSDVGAGRTKAVQQPDGTWHIEGVKRFITSADSDDLFENIMHLVLARPEGAGPGTKGLSLFFVPKFHFDHE
TGEIGERNGVFVTNVEHKMGLKVSATCELSLGQHGIPAVGWLVGEVHNGIAQMFDVIEQARMMVGTKAIATLSTGYLNAL
EYAKERVQGADMTQMTDKTAPRVTITHHPDVRRSLMTQKAYAEGLRAIYLYTATFQDAEVAQAVHGVDGDLAARVNDLLL
PIVKGFGSETAYAKLTESLQTLGGSGFLQDYPIEQYIRDSKIDSLYAGTTAIQAQDFFFRKIIRDKGQALAYVAGEIEQF
IKNENGNGRLKTERELLATALADVQGMAASLTGYLMAAQEDAASIYKVGLGSVRFLMAVGDLLSGWLLARQAAVAIEKLD
AGATGADKSFYEGKIAAASFFAKNMLPLLTSTRQIIENLDNDVMELDEAAF
;
_entity_poly.pdbx_strand_id   A,B
#
loop_
_chem_comp.id
_chem_comp.type
_chem_comp.name
_chem_comp.formula
COA non-polymer 'COENZYME A' 'C21 H36 N7 O16 P3 S'
DAO non-polymer 'LAURIC ACID' 'C12 H24 O2'
FAD non-polymer 'FLAVIN-ADENINE DINUCLEOTIDE' 'C27 H33 N9 O15 P2'
#
# COMPACT_ATOMS: atom_id res chain seq x y z
N MET A 1 6.11 -11.39 24.11
CA MET A 1 6.22 -12.44 23.06
C MET A 1 6.58 -11.86 21.66
N SER A 2 6.26 -12.68 20.66
CA SER A 2 6.69 -12.47 19.27
C SER A 2 5.99 -11.28 18.61
N HIS A 3 6.40 -11.02 17.36
CA HIS A 3 5.56 -10.25 16.46
C HIS A 3 4.39 -11.09 15.95
N TYR A 4 4.57 -12.40 15.86
CA TYR A 4 3.61 -13.25 15.17
C TYR A 4 2.48 -13.66 16.11
N LYS A 5 1.24 -13.34 15.74
CA LYS A 5 0.10 -13.74 16.54
C LYS A 5 -0.76 -14.69 15.72
N SER A 6 -0.91 -15.91 16.24
CA SER A 6 -1.50 -17.05 15.56
C SER A 6 -3.02 -17.00 15.70
N ASN A 7 -3.68 -17.87 14.95
CA ASN A 7 -5.12 -18.04 15.09
C ASN A 7 -5.49 -19.50 14.81
N VAL A 8 -4.96 -20.40 15.62
CA VAL A 8 -5.36 -21.81 15.53
C VAL A 8 -6.88 -21.93 15.67
N ARG A 9 -7.47 -21.15 16.56
CA ARG A 9 -8.91 -21.26 16.83
C ARG A 9 -9.71 -21.12 15.54
N ASP A 10 -9.37 -20.12 14.71
CA ASP A 10 -10.13 -19.90 13.48
C ASP A 10 -9.84 -20.99 12.46
N GLN A 11 -8.61 -21.52 12.45
CA GLN A 11 -8.29 -22.59 11.52
C GLN A 11 -9.12 -23.84 11.79
N VAL A 12 -9.15 -24.28 13.06
CA VAL A 12 -9.88 -25.48 13.41
C VAL A 12 -11.36 -25.31 13.17
N PHE A 13 -11.87 -24.11 13.45
CA PHE A 13 -13.26 -23.80 13.13
C PHE A 13 -13.55 -24.07 11.66
N ASN A 14 -12.70 -23.56 10.76
CA ASN A 14 -12.91 -23.76 9.33
C ASN A 14 -12.78 -25.24 8.99
N LEU A 15 -11.72 -25.89 9.46
CA LEU A 15 -11.46 -27.27 9.06
C LEU A 15 -12.55 -28.21 9.55
N PHE A 16 -13.09 -27.95 10.74
CA PHE A 16 -13.97 -28.91 11.41
C PHE A 16 -15.42 -28.44 11.41
N GLU A 17 -15.70 -27.25 11.96
CA GLU A 17 -17.09 -26.84 12.11
C GLU A 17 -17.70 -26.35 10.81
N VAL A 18 -16.91 -25.93 9.85
CA VAL A 18 -17.44 -25.41 8.58
C VAL A 18 -17.34 -26.43 7.45
N PHE A 19 -16.15 -26.95 7.20
CA PHE A 19 -15.92 -27.80 6.05
C PHE A 19 -15.90 -29.30 6.41
N GLY A 20 -15.84 -29.64 7.68
CA GLY A 20 -15.90 -31.04 8.08
C GLY A 20 -14.77 -31.91 7.58
N VAL A 21 -13.54 -31.38 7.55
CA VAL A 21 -12.42 -32.18 7.11
C VAL A 21 -12.15 -33.32 8.09
N ASP A 22 -12.50 -33.15 9.36
CA ASP A 22 -12.30 -34.23 10.33
C ASP A 22 -12.99 -35.51 9.90
N LYS A 23 -13.98 -35.44 9.00
CA LYS A 23 -14.74 -36.62 8.63
C LYS A 23 -13.95 -37.62 7.79
N VAL A 24 -12.79 -37.25 7.26
CA VAL A 24 -11.88 -38.21 6.65
C VAL A 24 -10.71 -38.57 7.55
N LEU A 25 -10.62 -37.96 8.72
CA LEU A 25 -9.51 -38.21 9.62
C LEU A 25 -9.74 -39.49 10.42
N GLY A 26 -8.63 -40.20 10.69
CA GLY A 26 -8.66 -41.40 11.47
C GLY A 26 -8.92 -42.68 10.69
N ALA A 27 -9.20 -42.57 9.39
CA ALA A 27 -9.54 -43.73 8.58
C ALA A 27 -8.78 -43.70 7.26
N ASP A 28 -8.45 -44.89 6.77
CA ASP A 28 -7.89 -45.11 5.44
C ASP A 28 -6.55 -44.39 5.32
N LYS A 29 -6.30 -43.65 4.23
CA LYS A 29 -5.02 -42.98 4.03
C LYS A 29 -4.59 -42.21 5.28
N PHE A 30 -5.54 -41.60 5.98
CA PHE A 30 -5.26 -40.82 7.18
C PHE A 30 -5.57 -41.58 8.46
N SER A 31 -5.42 -42.91 8.43
CA SER A 31 -5.84 -43.73 9.56
C SER A 31 -5.00 -43.45 10.81
N ASP A 32 -3.76 -42.98 10.64
CA ASP A 32 -2.86 -42.69 11.76
C ASP A 32 -2.95 -41.24 12.22
N LEU A 33 -4.09 -40.59 12.00
CA LEU A 33 -4.19 -39.16 12.22
C LEU A 33 -5.65 -38.80 12.48
N ASP A 34 -5.98 -38.49 13.73
CA ASP A 34 -7.36 -38.23 14.11
C ASP A 34 -7.53 -36.74 14.42
N ALA A 35 -8.77 -36.35 14.71
CA ALA A 35 -9.08 -34.94 14.94
C ALA A 35 -8.21 -34.36 16.04
N ASP A 36 -7.98 -35.10 17.11
CA ASP A 36 -7.19 -34.57 18.22
C ASP A 36 -5.73 -34.38 17.81
N THR A 37 -5.17 -35.33 17.08
CA THR A 37 -3.79 -35.21 16.62
C THR A 37 -3.63 -34.02 15.69
N ALA A 38 -4.59 -33.82 14.77
CA ALA A 38 -4.51 -32.70 13.85
C ALA A 38 -4.45 -31.38 14.62
N ARG A 39 -5.32 -31.22 15.61
CA ARG A 39 -5.35 -30.00 16.39
C ARG A 39 -4.06 -29.80 17.16
N GLU A 40 -3.55 -30.87 17.79
CA GLU A 40 -2.32 -30.73 18.56
C GLU A 40 -1.16 -30.35 17.67
N MET A 41 -1.16 -30.83 16.43
CA MET A 41 -0.12 -30.43 15.48
C MET A 41 -0.23 -28.94 15.18
N LEU A 42 -1.44 -28.46 14.90
CA LEU A 42 -1.64 -27.05 14.64
C LEU A 42 -1.19 -26.21 15.83
N THR A 43 -1.60 -26.59 17.04
CA THR A 43 -1.17 -25.88 18.24
C THR A 43 0.35 -25.92 18.35
N GLU A 44 0.97 -27.03 17.98
CA GLU A 44 2.41 -27.19 18.17
C GLU A 44 3.20 -26.29 17.22
N ILE A 45 2.88 -26.34 15.93
CA ILE A 45 3.62 -25.51 14.98
C ILE A 45 3.30 -24.04 15.15
N ALA A 46 2.12 -23.71 15.70
CA ALA A 46 1.82 -22.32 16.05
C ALA A 46 2.78 -21.82 17.11
N ARG A 47 3.10 -22.68 18.09
CA ARG A 47 4.03 -22.27 19.14
C ARG A 47 5.45 -22.17 18.60
N LEU A 48 5.83 -23.12 17.71
CA LEU A 48 7.12 -23.01 17.04
C LEU A 48 7.23 -21.73 16.24
N ALA A 49 6.15 -21.36 15.53
CA ALA A 49 6.17 -20.15 14.73
C ALA A 49 6.25 -18.92 15.61
N GLU A 50 5.48 -18.89 16.70
CA GLU A 50 5.49 -17.72 17.57
C GLU A 50 6.81 -17.58 18.32
N GLY A 51 7.51 -18.68 18.55
CA GLY A 51 8.77 -18.63 19.26
C GLY A 51 9.95 -18.56 18.33
N PRO A 52 10.63 -19.70 18.16
CA PRO A 52 11.90 -19.68 17.42
C PRO A 52 11.80 -19.16 15.98
N ILE A 53 10.71 -19.43 15.26
CA ILE A 53 10.65 -18.97 13.87
C ILE A 53 10.51 -17.46 13.80
N ALA A 54 9.55 -16.89 14.53
CA ALA A 54 9.34 -15.45 14.54
C ALA A 54 10.50 -14.68 15.17
N GLU A 55 11.35 -15.35 15.95
CA GLU A 55 12.38 -14.64 16.69
C GLU A 55 13.36 -13.93 15.78
N SER A 56 13.64 -14.47 14.60
CA SER A 56 14.58 -13.85 13.67
C SER A 56 13.87 -13.09 12.55
N PHE A 57 12.58 -12.82 12.71
CA PHE A 57 11.85 -12.02 11.74
C PHE A 57 12.51 -10.66 11.54
N VAL A 58 12.76 -9.94 12.63
CA VAL A 58 13.38 -8.62 12.52
C VAL A 58 14.83 -8.73 12.08
N GLU A 59 15.59 -9.68 12.65
CA GLU A 59 17.00 -9.77 12.31
C GLU A 59 17.20 -10.03 10.82
N GLY A 60 16.39 -10.93 10.24
CA GLY A 60 16.48 -11.16 8.81
C GLY A 60 16.31 -9.90 7.99
N ASP A 61 15.48 -8.96 8.49
CA ASP A 61 15.28 -7.70 7.78
C ASP A 61 16.41 -6.71 8.05
N ARG A 62 16.86 -6.61 9.30
CA ARG A 62 17.85 -5.60 9.67
C ARG A 62 19.28 -6.03 9.32
N ASN A 63 19.55 -7.34 9.29
CA ASN A 63 20.88 -7.89 9.08
C ASN A 63 20.80 -8.92 7.96
N PRO A 64 20.60 -8.46 6.73
CA PRO A 64 20.17 -9.37 5.65
C PRO A 64 21.33 -10.13 5.04
N PRO A 65 21.02 -11.07 4.13
CA PRO A 65 22.07 -11.88 3.52
C PRO A 65 23.07 -11.06 2.72
N VAL A 66 24.29 -11.59 2.64
CA VAL A 66 25.40 -10.94 1.95
C VAL A 66 25.95 -11.91 0.90
N PHE A 67 26.21 -11.38 -0.29
CA PHE A 67 26.81 -12.14 -1.37
C PHE A 67 28.32 -12.03 -1.29
N ASP A 68 29.00 -13.17 -1.33
CA ASP A 68 30.46 -13.18 -1.33
C ASP A 68 30.97 -13.45 -2.74
N PRO A 69 31.54 -12.45 -3.42
CA PRO A 69 32.06 -12.71 -4.78
C PRO A 69 33.32 -13.55 -4.80
N GLU A 70 34.04 -13.67 -3.69
CA GLU A 70 35.23 -14.53 -3.68
C GLU A 70 34.86 -16.00 -3.80
N THR A 71 33.64 -16.33 -3.30
CA THR A 71 33.15 -17.71 -3.16
C THR A 71 31.92 -17.99 -4.00
N HIS A 72 31.32 -16.99 -4.62
CA HIS A 72 30.02 -17.13 -5.26
C HIS A 72 29.02 -17.85 -4.35
N THR A 73 28.97 -17.45 -3.08
CA THR A 73 28.01 -18.01 -2.13
C THR A 73 27.30 -16.87 -1.40
N VAL A 74 26.37 -17.25 -0.54
CA VAL A 74 25.54 -16.30 0.20
C VAL A 74 25.69 -16.61 1.69
N THR A 75 25.80 -15.56 2.50
CA THR A 75 25.88 -15.69 3.94
C THR A 75 24.56 -15.27 4.56
N LEU A 76 24.05 -16.09 5.50
CA LEU A 76 22.81 -15.82 6.20
C LEU A 76 23.08 -15.37 7.64
N PRO A 77 22.22 -14.53 8.21
CA PRO A 77 22.42 -14.13 9.62
C PRO A 77 22.23 -15.32 10.57
N GLU A 78 23.05 -15.35 11.62
CA GLU A 78 23.07 -16.49 12.52
C GLU A 78 21.69 -16.76 13.11
N GLY A 79 20.98 -15.70 13.53
CA GLY A 79 19.68 -15.88 14.15
C GLY A 79 18.69 -16.59 13.24
N PHE A 80 18.70 -16.23 11.95
CA PHE A 80 17.78 -16.86 11.01
C PHE A 80 18.12 -18.33 10.78
N LYS A 81 19.42 -18.66 10.74
CA LYS A 81 19.80 -20.07 10.61
C LYS A 81 19.37 -20.88 11.82
N LYS A 82 19.37 -20.26 13.01
CA LYS A 82 18.86 -20.93 14.21
C LYS A 82 17.37 -21.23 14.06
N SER A 83 16.60 -20.29 13.50
CA SER A 83 15.19 -20.55 13.24
C SER A 83 15.02 -21.72 12.26
N MET A 84 15.84 -21.74 11.20
CA MET A 84 15.75 -22.83 10.23
C MET A 84 15.96 -24.17 10.91
N ARG A 85 16.96 -24.26 11.80
CA ARG A 85 17.24 -25.51 12.48
C ARG A 85 16.07 -25.93 13.37
N ALA A 86 15.46 -24.97 14.07
CA ALA A 86 14.26 -25.26 14.84
C ALA A 86 13.20 -25.93 13.98
N LEU A 87 13.03 -25.44 12.74
CA LEU A 87 12.02 -26.00 11.85
C LEU A 87 12.39 -27.39 11.38
N PHE A 88 13.66 -27.62 11.03
CA PHE A 88 14.09 -28.94 10.58
C PHE A 88 14.02 -29.95 11.71
N ASP A 89 14.49 -29.57 12.90
CA ASP A 89 14.54 -30.49 14.03
C ASP A 89 13.16 -30.97 14.42
N GLY A 90 12.13 -30.14 14.27
CA GLY A 90 10.78 -30.57 14.53
C GLY A 90 10.20 -31.48 13.47
N GLY A 91 10.94 -31.73 12.39
CA GLY A 91 10.42 -32.53 11.31
C GLY A 91 9.37 -31.84 10.48
N TRP A 92 9.31 -30.53 10.52
CA TRP A 92 8.31 -29.77 9.77
C TRP A 92 8.66 -29.64 8.29
N ASP A 93 9.75 -30.28 7.84
CA ASP A 93 9.98 -30.40 6.41
C ASP A 93 8.91 -31.26 5.75
N LYS A 94 8.31 -32.18 6.49
CA LYS A 94 7.63 -33.31 5.88
C LYS A 94 6.23 -33.50 6.40
N VAL A 95 5.48 -32.42 6.56
CA VAL A 95 4.05 -32.50 6.76
C VAL A 95 3.39 -32.43 5.39
N GLY A 96 2.61 -33.45 5.07
CA GLY A 96 2.06 -33.59 3.73
C GLY A 96 3.03 -34.14 2.71
N LEU A 97 4.29 -34.33 3.07
CA LEU A 97 5.22 -35.08 2.23
C LEU A 97 4.76 -36.53 2.15
N ALA A 98 4.90 -37.12 0.97
CA ALA A 98 4.50 -38.52 0.81
C ALA A 98 5.21 -39.40 1.82
N GLU A 99 4.53 -40.48 2.22
CA GLU A 99 5.06 -41.34 3.27
C GLU A 99 6.35 -42.04 2.84
N HIS A 100 6.42 -42.45 1.57
CA HIS A 100 7.61 -43.16 1.10
C HIS A 100 8.85 -42.27 1.11
N LEU A 101 8.68 -40.95 1.20
CA LEU A 101 9.80 -40.05 1.41
C LEU A 101 9.92 -39.62 2.85
N GLY A 102 9.18 -40.27 3.76
CA GLY A 102 9.29 -40.00 5.18
C GLY A 102 8.31 -39.01 5.72
N GLY A 103 7.23 -38.71 5.00
CA GLY A 103 6.29 -37.71 5.45
C GLY A 103 5.15 -38.29 6.26
N ILE A 104 4.38 -37.39 6.87
CA ILE A 104 3.19 -37.76 7.62
C ILE A 104 1.97 -37.49 6.72
N PRO A 105 1.20 -38.51 6.37
CA PRO A 105 0.03 -38.29 5.51
C PRO A 105 -1.04 -37.46 6.21
N MET A 106 -1.63 -36.53 5.47
CA MET A 106 -2.66 -35.65 6.01
C MET A 106 -3.38 -34.97 4.86
N PRO A 107 -4.63 -34.53 5.08
CA PRO A 107 -5.32 -33.73 4.05
C PRO A 107 -4.58 -32.41 3.80
N ARG A 108 -4.64 -31.95 2.55
CA ARG A 108 -3.94 -30.73 2.21
C ARG A 108 -4.52 -29.53 2.94
N ALA A 109 -5.81 -29.58 3.27
CA ALA A 109 -6.40 -28.52 4.08
C ALA A 109 -5.68 -28.37 5.40
N LEU A 110 -5.29 -29.49 6.03
CA LEU A 110 -4.49 -29.41 7.24
C LEU A 110 -3.07 -28.96 6.94
N GLN A 111 -2.50 -29.46 5.84
CA GLN A 111 -1.13 -29.14 5.49
C GLN A 111 -0.91 -27.64 5.36
N TRP A 112 -1.78 -26.95 4.60
CA TRP A 112 -1.59 -25.52 4.39
C TRP A 112 -1.89 -24.72 5.64
N ALA A 113 -2.79 -25.21 6.49
CA ALA A 113 -3.04 -24.54 7.75
C ALA A 113 -1.80 -24.56 8.64
N LEU A 114 -1.07 -25.68 8.63
CA LEU A 114 0.20 -25.74 9.35
C LEU A 114 1.20 -24.74 8.79
N ILE A 115 1.25 -24.63 7.45
CA ILE A 115 2.22 -23.77 6.78
C ILE A 115 1.89 -22.29 7.00
N GLU A 116 0.61 -21.94 7.13
CA GLU A 116 0.23 -20.56 7.39
C GLU A 116 1.04 -19.97 8.53
N HIS A 117 1.27 -20.75 9.59
CA HIS A 117 1.97 -20.22 10.75
C HIS A 117 3.41 -19.85 10.42
N ILE A 118 4.07 -20.66 9.58
CA ILE A 118 5.44 -20.34 9.20
C ILE A 118 5.46 -19.12 8.31
N LEU A 119 4.50 -19.01 7.39
CA LEU A 119 4.42 -17.85 6.51
C LEU A 119 4.09 -16.58 7.29
N GLY A 120 3.39 -16.70 8.40
CA GLY A 120 3.10 -15.55 9.22
C GLY A 120 4.28 -15.11 10.05
N ALA A 121 5.08 -16.07 10.54
CA ALA A 121 6.13 -15.75 11.49
C ALA A 121 7.45 -15.36 10.82
N ASN A 122 7.78 -15.99 9.71
CA ASN A 122 9.03 -15.74 9.00
C ASN A 122 8.92 -16.40 7.62
N PRO A 123 8.21 -15.77 6.68
CA PRO A 123 7.83 -16.48 5.45
C PRO A 123 9.01 -17.03 4.67
N ALA A 124 10.15 -16.35 4.67
CA ALA A 124 11.30 -16.89 3.95
C ALA A 124 11.71 -18.24 4.51
N ALA A 125 11.43 -18.50 5.78
CA ALA A 125 11.82 -19.77 6.38
C ALA A 125 11.19 -20.95 5.65
N TYR A 126 9.93 -20.81 5.25
CA TYR A 126 9.29 -21.88 4.49
C TYR A 126 9.88 -22.00 3.09
N MET A 127 10.20 -20.86 2.46
CA MET A 127 10.74 -20.91 1.10
C MET A 127 12.07 -21.66 1.06
N TYR A 128 12.96 -21.39 2.01
CA TYR A 128 14.18 -22.17 2.14
C TYR A 128 13.90 -23.64 2.47
N ALA A 129 12.73 -23.94 3.02
CA ALA A 129 12.39 -25.29 3.47
C ALA A 129 11.56 -26.05 2.44
N MET A 130 11.40 -25.53 1.24
CA MET A 130 10.57 -26.16 0.23
C MET A 130 11.31 -27.23 -0.57
N GLY A 131 12.52 -27.59 -0.16
CA GLY A 131 13.31 -28.60 -0.84
C GLY A 131 12.64 -29.95 -0.92
N PRO A 132 12.32 -30.54 0.24
CA PRO A 132 11.65 -31.85 0.23
C PRO A 132 10.40 -31.90 -0.63
N GLY A 133 9.53 -30.89 -0.52
CA GLY A 133 8.33 -30.88 -1.34
C GLY A 133 8.64 -30.80 -2.83
N MET A 134 9.78 -30.19 -3.17
CA MET A 134 10.23 -30.20 -4.55
C MET A 134 10.74 -31.58 -4.95
N SER A 135 11.44 -32.26 -4.05
CA SER A 135 11.90 -33.61 -4.33
C SER A 135 10.73 -34.52 -4.67
N GLU A 136 9.58 -34.33 -4.01
CA GLU A 136 8.40 -35.13 -4.31
C GLU A 136 7.91 -34.86 -5.73
N ILE A 137 7.86 -33.58 -6.12
CA ILE A 137 7.47 -33.25 -7.49
C ILE A 137 8.43 -33.88 -8.49
N PHE A 138 9.72 -33.81 -8.19
CA PHE A 138 10.73 -34.42 -9.04
C PHE A 138 10.53 -35.92 -9.12
N TYR A 139 10.22 -36.55 -7.98
CA TYR A 139 9.93 -37.97 -7.94
C TYR A 139 8.79 -38.34 -8.89
N ASN A 140 7.65 -37.67 -8.74
CA ASN A 140 6.45 -38.03 -9.50
C ASN A 140 6.68 -37.90 -10.99
N ASN A 141 7.56 -36.99 -11.41
CA ASN A 141 7.81 -36.75 -12.82
C ASN A 141 9.03 -37.51 -13.34
N GLY A 142 9.80 -38.15 -12.47
CA GLY A 142 11.08 -38.68 -12.88
C GLY A 142 11.06 -40.14 -13.31
N THR A 143 12.10 -40.54 -14.02
CA THR A 143 12.32 -41.95 -14.30
C THR A 143 12.57 -42.70 -12.99
N ASP A 144 12.55 -44.03 -13.08
CA ASP A 144 12.82 -44.85 -11.90
C ASP A 144 14.17 -44.51 -11.31
N GLU A 145 15.19 -44.36 -12.15
CA GLU A 145 16.52 -44.00 -11.66
C GLU A 145 16.49 -42.62 -11.00
N GLN A 146 15.72 -41.69 -11.57
CA GLN A 146 15.60 -40.35 -10.99
C GLN A 146 14.81 -40.38 -9.69
N LYS A 147 13.83 -41.30 -9.58
CA LYS A 147 13.10 -41.47 -8.33
C LYS A 147 14.05 -41.84 -7.18
N LYS A 148 15.15 -42.53 -7.49
CA LYS A 148 16.12 -42.88 -6.46
C LYS A 148 16.89 -41.64 -5.99
N TRP A 149 17.22 -40.74 -6.92
CA TRP A 149 17.90 -39.51 -6.53
C TRP A 149 16.99 -38.63 -5.70
N ALA A 150 15.73 -38.48 -6.16
CA ALA A 150 14.78 -37.64 -5.43
C ALA A 150 14.55 -38.15 -4.02
N THR A 151 14.66 -39.46 -3.81
CA THR A 151 14.50 -40.02 -2.48
C THR A 151 15.68 -39.66 -1.59
N ILE A 152 16.89 -39.70 -2.15
CA ILE A 152 18.07 -39.24 -1.44
C ILE A 152 17.93 -37.77 -1.07
N ALA A 153 17.50 -36.94 -2.03
CA ALA A 153 17.38 -35.51 -1.79
C ALA A 153 16.40 -35.22 -0.65
N ALA A 154 15.25 -35.90 -0.65
CA ALA A 154 14.28 -35.73 0.42
C ALA A 154 14.86 -36.17 1.76
N GLU A 155 15.38 -37.39 1.82
CA GLU A 155 15.89 -37.92 3.08
C GLU A 155 16.98 -37.05 3.67
N ARG A 156 17.90 -36.59 2.82
CA ARG A 156 18.99 -35.75 3.27
C ARG A 156 18.61 -34.28 3.35
N GLY A 157 17.37 -33.93 3.02
CA GLY A 157 16.91 -32.57 3.22
C GLY A 157 17.62 -31.53 2.39
N TRP A 158 17.92 -31.83 1.14
CA TRP A 158 18.50 -30.85 0.23
C TRP A 158 17.50 -29.71 -0.01
N GLY A 159 18.05 -28.51 -0.21
CA GLY A 159 17.26 -27.38 -0.66
C GLY A 159 16.93 -27.49 -2.14
N ALA A 160 16.13 -26.54 -2.61
CA ALA A 160 15.71 -26.60 -4.01
C ALA A 160 15.33 -25.21 -4.51
N THR A 161 15.32 -25.07 -5.84
CA THR A 161 14.95 -23.84 -6.49
C THR A 161 14.12 -24.14 -7.73
N MET A 162 13.29 -23.18 -8.13
CA MET A 162 12.60 -23.22 -9.42
C MET A 162 13.19 -22.10 -10.27
N VAL A 163 13.77 -22.48 -11.41
CA VAL A 163 14.60 -21.57 -12.20
C VAL A 163 13.93 -21.37 -13.54
N LEU A 164 13.16 -20.30 -13.66
CA LEU A 164 12.51 -19.94 -14.93
C LEU A 164 12.95 -18.59 -15.45
N THR A 165 12.94 -17.56 -14.60
CA THR A 165 12.98 -16.18 -15.05
C THR A 165 14.35 -15.81 -15.61
N GLU A 166 14.33 -14.96 -16.63
CA GLU A 166 15.51 -14.39 -17.27
C GLU A 166 15.33 -12.89 -17.35
N PRO A 167 16.39 -12.15 -17.66
CA PRO A 167 16.23 -10.69 -17.84
C PRO A 167 15.17 -10.30 -18.85
N ASP A 168 15.06 -11.02 -19.96
CA ASP A 168 14.12 -10.66 -21.02
C ASP A 168 12.89 -11.55 -21.04
N ALA A 169 12.74 -12.43 -20.05
CA ALA A 169 11.63 -13.37 -20.02
C ALA A 169 11.16 -13.57 -18.58
N GLY A 170 10.09 -12.87 -18.21
CA GLY A 170 9.50 -13.02 -16.91
C GLY A 170 8.15 -13.67 -17.01
N SER A 171 7.09 -12.87 -17.19
CA SER A 171 5.77 -13.43 -17.42
C SER A 171 5.75 -14.22 -18.73
N ASP A 172 6.47 -13.73 -19.74
CA ASP A 172 6.58 -14.46 -21.00
C ASP A 172 7.67 -15.51 -20.86
N VAL A 173 7.31 -16.59 -20.15
CA VAL A 173 8.27 -17.67 -19.88
C VAL A 173 8.77 -18.28 -21.17
N GLY A 174 7.97 -18.27 -22.22
CA GLY A 174 8.32 -18.92 -23.47
C GLY A 174 9.40 -18.22 -24.26
N ALA A 175 9.72 -16.98 -23.91
CA ALA A 175 10.75 -16.22 -24.60
C ALA A 175 12.15 -16.45 -24.03
N GLY A 176 12.31 -17.43 -23.16
CA GLY A 176 13.61 -17.67 -22.54
C GLY A 176 14.59 -18.31 -23.51
N ARG A 177 15.85 -17.89 -23.42
CA ARG A 177 16.88 -18.33 -24.36
C ARG A 177 17.98 -19.19 -23.71
N THR A 178 17.87 -19.51 -22.43
CA THR A 178 18.79 -20.47 -21.85
C THR A 178 18.69 -21.79 -22.61
N LYS A 179 19.82 -22.33 -23.03
CA LYS A 179 19.83 -23.49 -23.91
C LYS A 179 20.39 -24.71 -23.21
N ALA A 180 20.03 -25.88 -23.75
CA ALA A 180 20.51 -27.17 -23.26
C ALA A 180 21.16 -27.90 -24.43
N VAL A 181 22.42 -28.29 -24.26
CA VAL A 181 23.18 -28.97 -25.31
C VAL A 181 23.40 -30.42 -24.85
N GLN A 182 22.82 -31.36 -25.58
CA GLN A 182 22.91 -32.76 -25.15
C GLN A 182 24.32 -33.30 -25.36
N GLN A 183 24.78 -34.07 -24.40
CA GLN A 183 26.12 -34.64 -24.39
C GLN A 183 26.07 -36.11 -24.76
N PRO A 184 27.20 -36.67 -25.21
CA PRO A 184 27.21 -38.10 -25.58
C PRO A 184 26.69 -39.02 -24.50
N ASP A 185 26.99 -38.75 -23.22
CA ASP A 185 26.60 -39.64 -22.14
C ASP A 185 25.14 -39.48 -21.73
N GLY A 186 24.35 -38.72 -22.49
CA GLY A 186 22.95 -38.56 -22.17
C GLY A 186 22.61 -37.42 -21.24
N THR A 187 23.61 -36.83 -20.57
CA THR A 187 23.35 -35.64 -19.78
C THR A 187 23.30 -34.42 -20.70
N TRP A 188 23.03 -33.26 -20.10
CA TRP A 188 22.93 -32.00 -20.83
C TRP A 188 23.79 -30.95 -20.14
N HIS A 189 24.28 -30.01 -20.95
CA HIS A 189 24.96 -28.83 -20.44
C HIS A 189 23.99 -27.65 -20.56
N ILE A 190 23.67 -27.02 -19.43
CA ILE A 190 22.79 -25.87 -19.42
C ILE A 190 23.64 -24.61 -19.50
N GLU A 191 23.25 -23.70 -20.39
CA GLU A 191 24.03 -22.50 -20.64
C GLU A 191 23.07 -21.31 -20.68
N GLY A 192 23.21 -20.41 -19.73
CA GLY A 192 22.36 -19.23 -19.70
C GLY A 192 22.45 -18.53 -18.36
N VAL A 193 21.74 -17.40 -18.31
CA VAL A 193 21.69 -16.56 -17.12
C VAL A 193 20.24 -16.39 -16.71
N LYS A 194 19.93 -16.75 -15.47
CA LYS A 194 18.59 -16.62 -14.93
C LYS A 194 18.58 -15.56 -13.83
N ARG A 195 17.44 -14.92 -13.67
CA ARG A 195 17.30 -13.75 -12.80
C ARG A 195 16.25 -13.99 -11.73
N PHE A 196 16.47 -13.39 -10.57
CA PHE A 196 15.51 -13.38 -9.47
C PHE A 196 15.23 -14.78 -8.93
N ILE A 197 16.24 -15.60 -8.76
CA ILE A 197 15.99 -16.98 -8.32
C ILE A 197 16.02 -17.02 -6.79
N THR A 198 14.86 -17.35 -6.20
CA THR A 198 14.74 -17.48 -4.76
C THR A 198 15.53 -18.68 -4.24
N SER A 199 16.38 -18.44 -3.23
CA SER A 199 17.13 -19.48 -2.54
C SER A 199 18.23 -20.09 -3.40
N ALA A 200 18.70 -19.39 -4.42
CA ALA A 200 19.66 -19.98 -5.34
C ALA A 200 20.95 -20.39 -4.62
N ASP A 201 21.29 -19.71 -3.53
CA ASP A 201 22.24 -20.20 -2.55
C ASP A 201 21.65 -19.97 -1.16
N SER A 202 22.12 -20.75 -0.20
CA SER A 202 21.55 -20.70 1.15
C SER A 202 22.61 -20.95 2.20
N ASP A 203 23.82 -20.43 1.98
CA ASP A 203 24.90 -20.53 2.97
C ASP A 203 25.13 -22.00 3.26
N ASP A 204 25.26 -22.42 4.50
CA ASP A 204 25.47 -23.82 4.86
C ASP A 204 24.25 -24.45 5.52
N LEU A 205 23.05 -24.09 5.07
CA LEU A 205 21.85 -24.70 5.62
C LEU A 205 21.76 -26.18 5.21
N PHE A 206 22.06 -26.49 3.94
CA PHE A 206 21.98 -27.84 3.42
C PHE A 206 23.29 -28.23 2.76
N GLU A 207 23.45 -29.54 2.52
CA GLU A 207 24.63 -30.05 1.87
C GLU A 207 24.55 -30.02 0.34
N ASN A 208 23.36 -29.82 -0.22
CA ASN A 208 23.21 -29.72 -1.66
C ASN A 208 21.90 -28.99 -1.95
N ILE A 209 21.82 -28.43 -3.16
CA ILE A 209 20.60 -27.79 -3.64
C ILE A 209 20.24 -28.42 -4.98
N MET A 210 18.97 -28.75 -5.16
CA MET A 210 18.46 -29.22 -6.44
C MET A 210 17.85 -28.02 -7.17
N HIS A 211 18.45 -27.62 -8.28
CA HIS A 211 17.87 -26.59 -9.14
C HIS A 211 17.05 -27.26 -10.24
N LEU A 212 15.79 -26.85 -10.36
CA LEU A 212 14.92 -27.33 -11.43
C LEU A 212 14.84 -26.21 -12.46
N VAL A 213 15.46 -26.43 -13.61
CA VAL A 213 15.78 -25.37 -14.57
C VAL A 213 15.04 -25.63 -15.87
N LEU A 214 14.32 -24.62 -16.33
CA LEU A 214 13.73 -24.64 -17.67
C LEU A 214 14.79 -24.18 -18.68
N ALA A 215 14.90 -24.91 -19.79
CA ALA A 215 15.86 -24.54 -20.83
C ALA A 215 15.38 -25.12 -22.16
N ARG A 216 15.86 -24.52 -23.24
CA ARG A 216 15.47 -24.93 -24.58
C ARG A 216 16.51 -25.84 -25.16
N PRO A 217 16.19 -27.09 -25.46
CA PRO A 217 17.15 -27.94 -26.17
C PRO A 217 17.52 -27.33 -27.51
N GLU A 218 18.80 -27.42 -27.87
CA GLU A 218 19.26 -26.93 -29.16
C GLU A 218 18.43 -27.54 -30.27
N GLY A 219 17.84 -26.69 -31.11
CA GLY A 219 17.02 -27.13 -32.21
C GLY A 219 15.53 -27.16 -31.92
N ALA A 220 15.13 -26.98 -30.67
CA ALA A 220 13.73 -27.08 -30.30
C ALA A 220 12.95 -25.85 -30.78
N GLY A 221 11.64 -26.01 -30.90
CA GLY A 221 10.80 -24.96 -31.36
C GLY A 221 10.69 -23.83 -30.34
N PRO A 222 9.96 -22.80 -30.72
CA PRO A 222 9.86 -21.61 -29.85
C PRO A 222 8.75 -21.70 -28.81
N GLY A 223 8.65 -20.70 -27.95
CA GLY A 223 7.59 -20.65 -26.97
C GLY A 223 7.80 -21.64 -25.83
N THR A 224 6.82 -21.63 -24.91
CA THR A 224 6.92 -22.51 -23.75
C THR A 224 6.93 -23.98 -24.16
N LYS A 225 6.31 -24.32 -25.29
CA LYS A 225 6.22 -25.72 -25.69
C LYS A 225 7.60 -26.28 -26.07
N GLY A 226 8.52 -25.43 -26.54
CA GLY A 226 9.85 -25.89 -26.83
C GLY A 226 10.76 -26.09 -25.64
N LEU A 227 10.25 -25.85 -24.43
CA LEU A 227 11.08 -25.90 -23.23
C LEU A 227 11.09 -27.29 -22.61
N SER A 228 12.19 -27.60 -21.91
CA SER A 228 12.35 -28.83 -21.17
C SER A 228 12.80 -28.50 -19.76
N LEU A 229 12.55 -29.44 -18.84
CA LEU A 229 12.89 -29.25 -17.44
C LEU A 229 14.08 -30.12 -17.07
N PHE A 230 15.03 -29.55 -16.33
CA PHE A 230 16.29 -30.22 -16.04
C PHE A 230 16.62 -30.19 -14.56
N PHE A 231 17.08 -31.34 -14.07
CA PHE A 231 17.63 -31.49 -12.72
C PHE A 231 19.09 -31.05 -12.75
N VAL A 232 19.39 -29.94 -12.10
CA VAL A 232 20.74 -29.37 -12.09
C VAL A 232 21.17 -29.20 -10.64
N PRO A 233 21.95 -30.13 -10.10
CA PRO A 233 22.36 -30.04 -8.70
C PRO A 233 23.55 -29.11 -8.52
N LYS A 234 23.59 -28.47 -7.34
CA LYS A 234 24.73 -27.61 -7.02
C LYS A 234 26.02 -28.42 -6.96
N PHE A 235 25.97 -29.61 -6.37
CA PHE A 235 27.11 -30.52 -6.36
C PHE A 235 26.73 -31.81 -7.08
N HIS A 236 27.65 -32.31 -7.93
CA HIS A 236 27.56 -33.69 -8.37
C HIS A 236 27.55 -34.61 -7.15
N PHE A 237 26.95 -35.78 -7.29
CA PHE A 237 26.82 -36.67 -6.14
C PHE A 237 26.65 -38.10 -6.64
N ASP A 238 27.02 -39.04 -5.77
CA ASP A 238 26.91 -40.45 -6.09
C ASP A 238 25.45 -40.84 -6.26
N HIS A 239 25.10 -41.27 -7.47
CA HIS A 239 23.71 -41.50 -7.84
C HIS A 239 23.06 -42.61 -7.04
N GLU A 240 23.78 -43.34 -6.23
CA GLU A 240 23.18 -44.41 -5.44
C GLU A 240 23.40 -44.27 -3.94
N THR A 241 24.52 -43.70 -3.51
CA THR A 241 24.70 -43.45 -2.09
C THR A 241 24.45 -42.02 -1.66
N GLY A 242 24.42 -41.08 -2.59
CA GLY A 242 24.18 -39.69 -2.26
C GLY A 242 25.38 -38.92 -1.76
N GLU A 243 26.56 -39.54 -1.67
CA GLU A 243 27.74 -38.84 -1.23
C GLU A 243 28.03 -37.64 -2.15
N ILE A 244 28.32 -36.50 -1.54
CA ILE A 244 28.47 -35.25 -2.28
C ILE A 244 29.85 -35.21 -2.92
N GLY A 245 29.89 -34.96 -4.22
CA GLY A 245 31.13 -34.89 -4.96
C GLY A 245 31.53 -33.50 -5.42
N GLU A 246 31.93 -33.39 -6.69
CA GLU A 246 32.49 -32.15 -7.20
C GLU A 246 31.41 -31.09 -7.40
N ARG A 247 31.83 -29.84 -7.38
CA ARG A 247 30.93 -28.73 -7.64
C ARG A 247 30.45 -28.76 -9.09
N ASN A 248 29.17 -28.49 -9.27
CA ASN A 248 28.58 -28.33 -10.60
C ASN A 248 28.63 -26.86 -11.02
N GLY A 249 28.56 -26.63 -12.33
CA GLY A 249 28.82 -25.31 -12.87
C GLY A 249 27.65 -24.34 -12.85
N VAL A 250 27.05 -24.16 -11.68
CA VAL A 250 25.86 -23.32 -11.52
C VAL A 250 26.12 -22.43 -10.30
N PHE A 251 26.28 -21.12 -10.54
CA PHE A 251 26.78 -20.23 -9.51
C PHE A 251 25.93 -18.97 -9.39
N VAL A 252 25.74 -18.55 -8.15
CA VAL A 252 25.14 -17.24 -7.87
C VAL A 252 26.19 -16.16 -8.14
N THR A 253 25.77 -15.10 -8.85
CA THR A 253 26.67 -14.01 -9.20
C THR A 253 26.30 -12.69 -8.53
N ASN A 254 25.20 -12.65 -7.77
CA ASN A 254 24.71 -11.39 -7.22
C ASN A 254 23.45 -11.66 -6.42
N VAL A 255 23.16 -10.84 -5.41
CA VAL A 255 21.95 -10.95 -4.62
C VAL A 255 21.23 -9.61 -4.65
N GLU A 256 19.93 -9.64 -4.96
CA GLU A 256 19.19 -8.41 -5.17
C GLU A 256 18.92 -7.70 -3.85
N HIS A 257 18.71 -6.38 -3.94
CA HIS A 257 18.37 -5.55 -2.81
C HIS A 257 16.91 -5.11 -2.97
N LYS A 258 16.07 -5.50 -2.01
CA LYS A 258 14.63 -5.48 -2.17
C LYS A 258 13.94 -4.63 -1.11
N MET A 259 12.70 -4.24 -1.43
CA MET A 259 11.88 -3.51 -0.47
C MET A 259 11.66 -4.31 0.80
N GLY A 260 11.47 -5.61 0.67
CA GLY A 260 11.24 -6.49 1.79
C GLY A 260 11.60 -7.92 1.46
N LEU A 261 11.09 -8.84 2.28
CA LEU A 261 11.48 -10.24 2.20
C LEU A 261 13.00 -10.36 2.10
N LYS A 262 13.69 -9.52 2.85
CA LYS A 262 15.12 -9.33 2.65
C LYS A 262 15.90 -10.61 2.94
N VAL A 263 15.52 -11.36 3.97
CA VAL A 263 16.29 -12.53 4.36
C VAL A 263 16.19 -13.64 3.34
N SER A 264 15.24 -13.56 2.39
CA SER A 264 15.16 -14.49 1.27
C SER A 264 16.16 -14.05 0.20
N ALA A 265 17.19 -14.87 -0.01
CA ALA A 265 18.24 -14.56 -0.98
C ALA A 265 17.69 -14.71 -2.40
N THR A 266 17.61 -13.59 -3.11
CA THR A 266 17.09 -13.54 -4.49
C THR A 266 18.26 -13.22 -5.42
N CYS A 267 18.66 -14.20 -6.23
CA CYS A 267 19.97 -14.16 -6.86
C CYS A 267 19.93 -14.32 -8.37
N GLU A 268 20.87 -13.66 -9.03
CA GLU A 268 21.19 -13.97 -10.42
C GLU A 268 21.97 -15.27 -10.47
N LEU A 269 21.56 -16.18 -11.35
CA LEU A 269 22.07 -17.55 -11.36
C LEU A 269 22.65 -17.85 -12.74
N SER A 270 23.96 -18.06 -12.79
CA SER A 270 24.67 -18.33 -14.03
C SER A 270 24.87 -19.83 -14.20
N LEU A 271 24.51 -20.33 -15.38
CA LEU A 271 24.66 -21.75 -15.71
C LEU A 271 25.73 -21.88 -16.80
N GLY A 272 26.86 -22.49 -16.42
CA GLY A 272 27.93 -22.75 -17.37
C GLY A 272 28.69 -21.55 -17.86
N GLN A 273 28.89 -20.53 -17.03
CA GLN A 273 29.61 -19.34 -17.45
C GLN A 273 30.92 -19.14 -16.70
N HIS A 274 31.24 -19.98 -15.71
CA HIS A 274 32.44 -19.81 -14.90
C HIS A 274 33.48 -20.90 -15.18
N GLY A 275 33.41 -21.57 -16.33
CA GLY A 275 34.46 -22.46 -16.76
C GLY A 275 34.22 -23.93 -16.50
N ILE A 276 33.15 -24.29 -15.81
CA ILE A 276 32.77 -25.69 -15.71
C ILE A 276 31.32 -25.83 -16.13
N PRO A 277 30.96 -26.89 -16.84
CA PRO A 277 29.58 -27.02 -17.31
C PRO A 277 28.61 -27.25 -16.16
N ALA A 278 27.42 -26.68 -16.30
CA ALA A 278 26.30 -27.02 -15.43
C ALA A 278 25.65 -28.27 -16.00
N VAL A 279 25.97 -29.42 -15.44
CA VAL A 279 25.41 -30.69 -15.92
C VAL A 279 23.97 -30.80 -15.44
N GLY A 280 23.07 -31.15 -16.36
CA GLY A 280 21.68 -31.33 -16.04
C GLY A 280 21.17 -32.65 -16.57
N TRP A 281 20.06 -33.11 -15.98
CA TRP A 281 19.43 -34.37 -16.34
C TRP A 281 17.99 -34.09 -16.73
N LEU A 282 17.61 -34.54 -17.93
CA LEU A 282 16.25 -34.30 -18.42
C LEU A 282 15.24 -35.01 -17.52
N VAL A 283 14.31 -34.24 -16.96
CA VAL A 283 13.37 -34.75 -15.98
C VAL A 283 12.40 -35.72 -16.64
N GLY A 284 12.34 -36.95 -16.13
CA GLY A 284 11.55 -37.99 -16.75
C GLY A 284 12.04 -38.40 -18.11
N GLU A 285 13.21 -37.93 -18.52
CA GLU A 285 13.76 -38.19 -19.85
C GLU A 285 12.71 -37.96 -20.94
N VAL A 286 11.87 -36.94 -20.73
CA VAL A 286 10.93 -36.49 -21.76
C VAL A 286 11.05 -34.97 -21.87
N HIS A 287 10.68 -34.46 -23.05
CA HIS A 287 10.66 -33.03 -23.32
C HIS A 287 9.22 -32.55 -23.06
N ASN A 288 8.99 -32.03 -21.86
CA ASN A 288 7.65 -31.64 -21.43
C ASN A 288 7.75 -30.53 -20.39
N GLY A 289 8.64 -29.56 -20.65
CA GLY A 289 9.06 -28.61 -19.63
C GLY A 289 7.98 -27.85 -18.90
N ILE A 290 7.14 -27.11 -19.63
CA ILE A 290 6.26 -26.16 -18.98
C ILE A 290 5.14 -26.86 -18.23
N ALA A 291 4.66 -28.01 -18.74
CA ALA A 291 3.70 -28.78 -17.96
C ALA A 291 4.32 -29.31 -16.68
N GLN A 292 5.52 -29.85 -16.78
CA GLN A 292 6.23 -30.34 -15.60
C GLN A 292 6.44 -29.22 -14.58
N MET A 293 6.97 -28.08 -15.02
CA MET A 293 7.27 -27.00 -14.10
C MET A 293 6.00 -26.45 -13.46
N PHE A 294 4.85 -26.59 -14.13
CA PHE A 294 3.63 -26.05 -13.57
C PHE A 294 3.13 -26.85 -12.36
N ASP A 295 3.53 -28.11 -12.23
CA ASP A 295 3.33 -28.79 -10.96
C ASP A 295 3.91 -27.94 -9.83
N VAL A 296 5.04 -27.29 -10.09
CA VAL A 296 5.70 -26.46 -9.08
C VAL A 296 5.01 -25.11 -8.96
N ILE A 297 4.67 -24.50 -10.11
CA ILE A 297 4.03 -23.19 -10.10
C ILE A 297 2.73 -23.23 -9.32
N GLU A 298 1.96 -24.30 -9.48
CA GLU A 298 0.68 -24.39 -8.77
C GLU A 298 0.91 -24.37 -7.27
N GLN A 299 1.95 -25.07 -6.80
CA GLN A 299 2.31 -25.01 -5.39
C GLN A 299 2.77 -23.62 -5.00
N ALA A 300 3.65 -23.02 -5.80
CA ALA A 300 4.16 -21.69 -5.50
C ALA A 300 3.02 -20.68 -5.41
N ARG A 301 2.02 -20.81 -6.29
CA ARG A 301 0.94 -19.84 -6.29
C ARG A 301 0.08 -19.97 -5.04
N MET A 302 -0.14 -21.20 -4.59
CA MET A 302 -0.88 -21.42 -3.36
C MET A 302 -0.12 -20.86 -2.16
N MET A 303 1.19 -21.06 -2.14
CA MET A 303 2.02 -20.60 -1.03
C MET A 303 2.00 -19.07 -0.93
N VAL A 304 2.09 -18.39 -2.08
CA VAL A 304 2.09 -16.93 -2.08
C VAL A 304 0.77 -16.39 -1.58
N GLY A 305 -0.34 -16.99 -2.02
CA GLY A 305 -1.64 -16.56 -1.53
C GLY A 305 -1.77 -16.76 -0.03
N THR A 306 -1.46 -17.96 0.44
CA THR A 306 -1.54 -18.25 1.87
C THR A 306 -0.59 -17.35 2.65
N LYS A 307 0.58 -17.03 2.07
CA LYS A 307 1.53 -16.15 2.73
C LYS A 307 0.94 -14.78 2.96
N ALA A 308 0.38 -14.18 1.90
CA ALA A 308 -0.26 -12.89 2.04
C ALA A 308 -1.36 -12.94 3.07
N ILE A 309 -2.15 -14.01 3.06
CA ILE A 309 -3.25 -14.16 4.02
C ILE A 309 -2.71 -14.32 5.43
N ALA A 310 -1.64 -15.09 5.59
CA ALA A 310 -1.01 -15.23 6.89
C ALA A 310 -0.55 -13.87 7.43
N THR A 311 0.00 -13.04 6.55
CA THR A 311 0.57 -11.77 7.00
C THR A 311 -0.54 -10.81 7.41
N LEU A 312 -1.62 -10.74 6.64
CA LEU A 312 -2.75 -9.89 7.03
C LEU A 312 -3.30 -10.32 8.39
N SER A 313 -3.41 -11.62 8.62
CA SER A 313 -3.98 -12.12 9.87
C SER A 313 -3.19 -11.61 11.07
N THR A 314 -1.86 -11.82 11.05
CA THR A 314 -1.04 -11.35 12.17
C THR A 314 -0.94 -9.82 12.17
N GLY A 315 -1.07 -9.19 11.00
CA GLY A 315 -1.18 -7.74 10.98
C GLY A 315 -2.42 -7.25 11.70
N TYR A 316 -3.57 -7.85 11.40
CA TYR A 316 -4.82 -7.46 12.06
C TYR A 316 -4.73 -7.68 13.56
N LEU A 317 -4.24 -8.85 13.98
CA LEU A 317 -4.24 -9.18 15.40
C LEU A 317 -3.27 -8.28 16.16
N ASN A 318 -2.21 -7.82 15.50
CA ASN A 318 -1.33 -6.83 16.12
C ASN A 318 -2.06 -5.50 16.29
N ALA A 319 -2.78 -5.06 15.25
CA ALA A 319 -3.50 -3.79 15.35
C ALA A 319 -4.59 -3.87 16.41
N LEU A 320 -5.30 -4.99 16.49
CA LEU A 320 -6.35 -5.14 17.48
C LEU A 320 -5.79 -5.02 18.89
N GLU A 321 -4.73 -5.76 19.19
CA GLU A 321 -4.12 -5.68 20.51
C GLU A 321 -3.71 -4.24 20.82
N TYR A 322 -3.14 -3.54 19.83
CA TYR A 322 -2.75 -2.16 20.05
C TYR A 322 -3.96 -1.30 20.36
N ALA A 323 -5.00 -1.39 19.54
CA ALA A 323 -6.19 -0.57 19.74
C ALA A 323 -6.83 -0.82 21.10
N LYS A 324 -6.71 -2.03 21.63
CA LYS A 324 -7.29 -2.33 22.93
C LYS A 324 -6.58 -1.59 24.05
N GLU A 325 -5.29 -1.28 23.87
CA GLU A 325 -4.49 -0.67 24.92
C GLU A 325 -4.36 0.85 24.79
N ARG A 326 -4.50 1.40 23.60
CA ARG A 326 -4.19 2.81 23.36
C ARG A 326 -5.36 3.69 23.77
N VAL A 327 -5.13 4.57 24.75
CA VAL A 327 -6.12 5.55 25.15
C VAL A 327 -5.90 6.82 24.34
N GLN A 328 -6.98 7.35 23.76
CA GLN A 328 -6.89 8.60 23.00
C GLN A 328 -8.26 9.15 22.67
N GLY A 329 -8.57 10.31 23.22
CA GLY A 329 -9.83 10.99 22.95
C GLY A 329 -10.95 10.54 23.86
N ALA A 330 -12.06 11.26 23.76
CA ALA A 330 -13.30 10.91 24.44
C ALA A 330 -14.20 10.12 23.51
N ASP A 331 -15.22 9.49 24.08
CA ASP A 331 -16.22 8.82 23.27
C ASP A 331 -16.92 9.85 22.36
N MET A 332 -17.33 9.39 21.18
CA MET A 332 -17.91 10.31 20.21
C MET A 332 -19.21 10.91 20.72
N THR A 333 -19.94 10.19 21.58
CA THR A 333 -21.14 10.75 22.20
C THR A 333 -20.85 11.89 23.17
N GLN A 334 -19.57 12.14 23.46
CA GLN A 334 -19.16 13.21 24.36
C GLN A 334 -18.12 14.12 23.70
N MET A 335 -18.16 14.21 22.37
CA MET A 335 -17.04 14.81 21.65
C MET A 335 -16.86 16.28 21.99
N THR A 336 -17.94 16.98 22.35
CA THR A 336 -17.82 18.40 22.69
C THR A 336 -17.40 18.64 24.14
N ASP A 337 -17.43 17.61 24.97
CA ASP A 337 -17.06 17.76 26.38
C ASP A 337 -15.56 17.57 26.53
N LYS A 338 -14.81 18.62 26.91
CA LYS A 338 -13.33 18.58 27.04
C LYS A 338 -12.89 18.06 28.40
N THR A 339 -13.84 17.69 29.25
CA THR A 339 -13.61 17.03 30.54
C THR A 339 -14.18 15.62 30.47
N ALA A 340 -14.67 15.13 29.31
CA ALA A 340 -15.20 13.80 29.24
C ALA A 340 -14.07 12.78 29.43
N PRO A 341 -14.40 11.59 29.94
CA PRO A 341 -13.36 10.58 30.14
C PRO A 341 -12.72 10.13 28.83
N ARG A 342 -11.41 10.00 28.83
CA ARG A 342 -10.69 9.42 27.70
C ARG A 342 -11.08 7.95 27.52
N VAL A 343 -11.00 7.48 26.28
CA VAL A 343 -11.39 6.11 25.96
C VAL A 343 -10.27 5.43 25.17
N THR A 344 -10.27 4.11 25.22
CA THR A 344 -9.43 3.33 24.31
C THR A 344 -10.00 3.42 22.90
N ILE A 345 -9.12 3.29 21.90
CA ILE A 345 -9.52 3.69 20.56
C ILE A 345 -10.46 2.70 19.89
N THR A 346 -10.63 1.50 20.46
CA THR A 346 -11.66 0.60 19.94
C THR A 346 -13.06 1.17 20.13
N HIS A 347 -13.21 2.26 20.90
CA HIS A 347 -14.49 2.92 21.04
C HIS A 347 -14.78 3.88 19.89
N HIS A 348 -13.81 4.19 19.05
CA HIS A 348 -14.02 5.17 17.98
C HIS A 348 -14.61 4.50 16.75
N PRO A 349 -15.71 5.02 16.21
CA PRO A 349 -16.34 4.34 15.06
C PRO A 349 -15.41 4.02 13.92
N ASP A 350 -14.48 4.91 13.56
CA ASP A 350 -13.62 4.63 12.41
C ASP A 350 -12.63 3.51 12.74
N VAL A 351 -12.13 3.49 13.97
CA VAL A 351 -11.28 2.38 14.40
C VAL A 351 -12.04 1.07 14.33
N ARG A 352 -13.32 1.10 14.68
CA ARG A 352 -14.13 -0.12 14.62
C ARG A 352 -14.44 -0.50 13.18
N ARG A 353 -14.75 0.49 12.33
CA ARG A 353 -14.88 0.22 10.91
C ARG A 353 -13.61 -0.43 10.38
N SER A 354 -12.45 0.10 10.77
CA SER A 354 -11.18 -0.40 10.25
C SER A 354 -10.88 -1.80 10.79
N LEU A 355 -11.16 -2.04 12.07
CA LEU A 355 -10.91 -3.36 12.63
C LEU A 355 -11.82 -4.41 12.01
N MET A 356 -13.11 -4.08 11.83
CA MET A 356 -14.03 -5.05 11.23
C MET A 356 -13.68 -5.30 9.78
N THR A 357 -13.13 -4.29 9.09
CA THR A 357 -12.67 -4.50 7.71
C THR A 357 -11.47 -5.43 7.67
N GLN A 358 -10.50 -5.23 8.57
CA GLN A 358 -9.38 -6.14 8.65
C GLN A 358 -9.86 -7.55 9.01
N LYS A 359 -10.71 -7.65 10.03
CA LYS A 359 -11.19 -8.95 10.47
C LYS A 359 -11.87 -9.71 9.35
N ALA A 360 -12.87 -9.08 8.72
CA ALA A 360 -13.69 -9.79 7.74
C ALA A 360 -12.83 -10.29 6.58
N TYR A 361 -11.90 -9.47 6.10
CA TYR A 361 -11.08 -9.89 4.97
C TYR A 361 -10.06 -10.93 5.39
N ALA A 362 -9.47 -10.78 6.57
CA ALA A 362 -8.51 -11.78 7.03
C ALA A 362 -9.18 -13.15 7.16
N GLU A 363 -10.28 -13.21 7.92
CA GLU A 363 -10.97 -14.47 8.14
C GLU A 363 -11.64 -14.97 6.86
N GLY A 364 -12.23 -14.05 6.07
CA GLY A 364 -12.77 -14.46 4.79
C GLY A 364 -11.73 -15.12 3.91
N LEU A 365 -10.49 -14.62 3.96
CA LEU A 365 -9.42 -15.16 3.12
C LEU A 365 -8.93 -16.50 3.62
N ARG A 366 -8.80 -16.65 4.93
CA ARG A 366 -8.46 -17.97 5.48
C ARG A 366 -9.49 -19.00 5.02
N ALA A 367 -10.78 -18.65 5.07
CA ALA A 367 -11.82 -19.54 4.57
C ALA A 367 -11.58 -19.91 3.11
N ILE A 368 -11.21 -18.92 2.28
CA ILE A 368 -11.04 -19.17 0.85
C ILE A 368 -9.93 -20.20 0.61
N TYR A 369 -8.75 -19.99 1.20
CA TYR A 369 -7.63 -20.88 0.91
C TYR A 369 -7.87 -22.27 1.51
N LEU A 370 -8.49 -22.34 2.68
CA LEU A 370 -8.85 -23.65 3.23
C LEU A 370 -9.94 -24.31 2.39
N TYR A 371 -10.94 -23.55 1.96
CA TYR A 371 -11.93 -24.06 1.02
C TYR A 371 -11.27 -24.57 -0.25
N THR A 372 -10.33 -23.78 -0.81
CA THR A 372 -9.59 -24.22 -1.99
C THR A 372 -8.84 -25.52 -1.72
N ALA A 373 -8.27 -25.64 -0.52
CA ALA A 373 -7.50 -26.82 -0.17
C ALA A 373 -8.36 -28.07 -0.04
N THR A 374 -9.67 -27.92 0.22
CA THR A 374 -10.52 -29.09 0.34
C THR A 374 -10.78 -29.75 -1.02
N PHE A 375 -10.35 -29.13 -2.13
CA PHE A 375 -10.46 -29.74 -3.44
C PHE A 375 -9.12 -30.27 -3.96
N GLN A 376 -8.07 -30.23 -3.15
CA GLN A 376 -6.75 -30.69 -3.57
C GLN A 376 -6.51 -32.17 -3.27
N ASP A 377 -7.35 -32.80 -2.46
CA ASP A 377 -7.35 -34.24 -2.29
C ASP A 377 -8.64 -34.81 -2.87
N ALA A 378 -8.53 -35.86 -3.67
CA ALA A 378 -9.73 -36.50 -4.18
C ALA A 378 -10.60 -37.00 -3.03
N GLU A 379 -9.96 -37.49 -1.96
CA GLU A 379 -10.70 -38.09 -0.85
C GLU A 379 -11.51 -37.04 -0.11
N VAL A 380 -10.90 -35.91 0.22
CA VAL A 380 -11.59 -34.85 0.93
C VAL A 380 -12.70 -34.27 0.06
N ALA A 381 -12.40 -34.02 -1.22
CA ALA A 381 -13.39 -33.44 -2.12
C ALA A 381 -14.64 -34.31 -2.18
N GLN A 382 -14.47 -35.62 -2.33
CA GLN A 382 -15.62 -36.50 -2.36
C GLN A 382 -16.34 -36.50 -1.01
N ALA A 383 -15.58 -36.59 0.08
CA ALA A 383 -16.20 -36.79 1.39
C ALA A 383 -16.91 -35.54 1.89
N VAL A 384 -16.33 -34.36 1.67
CA VAL A 384 -16.92 -33.13 2.20
C VAL A 384 -17.71 -32.35 1.15
N HIS A 385 -17.47 -32.58 -0.14
CA HIS A 385 -18.19 -31.89 -1.20
C HIS A 385 -19.00 -32.80 -2.11
N GLY A 386 -18.68 -34.08 -2.17
CA GLY A 386 -19.39 -34.98 -3.07
C GLY A 386 -19.08 -34.75 -4.53
N VAL A 387 -17.82 -34.39 -4.84
CA VAL A 387 -17.41 -34.17 -6.22
C VAL A 387 -16.30 -35.15 -6.56
N ASP A 388 -16.28 -35.60 -7.82
CA ASP A 388 -15.31 -36.59 -8.27
C ASP A 388 -13.94 -35.92 -8.47
N GLY A 389 -12.96 -36.74 -8.84
CA GLY A 389 -11.61 -36.24 -8.97
C GLY A 389 -11.47 -35.22 -10.08
N ASP A 390 -12.12 -35.45 -11.21
CA ASP A 390 -11.97 -34.56 -12.35
C ASP A 390 -12.54 -33.17 -12.02
N LEU A 391 -13.74 -33.12 -11.43
CA LEU A 391 -14.33 -31.84 -11.08
C LEU A 391 -13.51 -31.13 -10.01
N ALA A 392 -13.09 -31.87 -8.97
CA ALA A 392 -12.26 -31.30 -7.93
C ALA A 392 -11.04 -30.59 -8.52
N ALA A 393 -10.30 -31.29 -9.37
CA ALA A 393 -9.12 -30.70 -9.99
C ALA A 393 -9.45 -29.41 -10.69
N ARG A 394 -10.57 -29.36 -11.41
CA ARG A 394 -10.94 -28.16 -12.13
C ARG A 394 -11.31 -27.03 -11.17
N VAL A 395 -11.95 -27.35 -10.05
CA VAL A 395 -12.36 -26.31 -9.10
C VAL A 395 -11.14 -25.77 -8.36
N ASN A 396 -10.19 -26.65 -8.04
CA ASN A 396 -8.94 -26.19 -7.43
C ASN A 396 -8.18 -25.26 -8.38
N ASP A 397 -8.09 -25.62 -9.65
CA ASP A 397 -7.42 -24.76 -10.62
C ASP A 397 -8.13 -23.42 -10.75
N LEU A 398 -9.47 -23.44 -10.68
CA LEU A 398 -10.23 -22.20 -10.76
C LEU A 398 -9.90 -21.28 -9.59
N LEU A 399 -9.65 -21.85 -8.41
CA LEU A 399 -9.53 -21.08 -7.18
C LEU A 399 -8.11 -20.59 -6.92
N LEU A 400 -7.08 -21.25 -7.48
CA LEU A 400 -5.71 -20.83 -7.24
C LEU A 400 -5.45 -19.38 -7.60
N PRO A 401 -5.78 -18.90 -8.81
CA PRO A 401 -5.56 -17.48 -9.11
C PRO A 401 -6.34 -16.54 -8.19
N ILE A 402 -7.42 -17.01 -7.57
CA ILE A 402 -8.09 -16.18 -6.57
C ILE A 402 -7.28 -16.14 -5.28
N VAL A 403 -6.85 -17.32 -4.81
CA VAL A 403 -5.99 -17.38 -3.64
C VAL A 403 -4.76 -16.50 -3.84
N LYS A 404 -4.11 -16.65 -4.99
CA LYS A 404 -2.89 -15.91 -5.27
C LYS A 404 -3.20 -14.45 -5.58
N GLY A 405 -4.01 -14.20 -6.61
CA GLY A 405 -4.22 -12.83 -7.05
C GLY A 405 -5.05 -12.02 -6.07
N PHE A 406 -6.24 -12.52 -5.72
CA PHE A 406 -7.11 -11.81 -4.80
C PHE A 406 -6.50 -11.78 -3.41
N GLY A 407 -5.87 -12.87 -2.99
CA GLY A 407 -5.21 -12.87 -1.69
C GLY A 407 -4.05 -11.90 -1.63
N SER A 408 -3.15 -11.98 -2.63
CA SER A 408 -2.03 -11.04 -2.72
C SER A 408 -2.52 -9.61 -2.59
N GLU A 409 -3.51 -9.21 -3.41
CA GLU A 409 -3.90 -7.82 -3.55
C GLU A 409 -4.61 -7.32 -2.30
N THR A 410 -5.51 -8.15 -1.75
CA THR A 410 -6.29 -7.73 -0.60
C THR A 410 -5.45 -7.61 0.66
N ALA A 411 -4.58 -8.61 0.89
CA ALA A 411 -3.74 -8.60 2.08
C ALA A 411 -2.95 -7.30 2.19
N TYR A 412 -2.31 -6.91 1.09
CA TYR A 412 -1.51 -5.69 1.08
C TYR A 412 -2.37 -4.45 1.28
N ALA A 413 -3.55 -4.41 0.64
CA ALA A 413 -4.43 -3.26 0.78
C ALA A 413 -4.89 -3.07 2.22
N LYS A 414 -5.33 -4.15 2.86
CA LYS A 414 -5.89 -4.04 4.21
C LYS A 414 -4.83 -3.90 5.29
N LEU A 415 -3.57 -4.31 5.00
CA LEU A 415 -2.50 -4.03 5.95
C LEU A 415 -2.34 -2.53 6.15
N THR A 416 -2.74 -1.73 5.15
CA THR A 416 -2.78 -0.28 5.34
C THR A 416 -3.69 0.08 6.50
N GLU A 417 -4.84 -0.60 6.62
CA GLU A 417 -5.73 -0.37 7.75
C GLU A 417 -5.09 -0.80 9.06
N SER A 418 -4.39 -1.93 9.06
CA SER A 418 -3.67 -2.36 10.26
C SER A 418 -2.67 -1.30 10.71
N LEU A 419 -1.83 -0.81 9.79
CA LEU A 419 -0.86 0.21 10.17
C LEU A 419 -1.56 1.49 10.61
N GLN A 420 -2.65 1.85 9.96
CA GLN A 420 -3.37 3.08 10.31
C GLN A 420 -3.87 3.01 11.74
N THR A 421 -4.14 1.82 12.26
CA THR A 421 -4.71 1.69 13.59
C THR A 421 -3.71 2.08 14.65
N LEU A 422 -2.41 1.97 14.37
CA LEU A 422 -1.38 2.35 15.33
C LEU A 422 -1.10 3.83 15.35
N GLY A 423 -1.72 4.61 14.47
CA GLY A 423 -1.39 6.01 14.37
C GLY A 423 0.05 6.19 13.89
N GLY A 424 0.69 7.24 14.38
CA GLY A 424 2.06 7.51 13.99
C GLY A 424 3.00 6.36 14.27
N SER A 425 2.77 5.63 15.37
CA SER A 425 3.64 4.52 15.73
C SER A 425 3.64 3.41 14.69
N GLY A 426 2.61 3.33 13.83
CA GLY A 426 2.61 2.33 12.78
C GLY A 426 3.74 2.53 11.77
N PHE A 427 4.21 3.77 11.64
CA PHE A 427 5.33 4.09 10.75
C PHE A 427 6.67 3.68 11.34
N LEU A 428 6.72 3.25 12.59
CA LEU A 428 7.98 2.91 13.25
C LEU A 428 8.33 1.45 13.01
N GLN A 429 9.63 1.19 12.88
CA GLN A 429 10.12 -0.19 12.82
C GLN A 429 9.94 -0.91 14.14
N ASP A 430 9.66 -0.17 15.22
CA ASP A 430 9.42 -0.78 16.52
C ASP A 430 8.24 -1.75 16.46
N TYR A 431 7.32 -1.53 15.53
CA TYR A 431 6.17 -2.38 15.37
C TYR A 431 6.28 -3.14 14.06
N PRO A 432 5.71 -4.35 13.99
CA PRO A 432 5.96 -5.23 12.84
C PRO A 432 5.16 -4.90 11.59
N ILE A 433 4.21 -3.97 11.66
CA ILE A 433 3.25 -3.82 10.56
C ILE A 433 3.91 -3.26 9.32
N GLU A 434 4.84 -2.30 9.48
CA GLU A 434 5.51 -1.76 8.30
C GLU A 434 6.34 -2.82 7.61
N GLN A 435 6.89 -3.79 8.36
CA GLN A 435 7.62 -4.88 7.72
C GLN A 435 6.65 -5.84 7.05
N TYR A 436 5.50 -6.11 7.68
CA TYR A 436 4.46 -6.89 7.03
C TYR A 436 4.16 -6.34 5.64
N ILE A 437 4.09 -5.01 5.51
CA ILE A 437 3.72 -4.38 4.24
C ILE A 437 4.86 -4.52 3.23
N ARG A 438 6.09 -4.27 3.66
CA ARG A 438 7.23 -4.41 2.76
C ARG A 438 7.43 -5.87 2.37
N ASP A 439 7.22 -6.79 3.33
CA ASP A 439 7.36 -8.21 3.03
C ASP A 439 6.26 -8.72 2.09
N SER A 440 5.06 -8.12 2.14
CA SER A 440 3.94 -8.66 1.36
C SER A 440 3.76 -7.99 0.01
N LYS A 441 4.40 -6.83 -0.22
CA LYS A 441 4.29 -6.17 -1.52
C LYS A 441 4.67 -7.11 -2.66
N ILE A 442 5.63 -8.01 -2.40
CA ILE A 442 6.11 -8.90 -3.44
C ILE A 442 5.08 -9.92 -3.87
N ASP A 443 4.09 -10.22 -3.02
CA ASP A 443 3.17 -11.32 -3.30
C ASP A 443 2.33 -11.07 -4.55
N SER A 444 2.18 -9.82 -5.00
CA SER A 444 1.44 -9.53 -6.22
C SER A 444 2.28 -9.63 -7.48
N LEU A 445 3.54 -10.08 -7.36
CA LEU A 445 4.48 -10.04 -8.48
C LEU A 445 5.04 -11.42 -8.80
N TYR A 446 5.79 -12.07 -7.90
CA TYR A 446 6.34 -13.37 -8.27
C TYR A 446 5.23 -14.41 -8.29
N ALA A 447 5.57 -15.59 -8.80
CA ALA A 447 4.60 -16.65 -9.08
C ALA A 447 3.52 -16.17 -10.03
N GLY A 448 3.83 -15.17 -10.85
CA GLY A 448 2.88 -14.61 -11.78
C GLY A 448 2.18 -13.37 -11.26
N THR A 449 2.28 -12.25 -11.99
CA THR A 449 1.66 -11.00 -11.53
C THR A 449 0.15 -11.15 -11.49
N THR A 450 -0.49 -10.21 -10.79
CA THR A 450 -1.95 -10.24 -10.66
C THR A 450 -2.63 -10.27 -12.02
N ALA A 451 -2.07 -9.54 -13.00
CA ALA A 451 -2.66 -9.54 -14.33
C ALA A 451 -2.58 -10.92 -14.97
N ILE A 452 -1.48 -11.63 -14.73
CA ILE A 452 -1.34 -12.99 -15.24
C ILE A 452 -2.31 -13.92 -14.54
N GLN A 453 -2.55 -13.71 -13.24
CA GLN A 453 -3.53 -14.51 -12.52
C GLN A 453 -4.92 -14.29 -13.09
N ALA A 454 -5.27 -13.03 -13.39
CA ALA A 454 -6.58 -12.70 -13.92
C ALA A 454 -6.76 -13.25 -15.34
N GLN A 455 -5.70 -13.15 -16.15
CA GLN A 455 -5.74 -13.73 -17.49
C GLN A 455 -5.90 -15.24 -17.42
N ASP A 456 -5.16 -15.89 -16.52
CA ASP A 456 -5.30 -17.32 -16.33
C ASP A 456 -6.71 -17.68 -15.85
N PHE A 457 -7.25 -16.87 -14.94
CA PHE A 457 -8.55 -17.16 -14.36
C PHE A 457 -9.63 -17.23 -15.43
N PHE A 458 -9.68 -16.22 -16.28
CA PHE A 458 -10.74 -16.12 -17.27
C PHE A 458 -10.50 -17.06 -18.46
N PHE A 459 -9.31 -16.99 -19.07
CA PHE A 459 -9.08 -17.70 -20.31
C PHE A 459 -8.98 -19.21 -20.11
N ARG A 460 -8.18 -19.64 -19.13
CA ARG A 460 -7.96 -21.07 -18.93
C ARG A 460 -8.94 -21.68 -17.93
N LYS A 461 -9.17 -21.03 -16.79
CA LYS A 461 -9.94 -21.64 -15.72
C LYS A 461 -11.45 -21.48 -15.88
N ILE A 462 -11.90 -20.67 -16.84
CA ILE A 462 -13.33 -20.52 -17.09
C ILE A 462 -13.63 -20.86 -18.55
N ILE A 463 -13.06 -20.09 -19.48
CA ILE A 463 -13.41 -20.25 -20.89
C ILE A 463 -12.97 -21.63 -21.39
N ARG A 464 -11.66 -21.91 -21.30
CA ARG A 464 -11.19 -23.23 -21.73
C ARG A 464 -11.88 -24.34 -20.98
N ASP A 465 -12.22 -24.11 -19.71
CA ASP A 465 -12.93 -25.08 -18.88
C ASP A 465 -14.41 -25.16 -19.21
N LYS A 466 -14.92 -24.31 -20.09
CA LYS A 466 -16.33 -24.31 -20.46
C LYS A 466 -17.23 -24.00 -19.26
N GLY A 467 -16.71 -23.22 -18.30
CA GLY A 467 -17.49 -22.75 -17.18
C GLY A 467 -17.97 -23.78 -16.20
N GLN A 468 -17.41 -24.99 -16.23
CA GLN A 468 -17.94 -26.08 -15.41
C GLN A 468 -17.57 -25.88 -13.93
N ALA A 469 -16.28 -25.64 -13.65
CA ALA A 469 -15.89 -25.39 -12.27
C ALA A 469 -16.51 -24.11 -11.74
N LEU A 470 -16.60 -23.08 -12.59
CA LEU A 470 -17.27 -21.85 -12.19
C LEU A 470 -18.75 -22.10 -11.93
N ALA A 471 -19.41 -22.89 -12.78
CA ALA A 471 -20.81 -23.19 -12.58
C ALA A 471 -21.04 -24.01 -11.32
N TYR A 472 -20.08 -24.87 -10.95
CA TYR A 472 -20.22 -25.61 -9.71
C TYR A 472 -20.19 -24.67 -8.50
N VAL A 473 -19.22 -23.75 -8.45
CA VAL A 473 -19.11 -22.89 -7.28
C VAL A 473 -20.32 -21.96 -7.20
N ALA A 474 -20.74 -21.39 -8.33
CA ALA A 474 -21.95 -20.58 -8.35
C ALA A 474 -23.15 -21.37 -7.83
N GLY A 475 -23.19 -22.68 -8.08
CA GLY A 475 -24.31 -23.48 -7.62
C GLY A 475 -24.34 -23.63 -6.11
N GLU A 476 -23.18 -23.75 -5.48
CA GLU A 476 -23.12 -23.84 -4.03
C GLU A 476 -23.53 -22.52 -3.39
N ILE A 477 -23.15 -21.40 -4.01
CA ILE A 477 -23.51 -20.10 -3.47
C ILE A 477 -25.03 -19.91 -3.55
N GLU A 478 -25.60 -20.24 -4.71
CA GLU A 478 -27.04 -20.11 -4.89
C GLU A 478 -27.81 -21.06 -4.01
N GLN A 479 -27.22 -22.21 -3.66
CA GLN A 479 -27.89 -23.13 -2.74
C GLN A 479 -27.97 -22.52 -1.35
N PHE A 480 -26.86 -21.95 -0.86
CA PHE A 480 -26.89 -21.28 0.42
C PHE A 480 -27.93 -20.16 0.41
N ILE A 481 -28.02 -19.44 -0.70
CA ILE A 481 -28.92 -18.30 -0.77
C ILE A 481 -30.37 -18.74 -0.59
N LYS A 482 -30.71 -19.94 -1.05
CA LYS A 482 -32.10 -20.37 -1.03
C LYS A 482 -32.47 -21.18 0.21
N ASN A 483 -31.52 -21.49 1.08
CA ASN A 483 -31.83 -22.06 2.39
C ASN A 483 -32.72 -23.30 2.30
N GLY A 488 -33.62 -16.79 9.29
CA GLY A 488 -34.10 -15.47 8.93
C GLY A 488 -33.29 -14.33 9.51
N ARG A 489 -32.50 -14.64 10.54
CA ARG A 489 -31.48 -13.69 10.98
C ARG A 489 -30.39 -13.48 9.95
N LEU A 490 -30.35 -14.33 8.91
CA LEU A 490 -29.40 -14.21 7.81
C LEU A 490 -30.10 -13.85 6.49
N LYS A 491 -31.32 -13.32 6.58
CA LYS A 491 -32.07 -12.97 5.37
C LYS A 491 -31.41 -11.82 4.62
N THR A 492 -31.02 -10.76 5.35
CA THR A 492 -30.42 -9.61 4.68
C THR A 492 -29.13 -9.99 3.98
N GLU A 493 -28.30 -10.82 4.62
CA GLU A 493 -27.06 -11.27 3.97
C GLU A 493 -27.36 -12.05 2.70
N ARG A 494 -28.29 -13.00 2.77
CA ARG A 494 -28.64 -13.78 1.59
C ARG A 494 -29.19 -12.89 0.47
N GLU A 495 -29.92 -11.84 0.82
CA GLU A 495 -30.38 -10.91 -0.20
C GLU A 495 -29.20 -10.22 -0.87
N LEU A 496 -28.26 -9.71 -0.07
CA LEU A 496 -27.10 -9.03 -0.62
C LEU A 496 -26.20 -9.99 -1.40
N LEU A 497 -26.12 -11.25 -0.99
CA LEU A 497 -25.31 -12.21 -1.75
C LEU A 497 -25.99 -12.53 -3.08
N ALA A 498 -27.32 -12.56 -3.10
CA ALA A 498 -28.01 -12.78 -4.38
C ALA A 498 -27.66 -11.69 -5.37
N THR A 499 -27.75 -10.44 -4.94
CA THR A 499 -27.29 -9.30 -5.75
C THR A 499 -25.85 -9.50 -6.19
N ALA A 500 -24.96 -9.82 -5.26
CA ALA A 500 -23.54 -9.98 -5.60
C ALA A 500 -23.35 -11.11 -6.61
N LEU A 501 -24.06 -12.22 -6.45
CA LEU A 501 -23.94 -13.33 -7.38
C LEU A 501 -24.35 -12.93 -8.79
N ALA A 502 -25.51 -12.25 -8.92
CA ALA A 502 -25.95 -11.80 -10.22
C ALA A 502 -24.94 -10.82 -10.82
N ASP A 503 -24.41 -9.91 -9.97
CA ASP A 503 -23.42 -8.96 -10.45
C ASP A 503 -22.22 -9.67 -11.08
N VAL A 504 -21.77 -10.78 -10.48
CA VAL A 504 -20.63 -11.49 -11.04
C VAL A 504 -21.04 -12.26 -12.29
N GLN A 505 -22.23 -12.88 -12.28
CA GLN A 505 -22.73 -13.49 -13.51
C GLN A 505 -22.72 -12.48 -14.66
N GLY A 506 -23.17 -11.25 -14.38
CA GLY A 506 -23.16 -10.21 -15.41
C GLY A 506 -21.75 -9.93 -15.91
N MET A 507 -20.81 -9.69 -14.99
CA MET A 507 -19.43 -9.45 -15.41
C MET A 507 -18.92 -10.58 -16.28
N ALA A 508 -19.22 -11.82 -15.90
CA ALA A 508 -18.79 -12.97 -16.68
C ALA A 508 -19.38 -12.94 -18.08
N ALA A 509 -20.66 -12.54 -18.19
CA ALA A 509 -21.32 -12.53 -19.49
C ALA A 509 -20.80 -11.40 -20.37
N SER A 510 -20.62 -10.21 -19.80
CA SER A 510 -20.01 -9.11 -20.56
C SER A 510 -18.64 -9.52 -21.13
N LEU A 511 -17.76 -10.04 -20.26
CA LEU A 511 -16.42 -10.38 -20.67
C LEU A 511 -16.42 -11.49 -21.74
N THR A 512 -17.21 -12.55 -21.54
CA THR A 512 -17.33 -13.57 -22.55
C THR A 512 -17.81 -12.96 -23.87
N GLY A 513 -18.75 -12.04 -23.80
CA GLY A 513 -19.19 -11.35 -25.00
C GLY A 513 -18.05 -10.62 -25.70
N TYR A 514 -17.25 -9.87 -24.94
CA TYR A 514 -16.12 -9.17 -25.53
C TYR A 514 -15.16 -10.14 -26.22
N LEU A 515 -14.95 -11.32 -25.62
CA LEU A 515 -14.02 -12.28 -26.20
C LEU A 515 -14.56 -12.88 -27.48
N MET A 516 -15.78 -13.42 -27.44
CA MET A 516 -16.34 -14.08 -28.62
C MET A 516 -16.45 -13.10 -29.78
N ALA A 517 -16.81 -11.85 -29.49
CA ALA A 517 -16.93 -10.85 -30.54
C ALA A 517 -15.60 -10.52 -31.20
N ALA A 518 -14.48 -10.96 -30.63
CA ALA A 518 -13.20 -10.72 -31.27
C ALA A 518 -13.06 -11.50 -32.57
N GLN A 519 -13.93 -12.49 -32.81
CA GLN A 519 -13.88 -13.22 -34.07
C GLN A 519 -14.20 -12.30 -35.24
N GLU A 520 -15.16 -11.40 -35.07
CA GLU A 520 -15.53 -10.44 -36.10
C GLU A 520 -14.92 -9.06 -35.87
N ASP A 521 -14.20 -8.85 -34.76
CA ASP A 521 -13.56 -7.56 -34.50
C ASP A 521 -12.45 -7.79 -33.46
N ALA A 522 -11.23 -8.01 -33.96
CA ALA A 522 -10.14 -8.49 -33.09
C ALA A 522 -9.90 -7.58 -31.89
N ALA A 523 -10.01 -6.26 -32.07
CA ALA A 523 -9.75 -5.34 -30.97
C ALA A 523 -10.68 -5.56 -29.79
N SER A 524 -11.80 -6.25 -30.00
CA SER A 524 -12.75 -6.50 -28.92
C SER A 524 -12.09 -7.20 -27.74
N ILE A 525 -11.02 -7.97 -27.99
CA ILE A 525 -10.39 -8.73 -26.94
C ILE A 525 -9.72 -7.84 -25.90
N TYR A 526 -9.45 -6.58 -26.23
CA TYR A 526 -8.82 -5.68 -25.28
C TYR A 526 -9.74 -5.41 -24.09
N LYS A 527 -11.06 -5.46 -24.30
CA LYS A 527 -11.99 -5.20 -23.20
C LYS A 527 -11.93 -6.31 -22.17
N VAL A 528 -11.53 -7.53 -22.58
CA VAL A 528 -11.31 -8.59 -21.61
C VAL A 528 -10.12 -8.28 -20.73
N GLY A 529 -9.02 -7.83 -21.34
CA GLY A 529 -7.87 -7.43 -20.54
C GLY A 529 -8.20 -6.28 -19.60
N LEU A 530 -8.99 -5.31 -20.08
CA LEU A 530 -9.31 -4.14 -19.27
C LEU A 530 -10.11 -4.52 -18.03
N GLY A 531 -10.94 -5.55 -18.12
CA GLY A 531 -11.81 -5.90 -17.03
C GLY A 531 -11.44 -7.13 -16.24
N SER A 532 -10.37 -7.83 -16.65
CA SER A 532 -10.12 -9.16 -16.10
C SER A 532 -9.72 -9.09 -14.63
N VAL A 533 -8.90 -8.11 -14.28
CA VAL A 533 -8.43 -8.01 -12.89
C VAL A 533 -9.58 -7.61 -11.97
N ARG A 534 -10.39 -6.64 -12.37
CA ARG A 534 -11.56 -6.29 -11.58
C ARG A 534 -12.51 -7.46 -11.44
N PHE A 535 -12.61 -8.30 -12.48
CA PHE A 535 -13.47 -9.47 -12.41
C PHE A 535 -12.93 -10.48 -11.40
N LEU A 536 -11.61 -10.72 -11.44
CA LEU A 536 -11.00 -11.61 -10.46
C LEU A 536 -11.27 -11.16 -9.04
N MET A 537 -11.17 -9.84 -8.79
CA MET A 537 -11.36 -9.33 -7.44
C MET A 537 -12.82 -9.44 -7.01
N ALA A 538 -13.75 -9.25 -7.95
CA ALA A 538 -15.17 -9.36 -7.61
C ALA A 538 -15.51 -10.79 -7.19
N VAL A 539 -14.98 -11.78 -7.90
CA VAL A 539 -15.21 -13.16 -7.49
C VAL A 539 -14.62 -13.40 -6.11
N GLY A 540 -13.44 -12.85 -5.84
CA GLY A 540 -12.88 -12.95 -4.51
C GLY A 540 -13.77 -12.33 -3.46
N ASP A 541 -14.33 -11.16 -3.74
CA ASP A 541 -15.25 -10.53 -2.79
C ASP A 541 -16.51 -11.37 -2.64
N LEU A 542 -17.00 -11.95 -3.73
CA LEU A 542 -18.20 -12.80 -3.65
C LEU A 542 -17.94 -14.03 -2.79
N LEU A 543 -16.78 -14.69 -3.01
CA LEU A 543 -16.45 -15.89 -2.25
C LEU A 543 -16.29 -15.57 -0.77
N SER A 544 -15.61 -14.46 -0.45
CA SER A 544 -15.48 -14.05 0.93
C SER A 544 -16.85 -13.82 1.55
N GLY A 545 -17.71 -13.06 0.88
CA GLY A 545 -19.04 -12.84 1.39
C GLY A 545 -19.78 -14.13 1.64
N TRP A 546 -19.70 -15.06 0.68
CA TRP A 546 -20.36 -16.36 0.83
C TRP A 546 -19.82 -17.10 2.04
N LEU A 547 -18.49 -17.26 2.12
CA LEU A 547 -17.91 -18.10 3.16
C LEU A 547 -18.15 -17.51 4.55
N LEU A 548 -18.00 -16.20 4.71
CA LEU A 548 -18.32 -15.57 6.00
C LEU A 548 -19.77 -15.81 6.38
N ALA A 549 -20.68 -15.69 5.41
CA ALA A 549 -22.09 -15.96 5.67
C ALA A 549 -22.32 -17.41 6.07
N ARG A 550 -21.60 -18.35 5.44
CA ARG A 550 -21.66 -19.75 5.88
C ARG A 550 -21.19 -19.88 7.32
N GLN A 551 -20.08 -19.21 7.65
CA GLN A 551 -19.56 -19.23 9.02
C GLN A 551 -20.58 -18.67 10.01
N ALA A 552 -21.27 -17.60 9.62
CA ALA A 552 -22.30 -17.03 10.49
C ALA A 552 -23.43 -18.02 10.73
N ALA A 553 -23.78 -18.80 9.71
CA ALA A 553 -24.85 -19.78 9.85
C ALA A 553 -24.49 -20.85 10.87
N VAL A 554 -23.24 -21.32 10.84
CA VAL A 554 -22.79 -22.26 11.87
C VAL A 554 -22.71 -21.57 13.23
N ALA A 555 -22.25 -20.32 13.24
CA ALA A 555 -22.17 -19.58 14.49
C ALA A 555 -23.55 -19.40 15.12
N ILE A 556 -24.57 -19.17 14.30
CA ILE A 556 -25.93 -19.06 14.81
C ILE A 556 -26.36 -20.37 15.46
N GLU A 557 -26.11 -21.49 14.76
CA GLU A 557 -26.46 -22.79 15.31
C GLU A 557 -25.74 -23.05 16.62
N LYS A 558 -24.47 -22.65 16.70
CA LYS A 558 -23.67 -22.97 17.89
C LYS A 558 -24.10 -22.13 19.08
N LEU A 559 -24.47 -20.86 18.85
CA LEU A 559 -24.99 -20.04 19.94
C LEU A 559 -26.38 -20.52 20.36
N ASP A 560 -27.22 -20.90 19.39
CA ASP A 560 -28.50 -21.51 19.73
C ASP A 560 -28.33 -22.75 20.59
N ALA A 561 -27.25 -23.51 20.38
CA ALA A 561 -26.99 -24.71 21.17
C ALA A 561 -26.36 -24.42 22.53
N GLY A 562 -26.10 -23.17 22.86
CA GLY A 562 -25.70 -22.79 24.19
C GLY A 562 -24.27 -22.36 24.41
N ALA A 563 -23.54 -21.99 23.36
CA ALA A 563 -22.14 -21.61 23.51
C ALA A 563 -21.99 -20.47 24.49
N THR A 564 -20.92 -20.53 25.28
CA THR A 564 -20.67 -19.53 26.32
C THR A 564 -19.22 -19.04 26.24
N GLY A 565 -18.95 -17.96 26.96
CA GLY A 565 -17.58 -17.54 27.19
C GLY A 565 -16.86 -17.20 25.90
N ALA A 566 -15.60 -17.65 25.82
CA ALA A 566 -14.75 -17.29 24.69
C ALA A 566 -15.30 -17.86 23.39
N ASP A 567 -15.90 -19.07 23.45
CA ASP A 567 -16.57 -19.60 22.27
C ASP A 567 -17.64 -18.64 21.78
N LYS A 568 -18.57 -18.28 22.67
CA LYS A 568 -19.64 -17.36 22.33
C LYS A 568 -19.10 -16.10 21.66
N SER A 569 -18.02 -15.54 22.19
CA SER A 569 -17.46 -14.32 21.61
C SER A 569 -17.01 -14.56 20.18
N PHE A 570 -16.37 -15.71 19.93
CA PHE A 570 -15.92 -16.06 18.60
C PHE A 570 -17.10 -16.13 17.63
N TYR A 571 -18.17 -16.85 18.02
CA TYR A 571 -19.32 -17.01 17.14
C TYR A 571 -20.01 -15.68 16.88
N GLU A 572 -20.05 -14.81 17.90
CA GLU A 572 -20.65 -13.49 17.74
C GLU A 572 -19.88 -12.64 16.72
N GLY A 573 -18.55 -12.73 16.74
CA GLY A 573 -17.77 -11.98 15.78
C GLY A 573 -17.98 -12.45 14.36
N LYS A 574 -18.19 -13.75 14.18
CA LYS A 574 -18.45 -14.27 12.83
C LYS A 574 -19.75 -13.69 12.28
N ILE A 575 -20.77 -13.57 13.14
CA ILE A 575 -22.04 -12.98 12.71
C ILE A 575 -21.85 -11.52 12.35
N ALA A 576 -21.11 -10.78 13.17
CA ALA A 576 -20.84 -9.37 12.89
C ALA A 576 -20.01 -9.21 11.62
N ALA A 577 -18.99 -10.06 11.45
CA ALA A 577 -18.14 -9.98 10.27
C ALA A 577 -18.93 -10.27 9.00
N ALA A 578 -19.78 -11.30 9.03
CA ALA A 578 -20.54 -11.68 7.85
C ALA A 578 -21.49 -10.59 7.42
N SER A 579 -22.24 -10.01 8.37
CA SER A 579 -23.16 -8.95 8.06
C SER A 579 -22.43 -7.68 7.62
N PHE A 580 -21.35 -7.35 8.32
CA PHE A 580 -20.62 -6.16 7.94
C PHE A 580 -20.07 -6.28 6.52
N PHE A 581 -19.50 -7.44 6.19
CA PHE A 581 -18.94 -7.62 4.86
C PHE A 581 -20.02 -7.57 3.79
N ALA A 582 -21.19 -8.13 4.09
CA ALA A 582 -22.28 -8.09 3.12
C ALA A 582 -22.81 -6.67 2.93
N LYS A 583 -22.81 -5.85 4.00
CA LYS A 583 -23.38 -4.52 3.93
C LYS A 583 -22.41 -3.45 3.45
N ASN A 584 -21.10 -3.70 3.56
CA ASN A 584 -20.10 -2.66 3.32
C ASN A 584 -19.15 -2.97 2.17
N MET A 585 -19.02 -4.24 1.78
CA MET A 585 -18.16 -4.64 0.69
C MET A 585 -18.93 -5.09 -0.54
N LEU A 586 -19.88 -5.99 -0.37
CA LEU A 586 -20.53 -6.61 -1.51
C LEU A 586 -21.27 -5.64 -2.43
N PRO A 587 -21.97 -4.62 -1.94
CA PRO A 587 -22.76 -3.78 -2.87
C PRO A 587 -21.93 -3.13 -3.96
N LEU A 588 -20.66 -2.79 -3.68
CA LEU A 588 -19.82 -2.12 -4.67
C LEU A 588 -19.69 -2.95 -5.95
N LEU A 589 -19.90 -4.26 -5.89
CA LEU A 589 -19.85 -5.10 -7.07
C LEU A 589 -20.86 -4.68 -8.12
N THR A 590 -22.00 -4.10 -7.71
CA THR A 590 -23.01 -3.67 -8.67
C THR A 590 -22.45 -2.58 -9.58
N SER A 591 -21.83 -1.55 -9.01
CA SER A 591 -21.21 -0.51 -9.83
C SER A 591 -20.08 -1.09 -10.68
N THR A 592 -19.33 -2.04 -10.12
CA THR A 592 -18.23 -2.62 -10.88
C THR A 592 -18.73 -3.40 -12.09
N ARG A 593 -19.86 -4.09 -11.94
CA ARG A 593 -20.46 -4.73 -13.11
C ARG A 593 -20.86 -3.70 -14.16
N GLN A 594 -21.55 -2.65 -13.74
CA GLN A 594 -21.98 -1.64 -14.70
C GLN A 594 -20.81 -0.98 -15.38
N ILE A 595 -19.68 -0.86 -14.67
CA ILE A 595 -18.46 -0.33 -15.28
C ILE A 595 -17.93 -1.32 -16.31
N ILE A 596 -17.92 -2.61 -15.97
CA ILE A 596 -17.44 -3.62 -16.90
C ILE A 596 -18.37 -3.72 -18.11
N GLU A 597 -19.67 -3.47 -17.92
CA GLU A 597 -20.62 -3.54 -19.01
C GLU A 597 -20.52 -2.38 -19.99
N ASN A 598 -19.71 -1.34 -19.67
CA ASN A 598 -19.55 -0.22 -20.58
C ASN A 598 -18.08 0.07 -20.91
N LEU A 599 -17.19 -0.91 -20.72
CA LEU A 599 -15.81 -0.74 -21.17
C LEU A 599 -15.74 -0.47 -22.67
N ASP A 600 -14.79 0.37 -23.06
CA ASP A 600 -14.54 0.71 -24.46
C ASP A 600 -13.03 0.82 -24.65
N ASN A 601 -12.61 0.89 -25.91
CA ASN A 601 -11.20 0.84 -26.24
C ASN A 601 -10.59 2.22 -26.52
N ASP A 602 -11.24 3.29 -26.06
CA ASP A 602 -10.61 4.61 -26.08
C ASP A 602 -9.20 4.57 -25.51
N VAL A 603 -9.02 3.91 -24.35
CA VAL A 603 -7.72 3.85 -23.72
C VAL A 603 -6.73 3.05 -24.54
N MET A 604 -7.22 2.16 -25.41
CA MET A 604 -6.35 1.36 -26.27
C MET A 604 -5.97 2.11 -27.54
N GLU A 605 -6.87 2.95 -28.06
CA GLU A 605 -6.61 3.70 -29.29
C GLU A 605 -5.76 4.94 -29.05
N LEU A 606 -5.68 5.42 -27.81
CA LEU A 606 -4.93 6.63 -27.50
C LEU A 606 -3.44 6.47 -27.83
N ASP A 607 -2.86 7.52 -28.41
CA ASP A 607 -1.42 7.52 -28.69
C ASP A 607 -0.62 7.36 -27.41
N GLU A 608 0.38 6.49 -27.45
CA GLU A 608 1.28 6.31 -26.31
C GLU A 608 1.82 7.65 -25.81
N ALA A 609 2.13 8.58 -26.73
CA ALA A 609 2.71 9.86 -26.36
C ALA A 609 1.74 10.75 -25.59
N ALA A 610 0.44 10.44 -25.63
CA ALA A 610 -0.53 11.22 -24.88
C ALA A 610 -0.56 10.84 -23.40
N PHE A 611 0.10 9.75 -23.03
CA PHE A 611 0.28 9.39 -21.61
C PHE A 611 1.26 10.38 -20.99
N SER B 2 18.69 11.28 -10.45
CA SER B 2 17.62 11.67 -11.35
C SER B 2 16.47 10.66 -11.33
N HIS B 3 16.09 10.24 -10.13
CA HIS B 3 14.84 9.51 -9.97
C HIS B 3 13.63 10.40 -10.24
N TYR B 4 13.76 11.70 -9.97
CA TYR B 4 12.61 12.58 -9.97
C TYR B 4 12.24 12.99 -11.39
N LYS B 5 11.00 12.74 -11.78
CA LYS B 5 10.49 13.14 -13.08
C LYS B 5 9.47 14.25 -12.87
N SER B 6 9.81 15.46 -13.38
CA SER B 6 9.02 16.66 -13.22
C SER B 6 7.86 16.69 -14.21
N ASN B 7 6.97 17.66 -14.02
CA ASN B 7 5.88 17.93 -14.95
C ASN B 7 5.52 19.42 -14.85
N VAL B 8 6.44 20.28 -15.28
CA VAL B 8 6.15 21.71 -15.34
C VAL B 8 4.99 21.97 -16.30
N ARG B 9 4.95 21.22 -17.40
CA ARG B 9 3.93 21.42 -18.43
C ARG B 9 2.54 21.38 -17.84
N ASP B 10 2.23 20.36 -17.04
CA ASP B 10 0.91 20.24 -16.45
C ASP B 10 0.65 21.34 -15.43
N GLN B 11 1.69 21.75 -14.70
CA GLN B 11 1.54 22.85 -13.74
C GLN B 11 1.13 24.13 -14.44
N VAL B 12 1.84 24.48 -15.52
CA VAL B 12 1.53 25.71 -16.24
C VAL B 12 0.15 25.63 -16.87
N PHE B 13 -0.18 24.48 -17.48
CA PHE B 13 -1.52 24.28 -18.03
C PHE B 13 -2.59 24.59 -16.99
N ASN B 14 -2.46 24.02 -15.79
CA ASN B 14 -3.39 24.32 -14.71
C ASN B 14 -3.37 25.80 -14.37
N LEU B 15 -2.18 26.34 -14.08
CA LEU B 15 -2.08 27.70 -13.54
C LEU B 15 -2.63 28.73 -14.51
N PHE B 16 -2.41 28.53 -15.80
CA PHE B 16 -2.70 29.55 -16.79
C PHE B 16 -3.91 29.21 -17.67
N GLU B 17 -3.89 28.06 -18.34
CA GLU B 17 -4.97 27.74 -19.26
C GLU B 17 -6.26 27.31 -18.58
N VAL B 18 -6.19 26.81 -17.33
CA VAL B 18 -7.39 26.36 -16.64
C VAL B 18 -7.86 27.38 -15.61
N PHE B 19 -6.98 27.76 -14.68
CA PHE B 19 -7.37 28.66 -13.60
C PHE B 19 -7.06 30.12 -13.86
N GLY B 20 -6.20 30.41 -14.82
CA GLY B 20 -5.92 31.79 -15.19
C GLY B 20 -5.23 32.61 -14.14
N VAL B 21 -4.33 31.99 -13.36
CA VAL B 21 -3.60 32.72 -12.34
C VAL B 21 -2.75 33.83 -12.95
N ASP B 22 -2.39 33.71 -14.22
CA ASP B 22 -1.61 34.77 -14.86
C ASP B 22 -2.37 36.10 -14.91
N LYS B 23 -3.68 36.09 -14.63
CA LYS B 23 -4.45 37.33 -14.68
C LYS B 23 -3.96 38.33 -13.63
N VAL B 24 -3.47 37.85 -12.48
CA VAL B 24 -2.99 38.77 -11.46
C VAL B 24 -1.50 39.04 -11.54
N LEU B 25 -0.78 38.35 -12.43
CA LEU B 25 0.65 38.55 -12.57
C LEU B 25 0.94 39.85 -13.31
N GLY B 26 1.94 40.58 -12.82
CA GLY B 26 2.27 41.88 -13.36
C GLY B 26 1.47 43.04 -12.81
N ALA B 27 0.48 42.77 -11.97
CA ALA B 27 -0.38 43.81 -11.44
C ALA B 27 -0.48 43.71 -9.93
N ASP B 28 -0.53 44.86 -9.27
CA ASP B 28 -0.87 44.94 -7.82
C ASP B 28 0.27 44.26 -7.04
N LYS B 29 -0.07 43.51 -6.00
CA LYS B 29 0.88 42.81 -5.14
C LYS B 29 1.94 42.09 -5.97
N PHE B 30 1.57 41.60 -7.14
CA PHE B 30 2.50 40.94 -8.06
C PHE B 30 2.92 41.84 -9.20
N SER B 31 3.09 43.13 -8.97
CA SER B 31 3.46 44.11 -10.03
C SER B 31 4.76 43.72 -10.70
N ASP B 32 5.71 43.20 -9.93
CA ASP B 32 7.07 42.93 -10.46
C ASP B 32 7.27 41.46 -10.77
N LEU B 33 6.24 40.69 -11.10
CA LEU B 33 6.43 39.30 -11.51
C LEU B 33 5.35 38.96 -12.52
N ASP B 34 5.76 38.54 -13.71
CA ASP B 34 4.83 38.31 -14.81
C ASP B 34 4.86 36.85 -15.25
N ALA B 35 3.94 36.53 -16.18
CA ALA B 35 3.70 35.15 -16.54
C ALA B 35 4.97 34.43 -16.97
N ASP B 36 5.82 35.11 -17.76
CA ASP B 36 7.01 34.46 -18.29
C ASP B 36 8.10 34.33 -17.24
N THR B 37 8.15 35.23 -16.26
CA THR B 37 9.04 34.99 -15.13
C THR B 37 8.55 33.80 -14.31
N ALA B 38 7.23 33.65 -14.19
CA ALA B 38 6.67 32.51 -13.46
C ALA B 38 7.07 31.20 -14.12
N ARG B 39 6.99 31.13 -15.45
CA ARG B 39 7.35 29.90 -16.15
C ARG B 39 8.82 29.56 -15.92
N GLU B 40 9.69 30.58 -15.90
CA GLU B 40 11.12 30.37 -15.77
C GLU B 40 11.48 29.90 -14.36
N MET B 41 10.79 30.42 -13.34
CA MET B 41 11.02 29.97 -11.98
C MET B 41 10.66 28.48 -11.81
N LEU B 42 9.52 28.08 -12.36
CA LEU B 42 9.12 26.68 -12.30
C LEU B 42 10.15 25.80 -12.99
N THR B 43 10.56 26.20 -14.20
CA THR B 43 11.56 25.43 -14.93
C THR B 43 12.88 25.35 -14.16
N GLU B 44 13.27 26.45 -13.53
CA GLU B 44 14.55 26.48 -12.82
C GLU B 44 14.54 25.56 -11.61
N ILE B 45 13.51 25.65 -10.78
CA ILE B 45 13.48 24.80 -9.59
C ILE B 45 13.23 23.35 -9.96
N ALA B 46 12.60 23.11 -11.11
CA ALA B 46 12.46 21.73 -11.59
C ALA B 46 13.81 21.16 -12.00
N ARG B 47 14.64 21.96 -12.65
CA ARG B 47 15.99 21.50 -12.99
C ARG B 47 16.82 21.27 -11.72
N LEU B 48 16.77 22.21 -10.77
CA LEU B 48 17.46 22.02 -9.50
C LEU B 48 16.95 20.79 -8.78
N ALA B 49 15.63 20.59 -8.75
CA ALA B 49 15.08 19.41 -8.09
C ALA B 49 15.56 18.14 -8.78
N GLU B 50 15.51 18.12 -10.12
CA GLU B 50 15.92 16.93 -10.86
C GLU B 50 17.42 16.66 -10.70
N GLY B 51 18.22 17.67 -10.38
CA GLY B 51 19.64 17.51 -10.23
C GLY B 51 20.06 17.46 -8.78
N PRO B 52 20.67 18.55 -8.29
CA PRO B 52 21.26 18.52 -6.94
C PRO B 52 20.34 18.00 -5.85
N ILE B 53 19.05 18.32 -5.90
CA ILE B 53 18.17 17.95 -4.79
C ILE B 53 17.85 16.45 -4.83
N ALA B 54 17.58 15.91 -6.01
CA ALA B 54 17.29 14.49 -6.13
C ALA B 54 18.52 13.61 -6.03
N GLU B 55 19.74 14.17 -6.14
CA GLU B 55 20.92 13.31 -6.12
C GLU B 55 21.07 12.56 -4.83
N SER B 56 20.58 13.12 -3.73
CA SER B 56 20.72 12.49 -2.42
C SER B 56 19.45 11.83 -1.93
N PHE B 57 18.44 11.68 -2.78
CA PHE B 57 17.21 11.00 -2.39
C PHE B 57 17.51 9.60 -1.85
N VAL B 58 18.26 8.81 -2.62
CA VAL B 58 18.59 7.45 -2.19
C VAL B 58 19.56 7.49 -1.03
N GLU B 59 20.54 8.41 -1.07
CA GLU B 59 21.56 8.44 -0.03
C GLU B 59 20.93 8.70 1.33
N GLY B 60 19.95 9.60 1.40
CA GLY B 60 19.31 9.89 2.67
C GLY B 60 18.62 8.68 3.26
N ASP B 61 18.02 7.86 2.40
CA ASP B 61 17.33 6.65 2.86
C ASP B 61 18.31 5.55 3.26
N ARG B 62 19.38 5.35 2.48
CA ARG B 62 20.33 4.31 2.80
C ARG B 62 21.29 4.72 3.91
N ASN B 63 21.53 6.01 4.07
CA ASN B 63 22.50 6.57 5.02
C ASN B 63 21.79 7.55 5.93
N PRO B 64 20.89 7.08 6.78
CA PRO B 64 20.04 8.00 7.51
C PRO B 64 20.80 8.66 8.65
N PRO B 65 20.23 9.72 9.23
CA PRO B 65 20.91 10.42 10.31
C PRO B 65 21.30 9.50 11.46
N VAL B 66 22.40 9.85 12.11
CA VAL B 66 22.88 9.13 13.27
C VAL B 66 22.86 10.06 14.47
N PHE B 67 22.39 9.53 15.60
CA PHE B 67 22.16 10.30 16.81
C PHE B 67 23.32 10.09 17.77
N ASP B 68 23.89 11.19 18.28
CA ASP B 68 24.79 11.10 19.41
C ASP B 68 23.99 11.43 20.66
N PRO B 69 23.73 10.47 21.54
CA PRO B 69 22.85 10.76 22.69
C PRO B 69 23.49 11.65 23.73
N GLU B 70 24.81 11.80 23.74
CA GLU B 70 25.43 12.62 24.78
C GLU B 70 25.60 14.06 24.34
N THR B 71 25.81 14.32 23.05
CA THR B 71 25.70 15.68 22.55
C THR B 71 24.27 16.07 22.24
N HIS B 72 23.34 15.11 22.19
CA HIS B 72 21.95 15.37 21.80
C HIS B 72 21.88 16.03 20.43
N THR B 73 22.61 15.46 19.47
CA THR B 73 22.60 16.00 18.12
C THR B 73 22.56 14.87 17.10
N VAL B 74 22.37 15.26 15.86
CA VAL B 74 22.22 14.32 14.76
C VAL B 74 23.21 14.71 13.67
N THR B 75 23.89 13.70 13.12
CA THR B 75 24.74 13.88 11.95
C THR B 75 23.98 13.49 10.69
N LEU B 76 23.91 14.40 9.71
CA LEU B 76 23.26 14.10 8.45
C LEU B 76 24.29 13.68 7.41
N PRO B 77 23.88 12.85 6.44
CA PRO B 77 24.83 12.44 5.39
C PRO B 77 25.23 13.62 4.51
N GLU B 78 26.49 13.60 4.08
CA GLU B 78 27.06 14.74 3.37
C GLU B 78 26.25 15.10 2.13
N GLY B 79 25.94 14.12 1.29
CA GLY B 79 25.26 14.42 0.04
C GLY B 79 23.94 15.13 0.23
N PHE B 80 23.20 14.75 1.28
CA PHE B 80 21.93 15.41 1.57
C PHE B 80 22.14 16.85 2.01
N LYS B 81 23.18 17.10 2.84
CA LYS B 81 23.48 18.48 3.22
C LYS B 81 23.88 19.30 2.02
N LYS B 82 24.61 18.69 1.08
CA LYS B 82 24.95 19.37 -0.16
C LYS B 82 23.70 19.77 -0.93
N SER B 83 22.68 18.91 -0.96
CA SER B 83 21.41 19.28 -1.59
C SER B 83 20.74 20.43 -0.85
N MET B 84 20.80 20.41 0.49
CA MET B 84 20.23 21.51 1.27
C MET B 84 20.87 22.84 0.91
N ARG B 85 22.21 22.87 0.78
CA ARG B 85 22.88 24.12 0.43
C ARG B 85 22.49 24.59 -0.96
N ALA B 86 22.35 23.66 -1.91
CA ALA B 86 21.86 24.01 -3.23
C ALA B 86 20.51 24.72 -3.14
N LEU B 87 19.60 24.17 -2.34
CA LEU B 87 18.29 24.79 -2.15
C LEU B 87 18.41 26.20 -1.58
N PHE B 88 19.25 26.39 -0.58
CA PHE B 88 19.42 27.71 0.03
C PHE B 88 20.12 28.68 -0.93
N ASP B 89 21.16 28.21 -1.64
CA ASP B 89 21.92 29.10 -2.51
C ASP B 89 21.06 29.67 -3.61
N GLY B 90 20.10 28.90 -4.11
CA GLY B 90 19.10 29.41 -5.01
C GLY B 90 18.03 30.25 -4.35
N GLY B 91 18.04 30.34 -3.03
CA GLY B 91 17.06 31.12 -2.31
C GLY B 91 15.65 30.56 -2.30
N TRP B 92 15.50 29.25 -2.54
CA TRP B 92 14.17 28.67 -2.66
C TRP B 92 13.47 28.49 -1.33
N ASP B 93 14.16 28.67 -0.20
CA ASP B 93 13.45 28.71 1.08
C ASP B 93 12.68 30.02 1.27
N LYS B 94 12.67 30.89 0.26
CA LYS B 94 12.05 32.20 0.39
C LYS B 94 11.22 32.54 -0.84
N VAL B 95 10.48 31.55 -1.36
CA VAL B 95 9.46 31.79 -2.38
C VAL B 95 8.14 32.01 -1.68
N GLY B 96 7.42 33.05 -2.08
CA GLY B 96 6.20 33.43 -1.40
C GLY B 96 6.37 33.95 0.01
N LEU B 97 7.58 33.88 0.56
CA LEU B 97 7.85 34.58 1.81
C LEU B 97 7.52 36.05 1.66
N ALA B 98 7.06 36.66 2.75
CA ALA B 98 6.71 38.07 2.73
C ALA B 98 7.90 38.91 2.27
N GLU B 99 7.61 40.00 1.55
CA GLU B 99 8.67 40.81 0.99
C GLU B 99 9.57 41.41 2.07
N HIS B 100 8.98 41.81 3.20
CA HIS B 100 9.76 42.41 4.27
C HIS B 100 10.65 41.41 4.98
N LEU B 101 10.52 40.12 4.69
CA LEU B 101 11.43 39.10 5.20
C LEU B 101 12.44 38.64 4.15
N GLY B 102 12.53 39.34 3.02
CA GLY B 102 13.40 38.92 1.93
C GLY B 102 12.77 37.97 0.95
N GLY B 103 11.44 37.92 0.87
CA GLY B 103 10.79 37.00 -0.03
C GLY B 103 10.43 37.63 -1.36
N ILE B 104 10.12 36.78 -2.33
CA ILE B 104 9.61 37.20 -3.62
C ILE B 104 8.09 37.06 -3.59
N PRO B 105 7.33 38.15 -3.67
CA PRO B 105 5.86 38.01 -3.68
C PRO B 105 5.38 37.25 -4.90
N MET B 106 4.39 36.39 -4.70
CA MET B 106 3.81 35.60 -5.77
C MET B 106 2.51 34.97 -5.25
N PRO B 107 1.59 34.61 -6.16
CA PRO B 107 0.39 33.88 -5.73
C PRO B 107 0.78 32.55 -5.11
N ARG B 108 -0.03 32.11 -4.13
CA ARG B 108 0.26 30.86 -3.45
C ARG B 108 0.13 29.68 -4.41
N ALA B 109 -0.72 29.79 -5.42
CA ALA B 109 -0.81 28.74 -6.43
C ALA B 109 0.56 28.49 -7.07
N LEU B 110 1.28 29.57 -7.38
CA LEU B 110 2.61 29.42 -7.96
C LEU B 110 3.60 28.89 -6.94
N GLN B 111 3.50 29.36 -5.71
CA GLN B 111 4.42 28.94 -4.65
C GLN B 111 4.34 27.44 -4.41
N TRP B 112 3.12 26.93 -4.23
CA TRP B 112 2.96 25.50 -3.96
C TRP B 112 3.34 24.67 -5.18
N ALA B 113 3.12 25.19 -6.39
CA ALA B 113 3.60 24.52 -7.58
C ALA B 113 5.12 24.44 -7.60
N LEU B 114 5.80 25.52 -7.18
CA LEU B 114 7.26 25.47 -7.09
C LEU B 114 7.70 24.47 -6.04
N ILE B 115 7.03 24.42 -4.89
CA ILE B 115 7.41 23.52 -3.81
C ILE B 115 7.15 22.08 -4.21
N GLU B 116 6.19 21.85 -5.12
CA GLU B 116 5.91 20.49 -5.56
C GLU B 116 7.18 19.78 -6.02
N HIS B 117 8.11 20.54 -6.63
CA HIS B 117 9.28 19.91 -7.23
C HIS B 117 10.26 19.43 -6.17
N ILE B 118 10.40 20.19 -5.07
CA ILE B 118 11.26 19.75 -3.98
C ILE B 118 10.63 18.57 -3.26
N LEU B 119 9.33 18.66 -2.98
CA LEU B 119 8.61 17.55 -2.37
C LEU B 119 8.71 16.29 -3.22
N GLY B 120 8.75 16.45 -4.55
CA GLY B 120 8.86 15.28 -5.41
C GLY B 120 10.25 14.70 -5.47
N ALA B 121 11.27 15.54 -5.36
CA ALA B 121 12.65 15.09 -5.52
C ALA B 121 13.26 14.60 -4.22
N ASN B 122 12.87 15.18 -3.08
CA ASN B 122 13.46 14.88 -1.79
C ASN B 122 12.61 15.58 -0.73
N PRO B 123 11.44 15.02 -0.40
CA PRO B 123 10.50 15.77 0.47
C PRO B 123 11.09 16.24 1.77
N ALA B 124 11.96 15.45 2.40
CA ALA B 124 12.52 15.84 3.69
C ALA B 124 13.37 17.10 3.59
N ALA B 125 13.89 17.40 2.41
CA ALA B 125 14.67 18.63 2.24
C ALA B 125 13.78 19.86 2.44
N TYR B 126 12.54 19.80 1.95
CA TYR B 126 11.65 20.93 2.16
C TYR B 126 11.27 21.07 3.63
N MET B 127 11.08 19.94 4.32
CA MET B 127 10.71 19.99 5.73
C MET B 127 11.80 20.68 6.54
N TYR B 128 13.06 20.30 6.30
CA TYR B 128 14.18 20.99 6.97
C TYR B 128 14.19 22.47 6.63
N ALA B 129 13.75 22.84 5.42
CA ALA B 129 13.86 24.20 4.93
C ALA B 129 12.65 25.06 5.26
N MET B 130 11.77 24.60 6.14
CA MET B 130 10.52 25.30 6.44
C MET B 130 10.68 26.39 7.50
N GLY B 131 11.91 26.68 7.94
CA GLY B 131 12.16 27.69 8.95
C GLY B 131 11.61 29.06 8.64
N PRO B 132 12.07 29.66 7.53
CA PRO B 132 11.55 30.99 7.17
C PRO B 132 10.04 31.10 7.14
N GLY B 133 9.35 30.13 6.52
CA GLY B 133 7.90 30.15 6.50
C GLY B 133 7.27 30.13 7.89
N MET B 134 7.92 29.47 8.84
CA MET B 134 7.46 29.54 10.21
C MET B 134 7.77 30.90 10.83
N SER B 135 8.95 31.46 10.51
CA SER B 135 9.26 32.80 10.99
C SER B 135 8.19 33.80 10.58
N GLU B 136 7.63 33.63 9.39
CA GLU B 136 6.57 34.52 8.93
C GLU B 136 5.32 34.35 9.78
N ILE B 137 4.98 33.10 10.11
CA ILE B 137 3.82 32.86 10.96
C ILE B 137 4.06 33.40 12.36
N PHE B 138 5.25 33.16 12.90
CA PHE B 138 5.64 33.78 14.17
C PHE B 138 5.59 35.29 14.08
N TYR B 139 6.05 35.85 12.95
CA TYR B 139 5.94 37.28 12.71
C TYR B 139 4.48 37.74 12.77
N ASN B 140 3.62 37.10 11.99
CA ASN B 140 2.22 37.52 11.92
C ASN B 140 1.55 37.46 13.29
N ASN B 141 1.96 36.54 14.16
CA ASN B 141 1.34 36.38 15.47
C ASN B 141 2.08 37.08 16.59
N GLY B 142 3.24 37.69 16.31
CA GLY B 142 4.10 38.14 17.38
C GLY B 142 3.87 39.58 17.80
N THR B 143 4.39 39.90 18.99
CA THR B 143 4.55 41.30 19.38
C THR B 143 5.54 41.98 18.46
N ASP B 144 5.54 43.31 18.49
CA ASP B 144 6.53 44.08 17.73
C ASP B 144 7.93 43.60 18.05
N GLU B 145 8.24 43.43 19.34
CA GLU B 145 9.56 42.94 19.72
C GLU B 145 9.80 41.54 19.16
N GLN B 146 8.79 40.67 19.22
CA GLN B 146 8.94 39.35 18.62
C GLN B 146 9.09 39.43 17.10
N LYS B 147 8.45 40.41 16.45
CA LYS B 147 8.62 40.58 15.02
C LYS B 147 10.08 40.84 14.65
N LYS B 148 10.83 41.52 15.53
CA LYS B 148 12.26 41.69 15.28
C LYS B 148 12.99 40.34 15.29
N TRP B 149 12.66 39.48 16.25
CA TRP B 149 13.26 38.15 16.27
C TRP B 149 12.89 37.36 15.01
N ALA B 150 11.60 37.40 14.64
CA ALA B 150 11.16 36.71 13.43
C ALA B 150 11.92 37.19 12.20
N THR B 151 12.15 38.49 12.09
CA THR B 151 12.91 39.01 10.96
C THR B 151 14.33 38.45 10.97
N ILE B 152 14.97 38.44 12.14
CA ILE B 152 16.31 37.88 12.28
C ILE B 152 16.33 36.42 11.84
N ALA B 153 15.40 35.63 12.38
CA ALA B 153 15.36 34.19 12.05
C ALA B 153 15.22 33.99 10.55
N ALA B 154 14.37 34.78 9.91
CA ALA B 154 14.17 34.67 8.47
C ALA B 154 15.43 35.03 7.71
N GLU B 155 16.07 36.15 8.06
CA GLU B 155 17.28 36.56 7.36
C GLU B 155 18.38 35.52 7.53
N ARG B 156 18.54 35.00 8.75
CA ARG B 156 19.62 34.08 9.06
C ARG B 156 19.30 32.64 8.67
N GLY B 157 18.10 32.37 8.17
CA GLY B 157 17.78 31.02 7.73
C GLY B 157 17.69 30.00 8.84
N TRP B 158 17.22 30.41 10.01
CA TRP B 158 17.05 29.47 11.11
C TRP B 158 16.03 28.39 10.73
N GLY B 159 16.26 27.17 11.21
CA GLY B 159 15.28 26.12 11.13
C GLY B 159 14.17 26.32 12.16
N ALA B 160 13.18 25.43 12.12
CA ALA B 160 12.03 25.55 13.00
C ALA B 160 11.34 24.21 13.14
N THR B 161 10.58 24.08 14.23
CA THR B 161 9.80 22.89 14.49
C THR B 161 8.43 23.30 15.04
N MET B 162 7.45 22.41 14.87
CA MET B 162 6.17 22.50 15.54
C MET B 162 6.11 21.38 16.57
N VAL B 163 5.90 21.74 17.83
CA VAL B 163 6.06 20.81 18.95
C VAL B 163 4.72 20.67 19.64
N LEU B 164 3.99 19.61 19.29
CA LEU B 164 2.71 19.31 19.90
C LEU B 164 2.67 17.95 20.60
N THR B 165 3.16 16.92 19.92
CA THR B 165 2.84 15.55 20.27
C THR B 165 3.62 15.09 21.50
N GLU B 166 2.92 14.46 22.42
CA GLU B 166 3.49 13.74 23.54
C GLU B 166 3.07 12.28 23.45
N PRO B 167 3.75 11.39 24.18
CA PRO B 167 3.39 9.96 24.08
C PRO B 167 1.92 9.67 24.26
N ASP B 168 1.23 10.38 25.14
CA ASP B 168 -0.18 10.14 25.40
C ASP B 168 -1.10 11.17 24.75
N ALA B 169 -0.56 12.09 23.96
CA ALA B 169 -1.35 13.12 23.29
C ALA B 169 -0.85 13.26 21.86
N GLY B 170 -1.50 12.53 20.94
CA GLY B 170 -1.24 12.69 19.52
C GLY B 170 -2.41 13.34 18.81
N SER B 171 -3.42 12.54 18.47
CA SER B 171 -4.65 13.11 17.92
C SER B 171 -5.31 14.04 18.92
N ASP B 172 -5.32 13.64 20.21
CA ASP B 172 -5.94 14.43 21.26
C ASP B 172 -4.91 15.41 21.80
N VAL B 173 -4.65 16.46 21.01
CA VAL B 173 -3.66 17.46 21.41
C VAL B 173 -3.97 18.02 22.79
N GLY B 174 -5.26 18.17 23.12
CA GLY B 174 -5.67 18.77 24.37
C GLY B 174 -5.31 17.99 25.62
N ALA B 175 -4.82 16.77 25.48
CA ALA B 175 -4.43 15.96 26.63
C ALA B 175 -2.96 16.16 27.00
N GLY B 176 -2.24 17.02 26.29
CA GLY B 176 -0.82 17.20 26.55
C GLY B 176 -0.58 17.81 27.92
N ARG B 177 0.49 17.31 28.57
CA ARG B 177 0.78 17.70 29.94
C ARG B 177 2.07 18.51 30.08
N THR B 178 2.75 18.83 28.98
CA THR B 178 3.91 19.70 29.06
C THR B 178 3.50 21.01 29.72
N LYS B 179 4.29 21.46 30.69
CA LYS B 179 3.95 22.55 31.59
C LYS B 179 4.71 23.82 31.21
N ALA B 180 4.14 24.96 31.58
CA ALA B 180 4.78 26.26 31.40
C ALA B 180 4.70 27.04 32.70
N VAL B 181 5.86 27.44 33.22
CA VAL B 181 5.99 28.07 34.53
C VAL B 181 6.46 29.50 34.32
N GLN B 182 5.63 30.46 34.69
CA GLN B 182 5.97 31.85 34.43
C GLN B 182 7.01 32.37 35.40
N GLN B 183 7.96 33.11 34.89
CA GLN B 183 9.00 33.73 35.69
C GLN B 183 8.69 35.20 35.93
N PRO B 184 9.24 35.77 37.00
CA PRO B 184 8.94 37.18 37.31
C PRO B 184 9.17 38.14 36.15
N ASP B 185 10.21 37.90 35.35
CA ASP B 185 10.53 38.80 34.25
C ASP B 185 9.66 38.59 33.03
N GLY B 186 8.69 37.67 33.09
CA GLY B 186 7.78 37.47 31.98
C GLY B 186 8.11 36.32 31.06
N THR B 187 9.32 35.79 31.13
CA THR B 187 9.62 34.57 30.38
C THR B 187 8.92 33.40 31.04
N TRP B 188 8.96 32.25 30.35
CA TRP B 188 8.37 31.03 30.87
C TRP B 188 9.42 29.93 30.84
N HIS B 189 9.27 28.96 31.74
CA HIS B 189 10.11 27.77 31.76
C HIS B 189 9.24 26.58 31.38
N ILE B 190 9.63 25.89 30.30
CA ILE B 190 8.84 24.82 29.71
C ILE B 190 9.41 23.50 30.21
N GLU B 191 8.52 22.62 30.68
CA GLU B 191 8.92 21.38 31.33
C GLU B 191 8.04 20.24 30.81
N GLY B 192 8.65 19.30 30.10
CA GLY B 192 7.93 18.14 29.61
C GLY B 192 8.73 17.43 28.55
N VAL B 193 8.14 16.35 28.04
CA VAL B 193 8.75 15.53 27.00
C VAL B 193 7.79 15.45 25.83
N LYS B 194 8.27 15.83 24.65
CA LYS B 194 7.52 15.75 23.41
C LYS B 194 8.08 14.65 22.51
N ARG B 195 7.23 14.12 21.63
CA ARG B 195 7.54 12.92 20.86
C ARG B 195 7.30 13.16 19.38
N PHE B 196 8.11 12.49 18.57
CA PHE B 196 7.95 12.49 17.12
C PHE B 196 8.21 13.85 16.49
N ILE B 197 9.08 14.67 17.06
CA ILE B 197 9.23 16.05 16.57
C ILE B 197 10.14 16.05 15.35
N THR B 198 9.59 16.47 14.21
CA THR B 198 10.35 16.51 12.96
C THR B 198 11.34 17.67 12.97
N SER B 199 12.57 17.38 12.57
CA SER B 199 13.64 18.36 12.43
C SER B 199 14.07 18.97 13.76
N ALA B 200 13.81 18.29 14.88
CA ALA B 200 14.13 18.85 16.18
C ALA B 200 15.63 19.11 16.31
N ASP B 201 16.45 18.31 15.64
CA ASP B 201 17.85 18.66 15.41
C ASP B 201 18.18 18.40 13.94
N SER B 202 19.17 19.14 13.42
CA SER B 202 19.43 19.12 11.99
C SER B 202 20.92 19.31 11.72
N ASP B 203 21.77 18.70 12.55
CA ASP B 203 23.20 18.74 12.30
C ASP B 203 23.61 20.22 12.27
N ASP B 204 24.43 20.64 11.30
CA ASP B 204 24.92 22.02 11.23
C ASP B 204 24.29 22.78 10.07
N LEU B 205 23.05 22.44 9.70
CA LEU B 205 22.41 23.12 8.60
C LEU B 205 22.13 24.59 8.93
N PHE B 206 21.78 24.88 10.18
CA PHE B 206 21.45 26.24 10.59
C PHE B 206 22.15 26.58 11.90
N GLU B 207 22.26 27.88 12.17
CA GLU B 207 22.88 28.31 13.43
C GLU B 207 21.91 28.27 14.60
N ASN B 208 20.62 28.12 14.34
CA ASN B 208 19.63 28.09 15.40
C ASN B 208 18.39 27.36 14.89
N ILE B 209 17.61 26.83 15.84
CA ILE B 209 16.29 26.27 15.56
C ILE B 209 15.27 26.95 16.44
N MET B 210 14.19 27.43 15.84
CA MET B 210 13.08 28.02 16.56
C MET B 210 12.03 26.93 16.81
N HIS B 211 11.89 26.51 18.06
CA HIS B 211 10.87 25.54 18.44
C HIS B 211 9.60 26.29 18.81
N LEU B 212 8.49 25.97 18.14
CA LEU B 212 7.17 26.49 18.50
C LEU B 212 6.44 25.41 19.29
N VAL B 213 6.32 25.61 20.61
CA VAL B 213 5.93 24.57 21.55
C VAL B 213 4.58 24.91 22.16
N LEU B 214 3.64 23.96 22.08
CA LEU B 214 2.42 24.05 22.87
C LEU B 214 2.71 23.51 24.27
N ALA B 215 2.25 24.24 25.28
CA ALA B 215 2.42 23.85 26.67
C ALA B 215 1.27 24.46 27.46
N ARG B 216 0.98 23.87 28.62
CA ARG B 216 -0.12 24.33 29.44
C ARG B 216 0.40 25.17 30.58
N PRO B 217 0.13 26.47 30.62
CA PRO B 217 0.57 27.27 31.77
C PRO B 217 0.01 26.69 33.06
N GLU B 218 0.80 26.75 34.11
CA GLU B 218 0.38 26.24 35.41
C GLU B 218 -0.95 26.86 35.81
N GLY B 219 -1.91 26.00 36.17
CA GLY B 219 -3.22 26.45 36.60
C GLY B 219 -4.23 26.69 35.51
N ALA B 220 -3.82 26.66 34.24
CA ALA B 220 -4.76 26.86 33.15
C ALA B 220 -5.69 25.65 33.05
N GLY B 221 -6.80 25.85 32.33
CA GLY B 221 -7.81 24.83 32.21
C GLY B 221 -7.37 23.68 31.32
N PRO B 222 -8.29 22.73 31.09
CA PRO B 222 -7.94 21.52 30.33
C PRO B 222 -8.25 21.65 28.85
N GLY B 223 -7.99 20.60 28.08
CA GLY B 223 -8.27 20.62 26.66
C GLY B 223 -7.33 21.54 25.91
N THR B 224 -7.61 21.68 24.62
CA THR B 224 -6.81 22.58 23.80
C THR B 224 -6.99 24.04 24.19
N LYS B 225 -8.13 24.38 24.79
CA LYS B 225 -8.38 25.78 25.10
C LYS B 225 -7.46 26.29 26.21
N GLY B 226 -6.95 25.41 27.07
CA GLY B 226 -6.00 25.82 28.09
C GLY B 226 -4.55 25.89 27.63
N LEU B 227 -4.30 25.64 26.36
CA LEU B 227 -2.93 25.55 25.86
C LEU B 227 -2.45 26.89 25.33
N SER B 228 -1.15 27.11 25.47
CA SER B 228 -0.48 28.30 24.96
C SER B 228 0.70 27.86 24.12
N LEU B 229 1.15 28.77 23.26
CA LEU B 229 2.24 28.51 22.32
C LEU B 229 3.45 29.35 22.70
N PHE B 230 4.64 28.78 22.55
CA PHE B 230 5.86 29.40 23.04
C PHE B 230 6.99 29.31 22.02
N PHE B 231 7.73 30.40 21.89
CA PHE B 231 8.94 30.49 21.09
C PHE B 231 10.10 30.01 21.96
N VAL B 232 10.64 28.84 21.65
CA VAL B 232 11.71 28.23 22.44
C VAL B 232 12.91 28.01 21.54
N PRO B 233 13.87 28.92 21.54
CA PRO B 233 15.03 28.76 20.65
C PRO B 233 15.99 27.71 21.17
N LYS B 234 16.56 26.92 20.25
CA LYS B 234 17.58 25.98 20.62
C LYS B 234 18.72 26.68 21.33
N PHE B 235 19.17 27.80 20.76
CA PHE B 235 20.19 28.65 21.35
C PHE B 235 19.55 29.96 21.77
N HIS B 236 19.86 30.42 22.98
CA HIS B 236 19.66 31.83 23.31
C HIS B 236 20.43 32.70 22.32
N PHE B 237 19.96 33.93 22.13
CA PHE B 237 20.59 34.79 21.14
C PHE B 237 20.33 36.25 21.50
N ASP B 238 21.25 37.10 21.04
CA ASP B 238 21.12 38.54 21.24
C ASP B 238 19.90 39.03 20.48
N HIS B 239 18.94 39.60 21.21
CA HIS B 239 17.65 39.98 20.61
C HIS B 239 17.74 41.20 19.70
N GLU B 240 18.89 41.84 19.60
CA GLU B 240 19.09 42.95 18.69
C GLU B 240 19.92 42.59 17.46
N THR B 241 21.00 41.84 17.64
CA THR B 241 21.88 41.49 16.55
C THR B 241 21.68 40.07 16.03
N GLY B 242 20.93 39.23 16.75
CA GLY B 242 20.79 37.84 16.39
C GLY B 242 21.97 36.98 16.76
N GLU B 243 23.01 37.57 17.33
CA GLU B 243 24.21 36.82 17.69
C GLU B 243 23.85 35.65 18.60
N ILE B 244 24.40 34.48 18.28
CA ILE B 244 24.03 33.24 18.95
C ILE B 244 24.74 33.16 20.30
N GLY B 245 23.99 32.83 21.35
CA GLY B 245 24.54 32.75 22.67
C GLY B 245 24.47 31.39 23.33
N GLU B 246 24.05 31.36 24.59
CA GLU B 246 24.09 30.15 25.39
C GLU B 246 23.02 29.15 24.96
N ARG B 247 23.35 27.86 25.11
CA ARG B 247 22.40 26.81 24.75
C ARG B 247 21.22 26.82 25.73
N ASN B 248 20.01 26.73 25.18
CA ASN B 248 18.78 26.67 25.94
C ASN B 248 18.46 25.20 26.24
N GLY B 249 17.68 25.00 27.30
CA GLY B 249 17.49 23.67 27.85
C GLY B 249 16.49 22.81 27.12
N VAL B 250 16.67 22.65 25.81
CA VAL B 250 15.78 21.88 24.97
C VAL B 250 16.64 20.93 24.14
N PHE B 251 16.55 19.63 24.43
CA PHE B 251 17.48 18.64 23.90
C PHE B 251 16.76 17.44 23.31
N VAL B 252 17.24 17.00 22.14
CA VAL B 252 16.77 15.75 21.58
C VAL B 252 17.34 14.60 22.40
N THR B 253 16.47 13.67 22.80
CA THR B 253 16.86 12.51 23.60
C THR B 253 16.61 11.19 22.90
N ASN B 254 16.13 11.20 21.66
CA ASN B 254 15.94 9.98 20.89
C ASN B 254 15.57 10.33 19.46
N VAL B 255 15.92 9.43 18.54
CA VAL B 255 15.59 9.57 17.13
C VAL B 255 14.99 8.26 16.65
N GLU B 256 13.84 8.33 16.00
CA GLU B 256 13.08 7.13 15.67
C GLU B 256 13.63 6.42 14.44
N HIS B 257 13.39 5.11 14.37
CA HIS B 257 13.69 4.30 13.20
C HIS B 257 12.39 4.04 12.45
N LYS B 258 12.34 4.43 11.18
CA LYS B 258 11.08 4.55 10.46
C LYS B 258 11.06 3.72 9.18
N MET B 259 9.84 3.44 8.72
CA MET B 259 9.63 2.73 7.46
C MET B 259 10.20 3.52 6.28
N GLY B 260 10.05 4.84 6.30
CA GLY B 260 10.56 5.70 5.26
C GLY B 260 10.76 7.11 5.76
N LEU B 261 10.96 8.03 4.81
CA LEU B 261 11.34 9.40 5.14
C LEU B 261 12.46 9.40 6.17
N LYS B 262 13.40 8.47 6.00
CA LYS B 262 14.39 8.22 7.04
C LYS B 262 15.31 9.42 7.27
N VAL B 263 15.63 10.19 6.22
CA VAL B 263 16.58 11.28 6.39
C VAL B 263 16.00 12.44 7.20
N SER B 264 14.70 12.41 7.52
CA SER B 264 14.09 13.42 8.38
C SER B 264 14.18 12.97 9.84
N ALA B 265 14.97 13.68 10.64
CA ALA B 265 15.14 13.32 12.04
C ALA B 265 13.83 13.54 12.79
N THR B 266 13.23 12.44 13.25
CA THR B 266 11.99 12.44 14.00
C THR B 266 12.34 12.12 15.44
N CYS B 267 12.16 13.11 16.33
CA CYS B 267 12.89 13.11 17.60
C CYS B 267 12.02 13.24 18.84
N GLU B 268 12.42 12.53 19.90
CA GLU B 268 11.95 12.84 21.24
C GLU B 268 12.66 14.11 21.74
N LEU B 269 11.88 15.05 22.27
CA LEU B 269 12.42 16.36 22.65
C LEU B 269 12.11 16.62 24.13
N SER B 270 13.15 16.72 24.94
CA SER B 270 13.03 16.94 26.37
C SER B 270 13.28 18.41 26.68
N LEU B 271 12.33 19.04 27.35
CA LEU B 271 12.45 20.45 27.72
C LEU B 271 12.58 20.57 29.23
N GLY B 272 13.67 21.18 29.68
CA GLY B 272 13.88 21.45 31.09
C GLY B 272 14.11 20.23 31.95
N GLN B 273 14.60 19.15 31.35
CA GLN B 273 14.85 17.90 32.07
C GLN B 273 16.31 17.64 32.36
N HIS B 274 17.23 18.45 31.83
CA HIS B 274 18.65 18.23 31.97
C HIS B 274 19.33 19.29 32.83
N GLY B 275 18.62 19.80 33.84
CA GLY B 275 19.18 20.79 34.75
C GLY B 275 19.31 22.19 34.19
N ILE B 276 18.89 22.41 32.96
CA ILE B 276 18.92 23.72 32.32
C ILE B 276 17.49 24.08 31.97
N PRO B 277 17.02 25.28 32.28
CA PRO B 277 15.63 25.64 31.92
C PRO B 277 15.47 25.80 30.41
N ALA B 278 14.33 25.35 29.91
CA ALA B 278 13.92 25.65 28.54
C ALA B 278 13.14 26.95 28.58
N VAL B 279 13.82 28.07 28.32
CA VAL B 279 13.12 29.35 28.35
C VAL B 279 12.25 29.46 27.11
N GLY B 280 10.99 29.80 27.31
CA GLY B 280 10.10 30.08 26.21
C GLY B 280 9.50 31.46 26.34
N TRP B 281 9.05 32.03 25.23
CA TRP B 281 8.42 33.34 25.18
C TRP B 281 7.00 33.16 24.67
N LEU B 282 6.03 33.77 25.36
CA LEU B 282 4.63 33.63 24.97
C LEU B 282 4.39 34.34 23.64
N VAL B 283 3.99 33.56 22.62
CA VAL B 283 3.83 34.14 21.29
C VAL B 283 2.71 35.17 21.30
N GLY B 284 3.03 36.38 20.82
CA GLY B 284 2.09 37.48 20.88
C GLY B 284 1.76 37.92 22.27
N GLU B 285 2.41 37.35 23.28
CA GLU B 285 2.16 37.66 24.67
C GLU B 285 0.67 37.58 24.99
N VAL B 286 0.00 36.60 24.40
CA VAL B 286 -1.38 36.28 24.73
C VAL B 286 -1.52 34.78 24.82
N HIS B 287 -2.59 34.34 25.46
CA HIS B 287 -2.88 32.91 25.63
C HIS B 287 -3.93 32.51 24.59
N ASN B 288 -3.46 31.93 23.48
CA ASN B 288 -4.30 31.56 22.35
C ASN B 288 -3.61 30.44 21.58
N GLY B 289 -3.10 29.45 22.31
CA GLY B 289 -2.18 28.49 21.75
C GLY B 289 -2.66 27.73 20.54
N ILE B 290 -3.79 27.02 20.66
CA ILE B 290 -4.19 26.11 19.59
C ILE B 290 -4.58 26.89 18.34
N ALA B 291 -5.19 28.06 18.52
CA ALA B 291 -5.49 28.91 17.38
C ALA B 291 -4.21 29.31 16.64
N GLN B 292 -3.18 29.71 17.40
CA GLN B 292 -1.94 30.14 16.78
C GLN B 292 -1.25 29.00 16.04
N MET B 293 -1.15 27.83 16.69
CA MET B 293 -0.48 26.69 16.06
C MET B 293 -1.25 26.17 14.85
N PHE B 294 -2.55 26.41 14.76
CA PHE B 294 -3.29 25.95 13.61
C PHE B 294 -2.97 26.75 12.36
N ASP B 295 -2.41 27.97 12.50
CA ASP B 295 -1.80 28.61 11.37
C ASP B 295 -0.70 27.73 10.79
N VAL B 296 0.05 27.06 11.67
CA VAL B 296 1.13 26.18 11.25
C VAL B 296 0.57 24.85 10.81
N ILE B 297 -0.47 24.35 11.49
CA ILE B 297 -1.05 23.07 11.12
C ILE B 297 -1.66 23.16 9.73
N GLU B 298 -2.25 24.31 9.40
CA GLU B 298 -2.84 24.47 8.07
C GLU B 298 -1.77 24.39 7.00
N GLN B 299 -0.61 25.01 7.24
CA GLN B 299 0.49 24.89 6.29
C GLN B 299 0.99 23.46 6.22
N ALA B 300 1.17 22.82 7.37
CA ALA B 300 1.66 21.44 7.39
C ALA B 300 0.73 20.51 6.63
N ARG B 301 -0.58 20.69 6.79
CA ARG B 301 -1.52 19.80 6.12
C ARG B 301 -1.50 20.03 4.63
N MET B 302 -1.32 21.28 4.19
CA MET B 302 -1.22 21.56 2.76
C MET B 302 0.04 20.94 2.16
N MET B 303 1.14 20.98 2.92
CA MET B 303 2.40 20.43 2.44
C MET B 303 2.33 18.91 2.33
N VAL B 304 1.74 18.25 3.32
CA VAL B 304 1.68 16.78 3.30
C VAL B 304 0.91 16.28 2.09
N GLY B 305 -0.25 16.87 1.83
CA GLY B 305 -1.01 16.49 0.64
C GLY B 305 -0.23 16.74 -0.63
N THR B 306 0.35 17.94 -0.77
CA THR B 306 1.14 18.24 -1.96
C THR B 306 2.33 17.29 -2.07
N LYS B 307 2.88 16.87 -0.93
CA LYS B 307 3.96 15.89 -0.93
C LYS B 307 3.49 14.58 -1.51
N ALA B 308 2.39 14.04 -0.99
CA ALA B 308 1.89 12.76 -1.49
C ALA B 308 1.58 12.84 -2.98
N ILE B 309 1.00 13.95 -3.41
CA ILE B 309 0.63 14.11 -4.82
C ILE B 309 1.88 14.21 -5.68
N ALA B 310 2.88 14.98 -5.25
CA ALA B 310 4.14 15.05 -5.99
C ALA B 310 4.75 13.68 -6.14
N THR B 311 4.70 12.87 -5.08
CA THR B 311 5.34 11.55 -5.10
C THR B 311 4.62 10.62 -6.05
N LEU B 312 3.28 10.61 -6.03
CA LEU B 312 2.54 9.81 -7.00
C LEU B 312 2.90 10.20 -8.42
N SER B 313 3.06 11.51 -8.69
CA SER B 313 3.29 11.97 -10.05
C SER B 313 4.65 11.54 -10.59
N THR B 314 5.72 11.66 -9.80
CA THR B 314 6.98 11.10 -10.23
C THR B 314 6.93 9.57 -10.19
N GLY B 315 6.09 9.00 -9.33
CA GLY B 315 5.85 7.57 -9.40
C GLY B 315 5.28 7.14 -10.74
N TYR B 316 4.19 7.81 -11.17
CA TYR B 316 3.58 7.49 -12.45
C TYR B 316 4.55 7.67 -13.61
N LEU B 317 5.27 8.79 -13.63
CA LEU B 317 6.13 9.09 -14.78
C LEU B 317 7.29 8.10 -14.88
N ASN B 318 7.77 7.61 -13.74
CA ASN B 318 8.74 6.53 -13.74
C ASN B 318 8.13 5.26 -14.32
N ALA B 319 6.92 4.91 -13.86
CA ALA B 319 6.25 3.72 -14.36
C ALA B 319 5.97 3.83 -15.86
N LEU B 320 5.62 5.04 -16.33
CA LEU B 320 5.35 5.24 -17.75
C LEU B 320 6.61 5.00 -18.58
N GLU B 321 7.73 5.61 -18.17
CA GLU B 321 8.96 5.46 -18.91
C GLU B 321 9.41 4.00 -18.95
N TYR B 322 9.26 3.29 -17.83
CA TYR B 322 9.61 1.88 -17.82
C TYR B 322 8.72 1.09 -18.77
N ALA B 323 7.40 1.30 -18.67
CA ALA B 323 6.47 0.58 -19.52
C ALA B 323 6.75 0.81 -20.99
N LYS B 324 7.30 1.97 -21.33
CA LYS B 324 7.54 2.30 -22.72
C LYS B 324 8.70 1.51 -23.31
N GLU B 325 9.69 1.12 -22.49
CA GLU B 325 10.87 0.46 -23.01
C GLU B 325 10.92 -1.03 -22.74
N ARG B 326 9.99 -1.56 -21.94
CA ARG B 326 10.02 -2.97 -21.55
C ARG B 326 9.21 -3.82 -22.52
N VAL B 327 9.88 -4.76 -23.19
CA VAL B 327 9.25 -5.69 -24.10
C VAL B 327 8.89 -6.96 -23.33
N GLN B 328 7.63 -7.39 -23.43
CA GLN B 328 7.20 -8.63 -22.79
C GLN B 328 5.89 -9.10 -23.41
N GLY B 329 5.92 -10.25 -24.04
CA GLY B 329 4.71 -10.87 -24.55
C GLY B 329 4.28 -10.31 -25.90
N ALA B 330 3.20 -10.88 -26.40
CA ALA B 330 2.62 -10.47 -27.68
C ALA B 330 1.35 -9.66 -27.44
N ASP B 331 0.93 -8.94 -28.49
CA ASP B 331 -0.34 -8.23 -28.42
C ASP B 331 -1.47 -9.22 -28.13
N MET B 332 -2.49 -8.74 -27.42
CA MET B 332 -3.58 -9.62 -27.01
C MET B 332 -4.34 -10.17 -28.20
N THR B 333 -4.36 -9.44 -29.33
CA THR B 333 -5.00 -9.93 -30.54
C THR B 333 -4.22 -11.06 -31.20
N GLN B 334 -3.06 -11.41 -30.65
CA GLN B 334 -2.24 -12.48 -31.19
C GLN B 334 -1.74 -13.43 -30.10
N MET B 335 -2.45 -13.48 -28.97
CA MET B 335 -1.94 -14.20 -27.81
C MET B 335 -1.82 -15.70 -28.06
N THR B 336 -2.58 -16.24 -29.01
CA THR B 336 -2.50 -17.66 -29.31
C THR B 336 -1.33 -18.02 -30.22
N ASP B 337 -0.62 -17.03 -30.75
CA ASP B 337 0.45 -17.25 -31.72
C ASP B 337 1.80 -17.26 -31.00
N LYS B 338 2.37 -18.47 -30.88
CA LYS B 338 3.68 -18.63 -30.26
C LYS B 338 4.76 -17.81 -30.93
N THR B 339 4.54 -17.36 -32.17
CA THR B 339 5.57 -16.67 -32.94
C THR B 339 5.22 -15.23 -33.25
N ALA B 340 4.12 -14.70 -32.71
CA ALA B 340 3.78 -13.33 -32.98
C ALA B 340 4.87 -12.40 -32.44
N PRO B 341 4.94 -11.19 -32.96
CA PRO B 341 5.94 -10.23 -32.46
C PRO B 341 5.76 -9.94 -30.98
N ARG B 342 6.88 -9.76 -30.29
CA ARG B 342 6.86 -9.23 -28.93
C ARG B 342 6.54 -7.73 -28.95
N VAL B 343 5.82 -7.28 -27.94
CA VAL B 343 5.43 -5.87 -27.85
C VAL B 343 5.91 -5.29 -26.53
N THR B 344 6.09 -3.96 -26.52
CA THR B 344 6.27 -3.25 -25.26
C THR B 344 4.96 -3.29 -24.46
N ILE B 345 5.10 -3.29 -23.13
CA ILE B 345 3.96 -3.60 -22.28
C ILE B 345 2.89 -2.52 -22.28
N THR B 346 3.17 -1.34 -22.86
CA THR B 346 2.11 -0.36 -23.01
C THR B 346 1.01 -0.84 -23.96
N HIS B 347 1.28 -1.88 -24.75
CA HIS B 347 0.26 -2.43 -25.63
C HIS B 347 -0.74 -3.30 -24.89
N HIS B 348 -0.43 -3.72 -23.67
CA HIS B 348 -1.29 -4.64 -22.96
C HIS B 348 -2.42 -3.89 -22.28
N PRO B 349 -3.67 -4.31 -22.47
CA PRO B 349 -4.79 -3.58 -21.86
C PRO B 349 -4.61 -3.30 -20.37
N ASP B 350 -4.18 -4.28 -19.59
CA ASP B 350 -4.11 -4.07 -18.14
C ASP B 350 -3.03 -3.05 -17.78
N VAL B 351 -1.90 -3.05 -18.48
CA VAL B 351 -0.90 -2.02 -18.23
C VAL B 351 -1.44 -0.65 -18.60
N ARG B 352 -2.26 -0.58 -19.65
CA ARG B 352 -2.86 0.69 -20.04
C ARG B 352 -3.92 1.14 -19.04
N ARG B 353 -4.75 0.20 -18.56
CA ARG B 353 -5.68 0.52 -17.49
C ARG B 353 -4.94 1.12 -16.31
N SER B 354 -3.82 0.51 -15.94
CA SER B 354 -3.07 0.95 -14.76
C SER B 354 -2.47 2.34 -14.97
N LEU B 355 -1.82 2.55 -16.11
CA LEU B 355 -1.16 3.83 -16.38
C LEU B 355 -2.17 4.97 -16.40
N MET B 356 -3.35 4.73 -16.97
CA MET B 356 -4.38 5.77 -17.00
C MET B 356 -4.99 6.00 -15.63
N THR B 357 -5.03 4.96 -14.80
CA THR B 357 -5.43 5.14 -13.41
C THR B 357 -4.42 6.01 -12.66
N GLN B 358 -3.14 5.70 -12.82
CA GLN B 358 -2.11 6.56 -12.24
C GLN B 358 -2.19 7.98 -12.79
N LYS B 359 -2.30 8.10 -14.12
CA LYS B 359 -2.37 9.42 -14.74
C LYS B 359 -3.55 10.22 -14.22
N ALA B 360 -4.76 9.68 -14.35
CA ALA B 360 -5.96 10.46 -14.00
C ALA B 360 -5.91 10.93 -12.55
N TYR B 361 -5.48 10.07 -11.64
CA TYR B 361 -5.43 10.47 -10.24
C TYR B 361 -4.28 11.43 -9.96
N ALA B 362 -3.11 11.19 -10.56
CA ALA B 362 -1.98 12.09 -10.38
C ALA B 362 -2.32 13.48 -10.87
N GLU B 363 -2.87 13.58 -12.08
CA GLU B 363 -3.22 14.88 -12.63
C GLU B 363 -4.47 15.43 -11.99
N GLY B 364 -5.41 14.57 -11.61
CA GLY B 364 -6.58 15.05 -10.89
C GLY B 364 -6.23 15.67 -9.55
N LEU B 365 -5.26 15.07 -8.85
CA LEU B 365 -4.84 15.62 -7.56
C LEU B 365 -4.05 16.92 -7.73
N ARG B 366 -3.18 16.98 -8.73
CA ARG B 366 -2.48 18.23 -8.99
C ARG B 366 -3.48 19.37 -9.19
N ALA B 367 -4.52 19.13 -9.99
CA ALA B 367 -5.57 20.12 -10.15
C ALA B 367 -6.18 20.50 -8.81
N ILE B 368 -6.37 19.52 -7.92
CA ILE B 368 -7.06 19.79 -6.66
C ILE B 368 -6.23 20.73 -5.79
N TYR B 369 -4.94 20.47 -5.61
CA TYR B 369 -4.06 21.29 -4.72
C TYR B 369 -3.86 22.68 -5.33
N LEU B 370 -3.73 22.81 -6.63
CA LEU B 370 -3.64 24.14 -7.22
C LEU B 370 -4.97 24.87 -7.14
N TYR B 371 -6.08 24.16 -7.38
CA TYR B 371 -7.40 24.73 -7.15
C TYR B 371 -7.51 25.26 -5.73
N THR B 372 -7.15 24.43 -4.74
CA THR B 372 -7.20 24.86 -3.34
C THR B 372 -6.37 26.11 -3.12
N ALA B 373 -5.21 26.18 -3.77
CA ALA B 373 -4.29 27.31 -3.55
C ALA B 373 -4.84 28.61 -4.14
N THR B 374 -5.70 28.52 -5.16
CA THR B 374 -6.25 29.75 -5.75
C THR B 374 -7.24 30.46 -4.84
N PHE B 375 -7.62 29.85 -3.71
CA PHE B 375 -8.43 30.53 -2.70
C PHE B 375 -7.60 30.98 -1.50
N GLN B 376 -6.28 30.84 -1.54
CA GLN B 376 -5.45 31.19 -0.39
C GLN B 376 -5.01 32.65 -0.40
N ASP B 377 -5.04 33.32 -1.55
CA ASP B 377 -4.92 34.77 -1.63
C ASP B 377 -6.30 35.37 -1.88
N ALA B 378 -6.69 36.34 -1.06
CA ALA B 378 -7.99 36.98 -1.28
C ALA B 378 -8.08 37.57 -2.68
N GLU B 379 -6.97 38.07 -3.20
CA GLU B 379 -7.00 38.83 -4.45
C GLU B 379 -6.82 37.95 -5.68
N VAL B 380 -6.24 36.75 -5.55
CA VAL B 380 -6.37 35.75 -6.61
C VAL B 380 -7.77 35.14 -6.58
N ALA B 381 -8.31 34.91 -5.38
CA ALA B 381 -9.67 34.40 -5.27
C ALA B 381 -10.68 35.32 -5.94
N GLN B 382 -10.51 36.63 -5.79
CA GLN B 382 -11.39 37.58 -6.46
C GLN B 382 -11.22 37.53 -7.97
N ALA B 383 -9.97 37.51 -8.43
CA ALA B 383 -9.72 37.67 -9.86
C ALA B 383 -10.14 36.45 -10.66
N VAL B 384 -9.90 35.24 -10.14
CA VAL B 384 -10.16 34.02 -10.90
C VAL B 384 -11.46 33.32 -10.48
N HIS B 385 -12.04 33.67 -9.33
CA HIS B 385 -13.26 33.02 -8.86
C HIS B 385 -14.41 33.99 -8.60
N GLY B 386 -14.14 35.26 -8.36
CA GLY B 386 -15.20 36.22 -8.10
C GLY B 386 -15.79 36.11 -6.71
N VAL B 387 -15.00 35.72 -5.72
CA VAL B 387 -15.46 35.55 -4.35
C VAL B 387 -14.64 36.44 -3.43
N ASP B 388 -15.27 36.89 -2.34
CA ASP B 388 -14.62 37.80 -1.43
C ASP B 388 -13.67 37.03 -0.50
N GLY B 389 -12.99 37.77 0.38
CA GLY B 389 -12.04 37.14 1.27
C GLY B 389 -12.66 36.10 2.18
N ASP B 390 -13.85 36.40 2.72
CA ASP B 390 -14.45 35.51 3.71
C ASP B 390 -14.81 34.16 3.11
N LEU B 391 -15.50 34.16 1.96
CA LEU B 391 -15.84 32.90 1.31
C LEU B 391 -14.58 32.17 0.84
N ALA B 392 -13.58 32.91 0.36
CA ALA B 392 -12.34 32.29 -0.10
C ALA B 392 -11.67 31.51 1.04
N ALA B 393 -11.47 32.17 2.18
CA ALA B 393 -10.90 31.49 3.34
C ALA B 393 -11.69 30.24 3.72
N ARG B 394 -13.01 30.35 3.74
CA ARG B 394 -13.84 29.20 4.07
C ARG B 394 -13.66 28.07 3.06
N VAL B 395 -13.63 28.42 1.76
CA VAL B 395 -13.46 27.41 0.73
C VAL B 395 -12.09 26.76 0.85
N ASN B 396 -11.06 27.53 1.19
CA ASN B 396 -9.75 26.97 1.40
C ASN B 396 -9.73 26.02 2.59
N ASP B 397 -10.44 26.38 3.67
CA ASP B 397 -10.48 25.49 4.83
C ASP B 397 -11.24 24.20 4.52
N LEU B 398 -12.26 24.27 3.66
CA LEU B 398 -12.98 23.06 3.29
C LEU B 398 -12.08 22.12 2.50
N LEU B 399 -11.23 22.67 1.64
CA LEU B 399 -10.45 21.85 0.72
C LEU B 399 -9.19 21.27 1.33
N LEU B 400 -8.68 21.86 2.42
CA LEU B 400 -7.45 21.35 3.02
C LEU B 400 -7.57 19.88 3.41
N PRO B 401 -8.60 19.46 4.15
CA PRO B 401 -8.70 18.03 4.50
C PRO B 401 -8.83 17.12 3.30
N ILE B 402 -9.32 17.59 2.17
CA ILE B 402 -9.28 16.77 0.96
C ILE B 402 -7.84 16.69 0.44
N VAL B 403 -7.19 17.84 0.32
CA VAL B 403 -5.79 17.83 -0.10
C VAL B 403 -4.99 16.86 0.76
N LYS B 404 -5.15 16.95 2.07
CA LYS B 404 -4.37 16.12 2.99
C LYS B 404 -4.91 14.70 3.06
N GLY B 405 -6.16 14.55 3.49
CA GLY B 405 -6.78 13.24 3.66
C GLY B 405 -6.94 12.46 2.37
N PHE B 406 -7.60 13.07 1.38
CA PHE B 406 -7.79 12.38 0.10
C PHE B 406 -6.49 12.28 -0.68
N GLY B 407 -5.64 13.31 -0.64
CA GLY B 407 -4.35 13.21 -1.32
C GLY B 407 -3.43 12.19 -0.69
N SER B 408 -3.35 12.04 0.61
CA SER B 408 -2.40 11.06 1.18
C SER B 408 -2.84 9.64 0.85
N GLU B 409 -4.13 9.35 0.97
CA GLU B 409 -4.68 8.00 0.79
C GLU B 409 -4.60 7.58 -0.66
N THR B 410 -4.96 8.45 -1.59
CA THR B 410 -4.94 8.12 -3.01
C THR B 410 -3.52 7.93 -3.51
N ALA B 411 -2.62 8.86 -3.18
CA ALA B 411 -1.24 8.77 -3.65
C ALA B 411 -0.64 7.42 -3.28
N TYR B 412 -0.77 7.01 -2.01
CA TYR B 412 -0.21 5.75 -1.57
C TYR B 412 -0.86 4.58 -2.29
N ALA B 413 -2.19 4.56 -2.38
CA ALA B 413 -2.89 3.49 -3.06
C ALA B 413 -2.41 3.35 -4.49
N LYS B 414 -2.45 4.44 -5.26
CA LYS B 414 -2.12 4.34 -6.69
C LYS B 414 -0.63 4.10 -6.93
N LEU B 415 0.23 4.40 -5.97
CA LEU B 415 1.63 4.03 -6.11
C LEU B 415 1.78 2.51 -6.20
N THR B 416 0.82 1.76 -5.66
CA THR B 416 0.82 0.31 -5.83
C THR B 416 0.78 -0.06 -7.31
N GLU B 417 0.05 0.73 -8.11
CA GLU B 417 -0.03 0.47 -9.54
C GLU B 417 1.29 0.81 -10.23
N SER B 418 1.87 1.95 -9.90
CA SER B 418 3.18 2.30 -10.45
C SER B 418 4.16 1.15 -10.24
N LEU B 419 4.27 0.66 -9.00
CA LEU B 419 5.22 -0.42 -8.72
C LEU B 419 4.87 -1.66 -9.52
N GLN B 420 3.57 -1.97 -9.63
CA GLN B 420 3.14 -3.16 -10.37
C GLN B 420 3.54 -3.08 -11.84
N THR B 421 3.51 -1.88 -12.42
CA THR B 421 3.87 -1.70 -13.82
C THR B 421 5.28 -2.23 -14.11
N LEU B 422 6.14 -2.23 -13.11
CA LEU B 422 7.53 -2.65 -13.29
C LEU B 422 7.71 -4.14 -13.10
N GLY B 423 6.63 -4.86 -12.79
CA GLY B 423 6.77 -6.26 -12.42
C GLY B 423 7.71 -6.45 -11.26
N GLY B 424 8.46 -7.55 -11.29
CA GLY B 424 9.34 -7.88 -10.19
C GLY B 424 10.39 -6.82 -9.92
N SER B 425 10.89 -6.15 -10.97
CA SER B 425 11.86 -5.09 -10.75
C SER B 425 11.28 -3.96 -9.91
N GLY B 426 9.95 -3.84 -9.86
CA GLY B 426 9.35 -2.86 -8.97
C GLY B 426 9.66 -3.10 -7.52
N PHE B 427 9.93 -4.35 -7.14
CA PHE B 427 10.27 -4.71 -5.77
C PHE B 427 11.72 -4.41 -5.42
N LEU B 428 12.53 -3.96 -6.37
CA LEU B 428 13.94 -3.71 -6.14
C LEU B 428 14.17 -2.27 -5.67
N GLN B 429 15.23 -2.08 -4.88
CA GLN B 429 15.67 -0.75 -4.49
C GLN B 429 16.32 0.00 -5.65
N ASP B 430 16.78 -0.74 -6.66
CA ASP B 430 17.37 -0.11 -7.84
C ASP B 430 16.44 0.92 -8.46
N TYR B 431 15.13 0.72 -8.34
CA TYR B 431 14.16 1.68 -8.84
C TYR B 431 13.50 2.40 -7.67
N PRO B 432 13.02 3.64 -7.90
CA PRO B 432 12.64 4.50 -6.76
C PRO B 432 11.25 4.28 -6.19
N ILE B 433 10.41 3.45 -6.81
CA ILE B 433 9.00 3.43 -6.43
C ILE B 433 8.79 2.87 -5.03
N GLU B 434 9.51 1.81 -4.66
CA GLU B 434 9.32 1.26 -3.32
C GLU B 434 9.66 2.29 -2.25
N GLN B 435 10.62 3.18 -2.52
CA GLN B 435 10.89 4.25 -1.58
C GLN B 435 9.79 5.29 -1.61
N TYR B 436 9.24 5.60 -2.80
CA TYR B 436 8.05 6.45 -2.87
C TYR B 436 6.96 5.92 -1.93
N ILE B 437 6.72 4.61 -2.01
CA ILE B 437 5.70 3.97 -1.19
C ILE B 437 6.04 4.09 0.29
N ARG B 438 7.29 3.77 0.63
CA ARG B 438 7.72 3.85 2.03
C ARG B 438 7.71 5.28 2.52
N ASP B 439 8.17 6.22 1.70
CA ASP B 439 8.26 7.62 2.12
C ASP B 439 6.88 8.25 2.24
N SER B 440 5.90 7.77 1.48
CA SER B 440 4.58 8.41 1.46
C SER B 440 3.58 7.76 2.40
N LYS B 441 3.86 6.55 2.91
CA LYS B 441 2.94 5.92 3.86
C LYS B 441 2.65 6.85 5.03
N ILE B 442 3.63 7.66 5.42
CA ILE B 442 3.49 8.52 6.59
C ILE B 442 2.43 9.59 6.40
N ASP B 443 2.16 9.96 5.14
CA ASP B 443 1.29 11.11 4.88
C ASP B 443 -0.14 10.89 5.33
N SER B 444 -0.58 9.65 5.50
CA SER B 444 -1.89 9.40 6.09
C SER B 444 -1.90 9.58 7.61
N LEU B 445 -0.76 9.92 8.21
CA LEU B 445 -0.61 9.86 9.66
C LEU B 445 -0.25 11.22 10.26
N TYR B 446 0.95 11.75 10.02
CA TYR B 446 1.27 13.01 10.70
C TYR B 446 0.39 14.13 10.15
N ALA B 447 0.45 15.29 10.82
CA ALA B 447 -0.41 16.43 10.53
C ALA B 447 -1.89 16.07 10.66
N GLY B 448 -2.20 15.05 11.44
CA GLY B 448 -3.57 14.64 11.64
C GLY B 448 -3.94 13.48 10.75
N THR B 449 -4.43 12.40 11.35
CA THR B 449 -4.73 11.20 10.58
C THR B 449 -5.95 11.42 9.68
N THR B 450 -6.15 10.47 8.76
CA THR B 450 -7.24 10.57 7.80
C THR B 450 -8.59 10.68 8.52
N ALA B 451 -8.79 9.89 9.57
CA ALA B 451 -10.04 9.98 10.32
C ALA B 451 -10.23 11.37 10.91
N ILE B 452 -9.15 11.96 11.45
CA ILE B 452 -9.20 13.33 11.92
C ILE B 452 -9.49 14.28 10.76
N GLN B 453 -8.84 14.06 9.61
CA GLN B 453 -9.16 14.86 8.44
C GLN B 453 -10.64 14.78 8.11
N ALA B 454 -11.20 13.56 8.12
CA ALA B 454 -12.61 13.38 7.77
C ALA B 454 -13.53 13.99 8.81
N GLN B 455 -13.15 13.89 10.09
CA GLN B 455 -13.92 14.50 11.16
C GLN B 455 -13.90 16.02 11.08
N ASP B 456 -12.73 16.58 10.77
CA ASP B 456 -12.62 18.01 10.53
C ASP B 456 -13.51 18.45 9.39
N PHE B 457 -13.44 17.71 8.27
CA PHE B 457 -14.20 18.05 7.06
C PHE B 457 -15.69 18.20 7.35
N PHE B 458 -16.28 17.21 8.02
CA PHE B 458 -17.73 17.21 8.21
C PHE B 458 -18.16 18.21 9.28
N PHE B 459 -17.58 18.10 10.48
CA PHE B 459 -18.12 18.84 11.62
C PHE B 459 -17.77 20.33 11.56
N ARG B 460 -16.53 20.67 11.22
CA ARG B 460 -16.10 22.06 11.22
C ARG B 460 -16.19 22.71 9.85
N LYS B 461 -15.73 22.03 8.80
CA LYS B 461 -15.70 22.64 7.47
C LYS B 461 -17.04 22.58 6.76
N ILE B 462 -17.99 21.78 7.25
CA ILE B 462 -19.31 21.74 6.62
C ILE B 462 -20.37 22.17 7.64
N ILE B 463 -20.51 21.43 8.75
CA ILE B 463 -21.59 21.69 9.69
C ILE B 463 -21.40 23.05 10.35
N ARG B 464 -20.28 23.24 11.07
CA ARG B 464 -20.01 24.54 11.69
C ARG B 464 -19.97 25.66 10.65
N ASP B 465 -19.59 25.34 9.42
CA ASP B 465 -19.58 26.32 8.33
C ASP B 465 -20.98 26.61 7.79
N LYS B 466 -22.00 25.90 8.29
CA LYS B 466 -23.37 26.01 7.77
C LYS B 466 -23.42 25.69 6.29
N GLY B 467 -22.47 24.88 5.81
CA GLY B 467 -22.48 24.40 4.45
C GLY B 467 -22.21 25.45 3.39
N GLN B 468 -21.70 26.62 3.79
CA GLN B 468 -21.56 27.71 2.82
C GLN B 468 -20.48 27.40 1.79
N ALA B 469 -19.28 27.05 2.23
CA ALA B 469 -18.22 26.70 1.29
C ALA B 469 -18.62 25.50 0.45
N LEU B 470 -19.09 24.43 1.11
CA LEU B 470 -19.53 23.24 0.37
C LEU B 470 -20.51 23.59 -0.73
N ALA B 471 -21.44 24.51 -0.47
CA ALA B 471 -22.44 24.86 -1.46
C ALA B 471 -21.84 25.65 -2.62
N TYR B 472 -20.85 26.48 -2.36
CA TYR B 472 -20.21 27.22 -3.43
C TYR B 472 -19.58 26.28 -4.44
N VAL B 473 -18.80 25.29 -3.96
CA VAL B 473 -18.15 24.35 -4.86
C VAL B 473 -19.19 23.50 -5.57
N ALA B 474 -20.20 23.05 -4.85
CA ALA B 474 -21.29 22.29 -5.47
C ALA B 474 -21.88 23.07 -6.63
N GLY B 475 -22.09 24.38 -6.45
CA GLY B 475 -22.67 25.18 -7.50
C GLY B 475 -21.78 25.34 -8.70
N GLU B 476 -20.45 25.36 -8.50
CA GLU B 476 -19.54 25.41 -9.64
C GLU B 476 -19.55 24.10 -10.40
N ILE B 477 -19.70 22.97 -9.69
CA ILE B 477 -19.82 21.68 -10.36
C ILE B 477 -21.10 21.63 -11.16
N GLU B 478 -22.23 22.00 -10.53
CA GLU B 478 -23.51 21.99 -11.24
C GLU B 478 -23.49 22.92 -12.44
N GLN B 479 -22.74 24.02 -12.35
CA GLN B 479 -22.65 24.96 -13.47
C GLN B 479 -21.94 24.33 -14.65
N PHE B 480 -20.84 23.62 -14.40
CA PHE B 480 -20.14 22.93 -15.46
C PHE B 480 -21.03 21.87 -16.10
N ILE B 481 -21.76 21.11 -15.27
CA ILE B 481 -22.60 20.04 -15.80
C ILE B 481 -23.63 20.60 -16.78
N LYS B 482 -24.17 21.79 -16.50
CA LYS B 482 -25.31 22.31 -17.24
C LYS B 482 -24.92 23.18 -18.43
N ASN B 483 -23.65 23.51 -18.61
CA ASN B 483 -23.22 24.24 -19.81
C ASN B 483 -23.35 23.35 -21.04
N ASN B 487 -20.15 22.18 -26.14
CA ASN B 487 -20.12 21.08 -27.10
C ASN B 487 -20.98 19.92 -26.61
N GLY B 488 -20.75 18.73 -27.18
CA GLY B 488 -21.45 17.53 -26.78
C GLY B 488 -20.52 16.34 -26.71
N ARG B 489 -19.26 16.56 -27.06
CA ARG B 489 -18.21 15.56 -26.87
C ARG B 489 -17.95 15.27 -25.39
N LEU B 490 -18.51 16.07 -24.48
CA LEU B 490 -18.44 15.83 -23.05
C LEU B 490 -19.83 15.53 -22.47
N LYS B 491 -20.77 15.12 -23.32
CA LYS B 491 -22.12 14.83 -22.87
C LYS B 491 -22.14 13.70 -21.85
N THR B 492 -21.46 12.60 -22.14
CA THR B 492 -21.45 11.45 -21.24
C THR B 492 -20.72 11.76 -19.93
N GLU B 493 -19.62 12.52 -20.00
CA GLU B 493 -18.91 12.88 -18.78
C GLU B 493 -19.79 13.73 -17.87
N ARG B 494 -20.53 14.67 -18.44
CA ARG B 494 -21.42 15.52 -17.65
C ARG B 494 -22.52 14.70 -17.00
N GLU B 495 -23.03 13.68 -17.70
CA GLU B 495 -24.04 12.82 -17.11
C GLU B 495 -23.46 12.04 -15.93
N LEU B 496 -22.26 11.48 -16.11
CA LEU B 496 -21.61 10.75 -15.03
C LEU B 496 -21.30 11.69 -13.86
N LEU B 497 -20.91 12.93 -14.15
CA LEU B 497 -20.64 13.89 -13.07
C LEU B 497 -21.92 14.28 -12.35
N ALA B 498 -23.04 14.38 -13.07
CA ALA B 498 -24.32 14.70 -12.42
C ALA B 498 -24.74 13.62 -11.45
N THR B 499 -24.67 12.36 -11.87
CA THR B 499 -24.89 11.25 -10.96
C THR B 499 -24.02 11.38 -9.72
N ALA B 500 -22.71 11.59 -9.90
CA ALA B 500 -21.77 11.62 -8.80
C ALA B 500 -22.04 12.79 -7.87
N LEU B 501 -22.30 13.97 -8.44
CA LEU B 501 -22.68 15.12 -7.62
C LEU B 501 -23.89 14.80 -6.75
N ALA B 502 -24.94 14.25 -7.36
CA ALA B 502 -26.10 13.83 -6.59
C ALA B 502 -25.71 12.80 -5.53
N ASP B 503 -24.86 11.83 -5.90
CA ASP B 503 -24.42 10.84 -4.93
C ASP B 503 -23.80 11.50 -3.70
N VAL B 504 -22.94 12.50 -3.92
CA VAL B 504 -22.32 13.18 -2.78
C VAL B 504 -23.35 13.98 -2.00
N GLN B 505 -24.28 14.63 -2.70
CA GLN B 505 -25.39 15.28 -2.01
C GLN B 505 -26.14 14.30 -1.12
N GLY B 506 -26.39 13.08 -1.61
CA GLY B 506 -27.05 12.09 -0.80
C GLY B 506 -26.25 11.73 0.45
N MET B 507 -24.95 11.49 0.28
CA MET B 507 -24.10 11.20 1.43
C MET B 507 -24.17 12.31 2.46
N ALA B 508 -24.06 13.57 1.99
CA ALA B 508 -24.08 14.70 2.91
C ALA B 508 -25.39 14.73 3.69
N ALA B 509 -26.49 14.36 3.04
CA ALA B 509 -27.79 14.38 3.68
C ALA B 509 -27.91 13.29 4.74
N SER B 510 -27.50 12.05 4.40
CA SER B 510 -27.55 10.96 5.35
C SER B 510 -26.74 11.27 6.60
N LEU B 511 -25.48 11.69 6.40
CA LEU B 511 -24.63 11.98 7.55
C LEU B 511 -25.20 13.12 8.39
N THR B 512 -25.69 14.18 7.73
CA THR B 512 -26.44 15.20 8.43
C THR B 512 -27.63 14.59 9.18
N GLY B 513 -28.38 13.72 8.50
CA GLY B 513 -29.50 13.05 9.16
C GLY B 513 -29.08 12.33 10.42
N TYR B 514 -27.96 11.58 10.35
CA TYR B 514 -27.48 10.85 11.51
C TYR B 514 -27.13 11.80 12.65
N LEU B 515 -26.53 12.94 12.31
CA LEU B 515 -26.22 13.94 13.33
C LEU B 515 -27.49 14.44 13.99
N MET B 516 -28.49 14.80 13.18
CA MET B 516 -29.75 15.31 13.72
C MET B 516 -30.40 14.30 14.66
N ALA B 517 -30.41 13.02 14.27
CA ALA B 517 -30.95 11.99 15.13
C ALA B 517 -30.19 11.88 16.44
N ALA B 518 -28.95 12.34 16.49
CA ALA B 518 -28.19 12.29 17.75
C ALA B 518 -28.76 13.24 18.78
N GLN B 519 -29.67 14.14 18.39
CA GLN B 519 -30.43 14.92 19.37
C GLN B 519 -31.26 14.02 20.27
N GLU B 520 -31.79 12.93 19.72
CA GLU B 520 -32.69 12.04 20.43
C GLU B 520 -32.01 10.77 20.91
N ASP B 521 -30.91 10.35 20.28
CA ASP B 521 -30.24 9.11 20.61
C ASP B 521 -28.76 9.34 20.34
N ALA B 522 -28.00 9.64 21.40
CA ALA B 522 -26.59 9.99 21.23
C ALA B 522 -25.85 9.02 20.32
N ALA B 523 -26.11 7.71 20.49
CA ALA B 523 -25.38 6.70 19.74
C ALA B 523 -25.47 6.90 18.23
N SER B 524 -26.55 7.53 17.76
CA SER B 524 -26.70 7.74 16.33
C SER B 524 -25.50 8.47 15.73
N ILE B 525 -24.81 9.27 16.53
CA ILE B 525 -23.67 10.02 16.01
C ILE B 525 -22.54 9.10 15.56
N TYR B 526 -22.46 7.87 16.10
CA TYR B 526 -21.45 6.92 15.63
C TYR B 526 -21.58 6.67 14.13
N LYS B 527 -22.79 6.75 13.58
CA LYS B 527 -22.97 6.52 12.15
C LYS B 527 -22.23 7.57 11.34
N VAL B 528 -22.16 8.81 11.83
CA VAL B 528 -21.38 9.83 11.17
C VAL B 528 -19.91 9.41 11.12
N GLY B 529 -19.39 8.94 12.25
CA GLY B 529 -18.00 8.51 12.29
C GLY B 529 -17.74 7.35 11.37
N LEU B 530 -18.68 6.42 11.28
CA LEU B 530 -18.48 5.24 10.45
C LEU B 530 -18.35 5.62 8.96
N GLY B 531 -19.03 6.69 8.54
CA GLY B 531 -19.07 7.06 7.13
C GLY B 531 -18.23 8.26 6.76
N SER B 532 -17.63 8.86 7.83
CA SER B 532 -16.88 10.11 7.64
C SER B 532 -15.78 10.01 6.61
N VAL B 533 -15.00 8.94 6.56
CA VAL B 533 -13.86 8.78 5.70
C VAL B 533 -14.32 8.42 4.31
N ARG B 534 -15.30 7.51 4.19
CA ARG B 534 -15.84 7.23 2.86
C ARG B 534 -16.41 8.48 2.22
N PHE B 535 -17.02 9.36 3.02
CA PHE B 535 -17.57 10.61 2.51
C PHE B 535 -16.47 11.54 2.04
N LEU B 536 -15.41 11.69 2.85
CA LEU B 536 -14.28 12.52 2.46
C LEU B 536 -13.71 12.06 1.13
N MET B 537 -13.51 10.75 0.99
CA MET B 537 -12.96 10.21 -0.25
C MET B 537 -13.93 10.40 -1.40
N ALA B 538 -15.23 10.30 -1.15
CA ALA B 538 -16.20 10.50 -2.21
C ALA B 538 -16.12 11.92 -2.76
N VAL B 539 -15.96 12.90 -1.86
CA VAL B 539 -15.83 14.29 -2.30
C VAL B 539 -14.57 14.45 -3.13
N GLY B 540 -13.47 13.83 -2.69
CA GLY B 540 -12.24 13.91 -3.46
C GLY B 540 -12.38 13.35 -4.86
N ASP B 541 -13.09 12.23 -5.01
CA ASP B 541 -13.32 11.67 -6.33
C ASP B 541 -14.15 12.61 -7.19
N LEU B 542 -15.19 13.20 -6.60
CA LEU B 542 -16.05 14.11 -7.32
C LEU B 542 -15.25 15.32 -7.82
N LEU B 543 -14.40 15.88 -6.96
CA LEU B 543 -13.57 17.01 -7.38
C LEU B 543 -12.61 16.59 -8.48
N SER B 544 -11.97 15.43 -8.32
CA SER B 544 -11.06 14.94 -9.36
C SER B 544 -11.77 14.87 -10.70
N GLY B 545 -12.92 14.22 -10.73
CA GLY B 545 -13.65 14.07 -11.99
C GLY B 545 -14.10 15.39 -12.55
N TRP B 546 -14.51 16.30 -11.68
CA TRP B 546 -14.93 17.63 -12.14
C TRP B 546 -13.74 18.41 -12.71
N LEU B 547 -12.62 18.43 -11.99
CA LEU B 547 -11.48 19.21 -12.45
C LEU B 547 -10.83 18.58 -13.67
N LEU B 548 -10.81 17.25 -13.77
CA LEU B 548 -10.36 16.61 -15.00
C LEU B 548 -11.27 16.98 -16.16
N ALA B 549 -12.59 16.96 -15.94
CA ALA B 549 -13.54 17.32 -17.01
C ALA B 549 -13.31 18.76 -17.47
N ARG B 550 -13.13 19.68 -16.54
CA ARG B 550 -12.78 21.04 -16.92
C ARG B 550 -11.54 21.06 -17.80
N GLN B 551 -10.54 20.24 -17.44
CA GLN B 551 -9.30 20.22 -18.21
C GLN B 551 -9.53 19.68 -19.61
N ALA B 552 -10.39 18.67 -19.74
CA ALA B 552 -10.72 18.14 -21.05
C ALA B 552 -11.40 19.19 -21.91
N ALA B 553 -12.28 19.99 -21.31
CA ALA B 553 -12.96 21.05 -22.02
C ALA B 553 -11.97 22.05 -22.61
N VAL B 554 -11.00 22.48 -21.80
CA VAL B 554 -9.96 23.37 -22.30
C VAL B 554 -9.14 22.68 -23.39
N ALA B 555 -8.83 21.40 -23.18
CA ALA B 555 -8.04 20.65 -24.16
C ALA B 555 -8.77 20.55 -25.51
N ILE B 556 -10.09 20.47 -25.50
CA ILE B 556 -10.83 20.36 -26.75
C ILE B 556 -10.84 21.70 -27.49
N GLU B 557 -11.07 22.80 -26.77
CA GLU B 557 -10.98 24.10 -27.42
C GLU B 557 -9.61 24.28 -28.09
N LYS B 558 -8.54 23.98 -27.35
CA LYS B 558 -7.19 24.15 -27.88
C LYS B 558 -6.90 23.17 -29.00
N LEU B 559 -7.42 21.94 -28.91
CA LEU B 559 -7.30 21.01 -30.02
C LEU B 559 -8.08 21.49 -31.23
N ASP B 560 -9.34 21.90 -31.01
CA ASP B 560 -10.15 22.44 -32.10
C ASP B 560 -9.48 23.63 -32.75
N ALA B 561 -8.68 24.39 -32.01
CA ALA B 561 -8.04 25.58 -32.55
C ALA B 561 -6.80 25.25 -33.39
N GLY B 562 -6.35 24.00 -33.40
CA GLY B 562 -5.26 23.59 -34.28
C GLY B 562 -3.97 23.10 -33.63
N ALA B 563 -4.03 22.73 -32.35
CA ALA B 563 -2.83 22.31 -31.64
C ALA B 563 -2.14 21.17 -32.38
N THR B 564 -0.81 21.16 -32.33
CA THR B 564 0.02 20.18 -33.03
C THR B 564 1.05 19.60 -32.08
N GLY B 565 1.76 18.57 -32.55
CA GLY B 565 2.94 18.07 -31.86
C GLY B 565 2.70 17.68 -30.43
N ALA B 566 3.65 18.01 -29.56
CA ALA B 566 3.57 17.62 -28.16
C ALA B 566 2.36 18.24 -27.47
N ASP B 567 2.00 19.48 -27.85
CA ASP B 567 0.76 20.07 -27.36
C ASP B 567 -0.44 19.18 -27.65
N LYS B 568 -0.55 18.75 -28.91
CA LYS B 568 -1.66 17.88 -29.32
C LYS B 568 -1.73 16.64 -28.42
N SER B 569 -0.59 15.99 -28.19
CA SER B 569 -0.57 14.78 -27.37
C SER B 569 -1.04 15.06 -25.96
N PHE B 570 -0.51 16.15 -25.35
CA PHE B 570 -0.93 16.56 -24.02
C PHE B 570 -2.44 16.72 -23.93
N TYR B 571 -3.02 17.49 -24.84
CA TYR B 571 -4.47 17.72 -24.81
C TYR B 571 -5.25 16.43 -25.04
N GLU B 572 -4.77 15.57 -25.94
CA GLU B 572 -5.43 14.30 -26.14
C GLU B 572 -5.45 13.48 -24.85
N GLY B 573 -4.36 13.53 -24.08
CA GLY B 573 -4.31 12.77 -22.85
C GLY B 573 -5.29 13.27 -21.81
N LYS B 574 -5.47 14.60 -21.74
CA LYS B 574 -6.45 15.17 -20.81
C LYS B 574 -7.85 14.69 -21.15
N ILE B 575 -8.19 14.65 -22.43
CA ILE B 575 -9.52 14.17 -22.84
C ILE B 575 -9.69 12.71 -22.43
N ALA B 576 -8.68 11.89 -22.71
CA ALA B 576 -8.74 10.48 -22.35
C ALA B 576 -8.86 10.30 -20.84
N ALA B 577 -8.10 11.07 -20.07
CA ALA B 577 -8.10 10.89 -18.62
C ALA B 577 -9.44 11.27 -18.00
N ALA B 578 -10.02 12.40 -18.44
CA ALA B 578 -11.30 12.80 -17.89
C ALA B 578 -12.37 11.77 -18.21
N SER B 579 -12.38 11.26 -19.46
CA SER B 579 -13.36 10.25 -19.83
C SER B 579 -13.14 8.95 -19.06
N PHE B 580 -11.87 8.54 -18.91
CA PHE B 580 -11.59 7.30 -18.19
C PHE B 580 -11.99 7.41 -16.72
N PHE B 581 -11.67 8.54 -16.09
CA PHE B 581 -12.01 8.73 -14.68
C PHE B 581 -13.52 8.76 -14.49
N ALA B 582 -14.25 9.38 -15.42
CA ALA B 582 -15.70 9.44 -15.29
C ALA B 582 -16.32 8.07 -15.41
N LYS B 583 -15.78 7.21 -16.28
CA LYS B 583 -16.39 5.93 -16.59
C LYS B 583 -15.93 4.79 -15.70
N ASN B 584 -14.82 4.97 -14.96
CA ASN B 584 -14.23 3.89 -14.19
C ASN B 584 -14.14 4.18 -12.70
N MET B 585 -14.12 5.44 -12.29
CA MET B 585 -14.01 5.82 -10.89
C MET B 585 -15.30 6.36 -10.31
N LEU B 586 -15.94 7.27 -11.02
CA LEU B 586 -17.08 7.98 -10.47
C LEU B 586 -18.28 7.10 -10.18
N PRO B 587 -18.58 6.05 -10.95
CA PRO B 587 -19.82 5.28 -10.67
C PRO B 587 -19.82 4.57 -9.32
N LEU B 588 -18.66 4.23 -8.79
CA LEU B 588 -18.63 3.52 -7.50
C LEU B 588 -19.23 4.35 -6.38
N LEU B 589 -19.25 5.69 -6.55
CA LEU B 589 -19.84 6.55 -5.54
C LEU B 589 -21.31 6.25 -5.33
N THR B 590 -21.99 5.77 -6.39
CA THR B 590 -23.39 5.36 -6.26
C THR B 590 -23.54 4.29 -5.17
N SER B 591 -22.77 3.21 -5.30
CA SER B 591 -22.76 2.16 -4.28
C SER B 591 -22.34 2.71 -2.93
N THR B 592 -21.32 3.57 -2.90
CA THR B 592 -20.89 4.14 -1.63
C THR B 592 -22.01 4.92 -0.96
N ARG B 593 -22.76 5.71 -1.73
CA ARG B 593 -23.91 6.41 -1.15
C ARG B 593 -24.89 5.41 -0.56
N GLN B 594 -25.20 4.34 -1.30
CA GLN B 594 -26.18 3.37 -0.81
C GLN B 594 -25.67 2.67 0.45
N ILE B 595 -24.36 2.48 0.58
CA ILE B 595 -23.81 1.89 1.79
C ILE B 595 -23.96 2.85 2.96
N ILE B 596 -23.72 4.14 2.72
CA ILE B 596 -23.81 5.13 3.80
C ILE B 596 -25.25 5.27 4.28
N GLU B 597 -26.22 5.25 3.34
CA GLU B 597 -27.61 5.33 3.71
C GLU B 597 -28.09 4.17 4.57
N ASN B 598 -27.32 3.09 4.65
CA ASN B 598 -27.73 1.91 5.39
C ASN B 598 -26.79 1.57 6.55
N LEU B 599 -25.90 2.47 6.93
CA LEU B 599 -25.04 2.21 8.09
C LEU B 599 -25.89 1.95 9.33
N ASP B 600 -25.41 1.05 10.18
CA ASP B 600 -26.06 0.81 11.47
C ASP B 600 -24.99 0.56 12.53
N ASN B 601 -25.42 0.52 13.77
CA ASN B 601 -24.52 0.49 14.91
C ASN B 601 -24.19 -0.93 15.39
N ASP B 602 -24.53 -1.95 14.61
CA ASP B 602 -24.13 -3.31 14.98
C ASP B 602 -22.66 -3.36 15.35
N VAL B 603 -21.80 -2.79 14.50
CA VAL B 603 -20.36 -2.87 14.75
C VAL B 603 -19.96 -2.10 15.99
N MET B 604 -20.75 -1.12 16.41
CA MET B 604 -20.48 -0.41 17.65
C MET B 604 -20.92 -1.20 18.88
N GLU B 605 -22.07 -1.86 18.80
CA GLU B 605 -22.56 -2.62 19.94
C GLU B 605 -21.84 -3.95 20.12
N LEU B 606 -21.08 -4.40 19.13
CA LEU B 606 -20.43 -5.69 19.23
C LEU B 606 -19.43 -5.68 20.38
N ASP B 607 -19.41 -6.79 21.13
CA ASP B 607 -18.49 -6.94 22.23
C ASP B 607 -17.04 -6.88 21.75
N GLU B 608 -16.24 -6.04 22.41
CA GLU B 608 -14.83 -5.93 22.04
C GLU B 608 -14.17 -7.30 21.93
N ALA B 609 -14.52 -8.22 22.86
CA ALA B 609 -13.93 -9.55 22.85
C ALA B 609 -14.25 -10.34 21.59
N ALA B 610 -15.28 -9.94 20.83
CA ALA B 610 -15.67 -10.70 19.65
C ALA B 610 -14.79 -10.40 18.44
N PHE B 611 -14.05 -9.30 18.48
CA PHE B 611 -13.04 -9.02 17.47
C PHE B 611 -11.92 -10.05 17.60
PA FAD C . 7.17 -8.35 -16.59
O1A FAD C . 6.87 -9.66 -17.20
O2A FAD C . 8.16 -7.47 -17.37
O5B FAD C . 5.84 -7.55 -16.36
C5B FAD C . 5.85 -6.15 -16.01
C4B FAD C . 4.43 -5.62 -16.04
O4B FAD C . 3.81 -5.97 -17.29
C3B FAD C . 3.52 -6.18 -14.94
O3B FAD C . 2.64 -5.16 -14.49
C2B FAD C . 2.76 -7.28 -15.67
O2B FAD C . 1.49 -7.55 -15.07
C1B FAD C . 2.61 -6.68 -17.06
N9A FAD C . 2.45 -7.67 -18.11
C8A FAD C . 3.43 -8.47 -18.65
N7A FAD C . 2.99 -9.27 -19.59
C5A FAD C . 1.63 -9.00 -19.67
C6A FAD C . 0.60 -9.51 -20.46
N6A FAD C . 0.77 -10.48 -21.38
N1A FAD C . -0.64 -9.01 -20.29
C2A FAD C . -0.82 -8.06 -19.37
N3A FAD C . 0.07 -7.49 -18.57
C4A FAD C . 1.29 -8.01 -18.77
N1 FAD C . 11.31 -16.34 -10.81
C2 FAD C . 11.65 -17.67 -10.80
O2 FAD C . 11.58 -18.36 -11.82
N3 FAD C . 12.04 -18.28 -9.62
C4 FAD C . 12.15 -17.65 -8.38
O4 FAD C . 12.51 -18.30 -7.40
C4X FAD C . 11.79 -16.25 -8.41
N5 FAD C . 11.88 -15.56 -7.28
C5X FAD C . 11.56 -14.22 -7.31
C6 FAD C . 11.65 -13.46 -6.13
C7 FAD C . 11.35 -12.11 -6.13
C7M FAD C . 11.45 -11.34 -4.84
C8 FAD C . 10.95 -11.48 -7.33
C8M FAD C . 10.60 -10.02 -7.36
C9 FAD C . 10.85 -12.22 -8.49
C9A FAD C . 11.15 -13.58 -8.49
N10 FAD C . 11.08 -14.35 -9.67
C10 FAD C . 11.39 -15.68 -9.67
C1' FAD C . 10.65 -13.75 -10.94
C2' FAD C . 9.20 -13.33 -10.92
O2' FAD C . 8.40 -14.50 -11.05
C3' FAD C . 8.93 -12.36 -12.07
O3' FAD C . 9.50 -11.10 -11.73
C4' FAD C . 7.43 -12.14 -12.31
O4' FAD C . 6.87 -13.27 -12.98
C5' FAD C . 7.16 -10.87 -13.08
O5' FAD C . 7.95 -10.88 -14.29
P FAD C . 8.81 -9.62 -14.71
O1P FAD C . 9.59 -9.08 -13.51
O2P FAD C . 9.70 -9.90 -15.87
O3P FAD C . 7.71 -8.55 -15.11
H51A FAD C . 6.37 -5.67 -16.63
H52A FAD C . 6.20 -6.04 -15.15
H4B FAD C . 4.43 -4.69 -15.97
H3B FAD C . 4.03 -6.53 -14.24
HO3A FAD C . 3.09 -4.53 -14.14
H2B FAD C . 3.27 -8.07 -15.69
HO2A FAD C . 1.36 -7.03 -14.44
H1B FAD C . 1.89 -6.08 -17.08
H8A FAD C . 4.31 -8.43 -18.38
H61A FAD C . 1.56 -10.82 -21.51
H62A FAD C . 0.09 -10.76 -21.84
H2A FAD C . -1.69 -7.74 -19.29
HN3 FAD C . 12.21 -19.12 -9.64
H6 FAD C . 11.93 -14.01 -5.44
HM71 FAD C . 10.72 -10.75 -4.76
HM72 FAD C . 12.25 -10.84 -4.84
HM73 FAD C . 11.45 -11.93 -4.11
HM81 FAD C . 9.71 -9.90 -7.62
HM82 FAD C . 11.16 -9.58 -7.98
HM83 FAD C . 10.73 -9.64 -6.51
H9 FAD C . 10.28 -11.72 -9.03
H1'1 FAD C . 10.78 -14.37 -11.63
H1'2 FAD C . 11.18 -12.98 -11.10
H2' FAD C . 9.00 -12.89 -10.12
HO2' FAD C . 8.18 -14.77 -10.30
H3' FAD C . 9.32 -12.69 -12.85
HO3' FAD C . 9.97 -10.84 -12.36
H4' FAD C . 7.01 -12.08 -11.47
HO4' FAD C . 7.08 -13.96 -12.59
H5'1 FAD C . 7.40 -10.12 -12.56
H5'2 FAD C . 6.25 -10.82 -13.31
O1 DAO D . 8.14 -16.58 -8.73
C1 DAO D . 8.52 -17.68 -8.53
C2 DAO D . 8.67 -18.25 -7.08
C3 DAO D . 8.17 -17.21 -6.03
C4 DAO D . 7.87 -17.95 -4.68
C5 DAO D . 9.18 -18.57 -4.12
C6 DAO D . 8.94 -20.10 -3.81
C7 DAO D . 9.97 -20.97 -4.60
C8 DAO D . 11.31 -21.08 -3.84
C9 DAO D . 11.51 -22.52 -3.28
C10 DAO D . 11.52 -23.57 -4.42
C11 DAO D . 10.51 -24.71 -4.10
C12 DAO D . 9.35 -24.73 -5.13
H21 DAO D . 9.61 -18.44 -6.91
H22 DAO D . 8.16 -19.07 -7.00
H31 DAO D . 8.84 -16.53 -5.90
H32 DAO D . 7.34 -16.80 -6.37
H41 DAO D . 7.53 -17.32 -4.04
H42 DAO D . 7.22 -18.66 -4.83
H51 DAO D . 9.89 -18.49 -4.78
H52 DAO D . 9.43 -18.13 -3.31
H61 DAO D . 9.06 -20.26 -2.86
H62 DAO D . 8.04 -20.36 -4.07
H71 DAO D . 10.12 -20.56 -5.47
H72 DAO D . 9.60 -21.86 -4.72
H81 DAO D . 11.32 -20.45 -3.10
H82 DAO D . 12.05 -20.88 -4.45
H91 DAO D . 10.78 -22.73 -2.67
H92 DAO D . 12.35 -22.56 -2.79
H101 DAO D . 11.27 -23.15 -5.26
H102 DAO D . 12.42 -23.94 -4.50
H111 DAO D . 10.97 -25.57 -4.13
H112 DAO D . 10.15 -24.57 -3.21
H121 DAO D . 9.70 -24.72 -6.03
H122 DAO D . 8.77 -23.97 -4.99
N1A COA E . -1.87 -24.51 -14.78
C2A COA E . -1.20 -25.61 -15.23
N3A COA E . -0.54 -25.55 -16.42
C4A COA E . -0.54 -24.41 -17.15
C5A COA E . -1.20 -23.34 -16.70
C6A COA E . -1.88 -23.39 -15.49
N6A COA E . -2.65 -22.37 -14.81
N7A COA E . -1.04 -22.36 -17.60
C8A COA E . -0.29 -22.83 -18.60
N9A COA E . 0.02 -24.09 -18.33
C1B COA E . 0.83 -25.00 -19.14
C2B COA E . 0.13 -25.84 -19.80
O2B COA E . 0.88 -27.15 -19.93
C3B COA E . -0.04 -25.26 -21.22
O3B COA E . -0.15 -26.23 -22.15
P3B COA E . -1.66 -26.58 -22.77
O7A COA E . -2.40 -27.47 -21.80
O8A COA E . -2.43 -25.30 -22.99
O9A COA E . -1.50 -27.31 -24.08
C4B COA E . 1.31 -24.46 -21.40
O4B COA E . 1.65 -24.08 -20.22
C5B COA E . 1.08 -23.22 -22.32
O5B COA E . -0.13 -22.57 -21.93
P1A COA E . -0.45 -21.07 -22.58
O1A COA E . -0.33 -21.12 -24.09
O2A COA E . -1.83 -20.63 -22.13
O3A COA E . 0.63 -19.97 -21.99
P2A COA E . 1.94 -19.36 -22.80
O4A COA E . 2.67 -20.41 -23.64
O5A COA E . 1.51 -18.20 -23.68
O6A COA E . 2.91 -18.81 -21.58
CBP COA E . 2.43 -18.22 -19.27
CCP COA E . 2.31 -17.85 -20.74
CDP COA E . 1.47 -19.34 -18.90
CEP COA E . 3.87 -18.66 -18.94
CAP COA E . 2.06 -16.93 -18.52
OAP COA E . 0.71 -16.67 -18.71
C9P COA E . 2.40 -17.04 -17.03
O9P COA E . 1.85 -17.83 -16.33
N8P COA E . 3.43 -16.15 -16.51
C7P COA E . 3.81 -16.21 -15.10
C6P COA E . 4.94 -17.26 -15.03
C5P COA E . 5.22 -17.66 -13.56
O5P COA E . 4.33 -17.92 -12.82
N4P COA E . 6.61 -17.71 -13.12
C3P COA E . 6.93 -18.10 -11.73
C2P COA E . 8.45 -17.84 -11.48
S1P COA E . 8.95 -18.76 -9.97
H2A COA E . -1.19 -26.38 -14.73
H61A COA E . -2.50 -22.18 -13.99
H62A COA E . -3.27 -21.94 -15.24
H8A COA E . -0.03 -22.35 -19.35
H1B COA E . 1.43 -25.53 -18.60
H2B COA E . -0.74 -25.95 -19.37
HO2A COA E . 0.38 -27.79 -19.64
H3B COA E . -0.82 -24.68 -21.29
H4B COA E . 1.98 -25.06 -21.75
H51A COA E . 1.01 -23.51 -23.24
H52A COA E . 1.83 -22.60 -22.23
HN8 COA E . 3.81 -15.58 -17.03
H71 COA E . 3.05 -16.50 -14.56
H72 COA E . 4.12 -15.35 -14.79
H61 COA E . 5.75 -16.87 -15.41
H62 COA E . 4.69 -18.05 -15.53
HN4 COA E . 7.25 -17.51 -13.66
H31 COA E . 6.40 -17.57 -11.11
H32 COA E . 6.72 -19.04 -11.60
H21 COA E . 8.60 -16.89 -11.35
H22 COA E . 8.97 -18.16 -12.24
PA FAD F . -3.33 8.17 17.73
O1A FAD F . -3.92 9.50 18.03
O2A FAD F . -3.07 7.31 18.98
O5B FAD F . -4.25 7.38 16.71
C5B FAD F . -4.40 5.95 16.79
C4B FAD F . -5.59 5.51 15.95
O4B FAD F . -6.82 5.97 16.58
C3B FAD F . -5.62 6.06 14.53
O3B FAD F . -6.13 5.10 13.62
C2B FAD F . -6.56 7.27 14.65
O2B FAD F . -7.21 7.57 13.42
C1B FAD F . -7.55 6.77 15.68
N9A FAD F . -8.20 7.83 16.45
C8A FAD F . -7.66 8.57 17.47
N7A FAD F . -8.48 9.47 17.97
C5A FAD F . -9.63 9.33 17.21
C6A FAD F . -10.87 9.98 17.24
N6A FAD F . -11.17 10.96 18.09
N1A FAD F . -11.81 9.58 16.35
C2A FAD F . -11.52 8.60 15.49
N3A FAD F . -10.39 7.91 15.38
C4A FAD F . -9.47 8.32 16.27
N1 FAD F . 3.83 15.81 15.81
C2 FAD F . 4.22 17.10 16.05
O2 FAD F . 3.61 17.82 16.85
N3 FAD F . 5.29 17.64 15.38
C4 FAD F . 6.08 16.99 14.45
O4 FAD F . 7.03 17.58 13.92
C4X FAD F . 5.67 15.62 14.20
N5 FAD F . 6.36 14.93 13.32
C5X FAD F . 6.00 13.62 13.09
C6 FAD F . 6.73 12.86 12.19
C7 FAD F . 6.41 11.54 11.92
C7M FAD F . 7.23 10.77 10.92
C8 FAD F . 5.32 10.95 12.58
C8M FAD F . 4.93 9.52 12.32
C9 FAD F . 4.57 11.70 13.49
C9A FAD F . 4.90 13.02 13.75
N10 FAD F . 4.17 13.81 14.67
C10 FAD F . 4.54 15.11 14.92
C1' FAD F . 3.04 13.24 15.41
C2' FAD F . 1.85 12.92 14.53
O2' FAD F . 1.17 14.13 14.21
C3' FAD F . 0.91 11.96 15.26
O3' FAD F . 1.44 10.65 15.16
C4' FAD F . -0.51 11.95 14.68
O4' FAD F . -1.17 13.18 14.95
C5' FAD F . -1.36 10.81 15.20
O5' FAD F . -1.20 10.71 16.62
P FAD F . -0.77 9.35 17.31
O1P FAD F . 0.52 8.78 16.70
O2P FAD F . -0.65 9.51 18.78
O3P FAD F . -1.97 8.35 16.94
H51A FAD F . -4.54 5.69 17.69
H52A FAD F . -3.62 5.53 16.47
H4B FAD F . -5.61 4.58 15.91
H3B FAD F . -4.75 6.34 14.28
HO3A FAD F . -5.51 4.78 13.17
H2B FAD F . -6.08 8.02 14.96
HO2A FAD F . -6.85 7.15 12.79
H1B FAD F . -8.20 6.25 15.26
H8A FAD F . -6.79 8.43 17.79
H61A FAD F . -10.57 11.25 18.66
H62A FAD F . -11.96 11.32 18.09
H2A FAD F . -12.20 8.38 14.91
HN3 FAD F . 5.49 18.47 15.55
H6 FAD F . 7.43 13.37 11.84
HM71 FAD F . 7.76 10.13 11.38
HM72 FAD F . 7.79 11.36 10.45
HM73 FAD F . 6.67 10.33 10.31
HM81 FAD F . 4.04 9.49 12.04
HM82 FAD F . 5.03 9.02 13.11
HM83 FAD F . 5.48 9.17 11.65
H9 FAD F . 3.77 11.24 13.54
H1'1 FAD F . 2.76 13.87 16.05
H1'2 FAD F . 3.31 12.45 15.83
H2' FAD F . 2.13 12.50 13.74
HO2' FAD F . 0.86 14.47 14.91
H3' FAD F . 0.86 12.20 16.17
HO3' FAD F . 1.59 10.34 15.91
H4' FAD F . -0.41 11.86 13.75
HO4' FAD F . -1.59 13.12 15.67
H5'1 FAD F . -1.09 10.00 14.79
H5'2 FAD F . -2.26 10.97 14.99
O1 DAO G . 2.52 16.02 12.47
C1 DAO G . 3.13 17.03 12.49
C2 DAO G . 4.33 17.30 11.51
C3 DAO G . 4.08 16.68 10.11
C4 DAO G . 4.42 17.77 9.04
C5 DAO G . 5.94 18.00 8.98
C6 DAO G . 6.24 19.53 9.16
C7 DAO G . 7.72 19.73 9.59
C8 DAO G . 8.14 21.22 9.40
C9 DAO G . 7.32 22.14 10.35
C10 DAO G . 8.26 23.10 11.14
C11 DAO G . 8.63 24.36 10.30
C12 DAO G . 7.35 25.10 9.82
H21 DAO G . 4.44 18.26 11.42
H22 DAO G . 5.13 16.91 11.90
H31 DAO G . 3.15 16.40 10.03
H32 DAO G . 4.67 15.90 9.99
H41 DAO G . 3.96 18.60 9.27
H42 DAO G . 4.09 17.48 8.17
H51 DAO G . 6.37 17.50 9.69
H52 DAO G . 6.28 17.71 8.12
H61 DAO G . 5.66 19.90 9.84
H62 DAO G . 6.09 19.99 8.32
H71 DAO G . 7.82 19.50 10.52
H72 DAO G . 8.29 19.17 9.04
H81 DAO G . 9.08 21.32 9.59
H82 DAO G . 7.97 21.49 8.48
H91 DAO G . 6.83 21.59 10.98
H92 DAO G . 6.69 22.67 9.83
H101 DAO G . 9.08 22.62 11.36
H102 DAO G . 7.82 23.38 11.95
H111 DAO G . 9.14 24.08 9.53
H112 DAO G . 9.16 24.96 10.85
H121 DAO G . 7.12 24.78 8.93
H122 DAO G . 6.62 24.92 10.43
N1A COA H . -8.34 24.79 11.34
C2A COA H . -7.98 25.85 12.11
N3A COA H . -8.19 25.84 13.46
C4A COA H . -8.78 24.77 14.04
C5A COA H . -9.15 23.71 13.28
C6A COA H . -8.92 23.73 11.92
N6A COA H . -9.23 22.73 10.92
N7A COA H . -9.70 22.80 14.09
C8A COA H . -9.67 23.28 15.34
N9A COA H . -9.11 24.50 15.31
C1B COA H . -8.87 25.40 16.45
C2B COA H . -9.78 26.26 16.66
O2B COA H . -9.16 27.50 17.29
C3B COA H . -10.72 25.66 17.71
O3B COA H . -11.27 26.62 18.49
P3B COA H . -12.79 27.19 18.18
O7A COA H . -12.75 28.13 17.00
O8A COA H . -13.73 26.04 17.88
O9A COA H . -13.30 27.93 19.40
C4B COA H . -9.71 24.81 18.57
O4B COA H . -8.79 24.41 17.76
C5B COA H . -10.44 23.58 19.21
O5B COA H . -11.51 23.18 18.35
P1A COA H . -12.04 21.61 18.48
O1A COA H . -13.01 21.50 19.65
O2A COA H . -12.71 21.20 17.19
O3A COA H . -10.72 20.65 18.74
P2A COA H . -10.38 19.74 20.10
O4A COA H . -10.20 20.59 21.33
O5A COA H . -11.46 18.71 20.33
O6A COA H . -8.97 18.95 19.71
CBP COA H . -8.02 18.34 17.54
CCP COA H . -9.09 18.06 18.62
CDP COA H . -8.36 19.59 16.77
CEP COA H . -6.65 18.50 18.19
CAP COA H . -8.02 17.11 16.62
OAP COA H . -9.20 17.03 15.88
C9P COA H . -6.83 17.18 15.68
O9P COA H . -6.80 17.98 14.80
N8P COA H . -5.74 16.21 15.89
C7P COA H . -4.57 16.19 15.05
C6P COA H . -3.63 17.34 15.51
C5P COA H . -2.51 17.53 14.46
O5P COA H . -2.74 17.78 13.32
N4P COA H . -1.12 17.40 14.91
C3P COA H . -0.02 17.60 13.95
C2P COA H . 1.32 17.65 14.77
S1P COA H . 2.65 18.33 13.71
H2A COA H . -7.58 26.59 11.72
H61A COA H . -10.00 22.33 10.93
H62A COA H . -8.65 22.53 10.31
H8A COA H . -9.98 22.84 16.11
H1B COA H . -8.07 25.94 16.31
H2B COA H . -10.23 26.43 15.82
HO2A COA H . -9.24 28.16 16.75
H3B COA H . -11.43 25.15 17.30
H4B COA H . -9.31 25.36 19.25
H51A COA H . -9.82 22.85 19.33
H52A COA H . -10.81 23.83 20.08
HN8 COA H . -5.82 15.64 16.53
H71 COA H . -4.11 15.34 15.13
H72 COA H . -4.82 16.34 14.12
H61 COA H . -4.14 18.16 15.59
H62 COA H . -3.24 17.11 16.37
HN4 COA H . -0.95 17.23 15.73
H31 COA H . -0.14 18.44 13.48
H32 COA H . 0.01 16.86 13.32
H21 COA H . 1.55 16.75 15.05
H22 COA H . 1.19 18.21 15.55
#